data_8SSD
#
_entry.id   8SSD
#
_cell.length_a   96.177
_cell.length_b   96.177
_cell.length_c   356.040
_cell.angle_alpha   90.00
_cell.angle_beta   90.00
_cell.angle_gamma   120.00
#
_symmetry.space_group_name_H-M   'P 31 2 1'
#
loop_
_entity.id
_entity.type
_entity.pdbx_description
1 polymer 'Methionine synthase'
2 water water
#
_entity_poly.entity_id   1
_entity_poly.type   'polypeptide(L)'
_entity_poly.pdbx_seq_one_letter_code
;PLLERLKRRVVEGRKQGLEADLEEALKAGHKPLDLINGPLLAGMKEVGDLFGAGKMQLPFVLQAAEVMKRAVAYLEPHME
KKGEGKGTLVLATVKGDVHDIGKNLVDIILSNNGYRVVNLGIKVPIEEILKAVEAHKPHAVGMSGLLVKSTLVMKENLEY
MRDRGYTLPVILGGAALTRSYVEELRAIYPNVYYAEDAFEGLRLMEELTGHAPPELTRKAPARPKREAPKVAPRARPVGE
APAVPRPPFFGVRVEEGLDLATIAHYVNKLALYRGQWGYSRKGLSREAWQALVEREAEPVFQRLLKEAMAEGWLEPKVLY
GFFPVAREGEELLVFSPETGEVLERFRFPRQKGGGLSLVDYFRPRFAAPLGDEADWMPKEAFRAGARDVLGVQLVTMGEA
PSRKAQALFASGAYQDYLFVHGFSVEMTEALAEYWHKRMRQMWGIAHQDATEIQKLFQQGYQGARYSFGYPACPDLADQA
KLDRLMGFHRVGVRLTENFQLEPEHATSALVVHHPEARYFSVD
;
_entity_poly.pdbx_strand_id   A,C,B
#
# COMPACT_ATOMS: atom_id res chain seq x y z
N PRO A 1 14.97 24.90 71.74
CA PRO A 1 13.70 25.61 71.48
C PRO A 1 13.42 25.77 69.99
N LEU A 2 14.34 26.44 69.26
CA LEU A 2 14.37 26.46 67.80
C LEU A 2 14.82 25.10 67.25
N LEU A 3 15.84 24.47 67.89
CA LEU A 3 16.37 23.18 67.47
C LEU A 3 15.35 22.05 67.67
N GLU A 4 14.54 22.12 68.74
CA GLU A 4 13.38 21.24 68.95
C GLU A 4 12.31 21.43 67.87
N ARG A 5 12.11 22.67 67.38
CA ARG A 5 11.15 22.99 66.32
C ARG A 5 11.57 22.39 64.99
N LEU A 6 12.87 22.51 64.63
CA LEU A 6 13.44 21.90 63.43
C LEU A 6 13.38 20.36 63.49
N LYS A 7 13.62 19.79 64.69
CA LYS A 7 13.47 18.35 64.94
C LYS A 7 12.00 17.89 64.83
N ARG A 8 11.06 18.72 65.31
CA ARG A 8 9.62 18.47 65.18
C ARG A 8 9.17 18.52 63.71
N ARG A 9 9.69 19.51 62.94
CA ARG A 9 9.36 19.72 61.53
C ARG A 9 9.64 18.50 60.64
N VAL A 10 10.71 17.74 60.92
CA VAL A 10 10.99 16.46 60.27
C VAL A 10 9.89 15.44 60.62
N VAL A 11 9.61 15.24 61.92
CA VAL A 11 8.79 14.13 62.42
C VAL A 11 7.34 14.32 61.98
N GLU A 12 6.74 15.48 62.26
CA GLU A 12 5.40 15.83 61.80
C GLU A 12 5.35 16.04 60.28
N GLY A 13 6.46 16.51 59.66
CA GLY A 13 6.58 16.66 58.23
C GLY A 13 5.93 17.94 57.73
N ARG A 14 6.35 19.08 58.32
CA ARG A 14 5.79 20.41 58.10
C ARG A 14 6.77 21.21 57.23
N LYS A 15 6.41 21.42 55.96
CA LYS A 15 7.27 22.04 54.96
C LYS A 15 7.32 23.55 55.14
N GLN A 16 6.14 24.19 55.27
CA GLN A 16 5.95 25.63 55.10
C GLN A 16 6.53 26.37 56.30
N GLY A 17 7.45 27.33 56.04
CA GLY A 17 8.20 28.05 57.06
C GLY A 17 9.42 27.31 57.61
N LEU A 18 10.00 26.34 56.86
CA LEU A 18 11.24 25.66 57.25
C LEU A 18 12.43 26.59 57.02
N GLU A 19 12.49 27.23 55.84
CA GLU A 19 13.58 28.10 55.42
C GLU A 19 13.73 29.34 56.31
N ALA A 20 12.62 29.88 56.82
CA ALA A 20 12.63 30.95 57.83
C ALA A 20 13.30 30.53 59.14
N ASP A 21 13.03 29.31 59.62
CA ASP A 21 13.56 28.78 60.87
C ASP A 21 15.04 28.44 60.76
N LEU A 22 15.48 27.85 59.63
CA LEU A 22 16.88 27.55 59.36
C LEU A 22 17.72 28.83 59.23
N GLU A 23 17.19 29.90 58.61
CA GLU A 23 17.83 31.21 58.53
C GLU A 23 18.06 31.82 59.92
N GLU A 24 17.07 31.68 60.82
CA GLU A 24 17.16 32.16 62.20
C GLU A 24 18.19 31.38 63.03
N ALA A 25 18.37 30.06 62.76
CA ALA A 25 19.31 29.20 63.47
C ALA A 25 20.77 29.56 63.24
N LEU A 26 21.13 29.85 61.97
CA LEU A 26 22.52 30.12 61.59
C LEU A 26 23.04 31.45 62.16
N LYS A 27 22.19 32.50 62.21
CA LYS A 27 22.53 33.79 62.82
C LYS A 27 22.48 33.79 64.35
N ALA A 28 21.96 32.71 64.99
CA ALA A 28 21.99 32.50 66.44
C ALA A 28 23.04 31.47 66.88
N GLY A 29 24.20 31.37 66.17
CA GLY A 29 25.40 30.69 66.65
C GLY A 29 25.65 29.26 66.10
N HIS A 30 24.63 28.60 65.53
CA HIS A 30 24.69 27.21 65.11
C HIS A 30 25.29 27.12 63.70
N LYS A 31 26.13 26.09 63.44
CA LYS A 31 26.72 25.84 62.13
C LYS A 31 25.77 24.99 61.26
N PRO A 32 25.73 25.14 59.90
CA PRO A 32 24.93 24.28 59.01
C PRO A 32 25.12 22.75 59.11
N LEU A 33 26.36 22.31 59.38
CA LEU A 33 26.69 20.90 59.59
C LEU A 33 26.06 20.35 60.88
N ASP A 34 26.10 21.14 61.97
CA ASP A 34 25.60 20.74 63.29
C ASP A 34 24.07 20.67 63.32
N LEU A 35 23.36 21.51 62.52
CA LEU A 35 21.92 21.41 62.33
C LEU A 35 21.53 20.09 61.66
N ILE A 36 22.29 19.66 60.62
CA ILE A 36 22.03 18.43 59.88
C ILE A 36 22.33 17.22 60.77
N ASN A 37 23.54 17.18 61.36
CA ASN A 37 23.95 16.09 62.24
C ASN A 37 23.16 16.05 63.57
N GLY A 38 22.77 17.22 64.12
CA GLY A 38 22.00 17.32 65.35
C GLY A 38 20.50 17.12 65.12
N PRO A 39 19.65 18.19 65.19
CA PRO A 39 18.18 18.04 65.22
C PRO A 39 17.46 17.45 64.01
N LEU A 40 17.96 17.70 62.78
CA LEU A 40 17.34 17.22 61.55
C LEU A 40 17.48 15.69 61.42
N LEU A 41 18.68 15.14 61.70
CA LEU A 41 18.92 13.70 61.72
C LEU A 41 18.22 13.01 62.89
N ALA A 42 18.21 13.65 64.08
CA ALA A 42 17.52 13.16 65.28
C ALA A 42 16.03 12.93 65.05
N GLY A 43 15.38 13.81 64.28
CA GLY A 43 14.01 13.62 63.81
C GLY A 43 13.86 12.42 62.87
N MET A 44 14.76 12.32 61.87
CA MET A 44 14.78 11.21 60.92
C MET A 44 15.01 9.85 61.60
N LYS A 45 15.81 9.81 62.69
CA LYS A 45 16.01 8.61 63.51
C LYS A 45 14.70 8.19 64.20
N GLU A 46 14.00 9.16 64.83
CA GLU A 46 12.74 8.89 65.52
C GLU A 46 11.58 8.55 64.56
N VAL A 47 11.62 9.04 63.30
CA VAL A 47 10.70 8.61 62.24
C VAL A 47 10.83 7.10 62.00
N GLY A 48 12.08 6.61 61.85
CA GLY A 48 12.38 5.19 61.69
C GLY A 48 12.00 4.31 62.89
N ASP A 49 12.16 4.84 64.11
CA ASP A 49 11.79 4.15 65.36
C ASP A 49 10.27 4.00 65.48
N LEU A 50 9.51 5.07 65.16
CA LEU A 50 8.04 5.04 65.09
C LEU A 50 7.52 4.06 64.03
N PHE A 51 8.22 3.92 62.87
CA PHE A 51 7.90 2.91 61.86
C PHE A 51 8.18 1.49 62.39
N GLY A 52 9.28 1.30 63.15
CA GLY A 52 9.59 0.05 63.84
C GLY A 52 8.54 -0.37 64.87
N ALA A 53 8.02 0.60 65.65
CA ALA A 53 6.91 0.39 66.57
C ALA A 53 5.58 0.04 65.88
N GLY A 54 5.37 0.52 64.64
CA GLY A 54 4.11 0.43 63.92
C GLY A 54 3.16 1.60 64.23
N LYS A 55 3.72 2.78 64.55
CA LYS A 55 2.98 3.97 64.93
C LYS A 55 2.85 4.99 63.79
N MET A 56 3.63 4.86 62.70
CA MET A 56 3.71 5.82 61.60
C MET A 56 3.65 5.08 60.26
N GLN A 57 2.84 5.59 59.31
CA GLN A 57 2.66 5.00 57.99
C GLN A 57 3.79 5.43 57.06
N LEU A 58 3.97 4.70 55.96
CA LEU A 58 5.08 4.88 55.01
C LEU A 58 4.99 6.22 54.26
N PRO A 59 3.82 6.73 53.80
CA PRO A 59 3.75 8.05 53.16
C PRO A 59 4.26 9.22 54.02
N PHE A 60 4.02 9.17 55.34
CA PHE A 60 4.49 10.17 56.30
C PHE A 60 6.00 10.08 56.56
N VAL A 61 6.61 8.88 56.44
CA VAL A 61 8.06 8.70 56.45
C VAL A 61 8.71 9.44 55.28
N LEU A 62 8.16 9.30 54.06
CA LEU A 62 8.64 9.98 52.87
C LEU A 62 8.39 11.50 52.93
N GLN A 63 7.27 11.93 53.55
CA GLN A 63 7.03 13.34 53.85
C GLN A 63 8.07 13.89 54.84
N ALA A 64 8.48 13.09 55.84
CA ALA A 64 9.58 13.42 56.74
C ALA A 64 10.94 13.48 56.02
N ALA A 65 11.18 12.53 55.09
CA ALA A 65 12.38 12.52 54.24
C ALA A 65 12.49 13.77 53.35
N GLU A 66 11.34 14.26 52.82
CA GLU A 66 11.29 15.48 52.01
C GLU A 66 11.73 16.74 52.77
N VAL A 67 11.41 16.85 54.08
CA VAL A 67 11.79 17.97 54.93
C VAL A 67 13.31 18.02 55.09
N MET A 68 13.95 16.85 55.30
CA MET A 68 15.41 16.71 55.35
C MET A 68 16.04 17.11 54.00
N LYS A 69 15.46 16.66 52.87
CA LYS A 69 15.93 16.95 51.52
C LYS A 69 15.96 18.46 51.24
N ARG A 70 14.84 19.17 51.57
CA ARG A 70 14.72 20.61 51.42
C ARG A 70 15.65 21.36 52.39
N ALA A 71 15.78 20.89 53.65
CA ALA A 71 16.64 21.47 54.66
C ALA A 71 18.11 21.47 54.25
N VAL A 72 18.61 20.36 53.69
CA VAL A 72 19.98 20.25 53.18
C VAL A 72 20.18 21.15 51.94
N ALA A 73 19.18 21.19 51.02
CA ALA A 73 19.23 22.00 49.80
C ALA A 73 19.37 23.51 50.09
N TYR A 74 18.60 24.03 51.07
CA TYR A 74 18.70 25.41 51.52
C TYR A 74 20.01 25.69 52.27
N LEU A 75 20.58 24.69 52.99
CA LEU A 75 21.86 24.80 53.69
C LEU A 75 23.08 24.56 52.78
N GLU A 76 22.93 24.24 51.48
CA GLU A 76 24.07 23.99 50.59
C GLU A 76 24.86 25.27 50.28
N PRO A 77 24.24 26.44 49.93
CA PRO A 77 24.98 27.70 49.77
C PRO A 77 25.73 28.26 50.99
N HIS A 78 25.20 28.02 52.20
CA HIS A 78 25.64 28.65 53.44
C HIS A 78 26.86 27.97 54.10
N MET A 79 27.24 26.75 53.69
CA MET A 79 28.05 25.83 54.51
C MET A 79 29.55 26.17 54.46
N GLU A 80 30.06 26.61 53.30
CA GLU A 80 31.34 27.31 53.12
C GLU A 80 32.53 26.52 53.69
N GLU A 84 33.11 13.89 54.54
CA GLU A 84 31.90 13.43 53.77
C GLU A 84 30.82 12.98 54.76
N GLY A 85 29.83 12.18 54.31
CA GLY A 85 28.80 11.60 55.15
C GLY A 85 29.28 10.39 55.96
N LYS A 86 28.31 9.60 56.47
CA LYS A 86 28.60 8.43 57.30
C LYS A 86 29.19 7.26 56.52
N GLY A 87 28.83 7.11 55.23
CA GLY A 87 29.41 6.10 54.36
C GLY A 87 28.74 6.05 52.99
N THR A 88 29.42 5.36 52.04
CA THR A 88 29.02 5.29 50.63
C THR A 88 28.46 3.90 50.34
N LEU A 89 27.31 3.84 49.62
CA LEU A 89 26.64 2.61 49.18
C LEU A 89 26.48 2.68 47.67
N VAL A 90 26.97 1.64 46.94
CA VAL A 90 26.63 1.41 45.54
C VAL A 90 25.37 0.55 45.52
N LEU A 91 24.38 0.95 44.71
CA LEU A 91 23.02 0.41 44.75
C LEU A 91 22.52 0.18 43.33
N ALA A 92 22.02 -1.04 43.06
CA ALA A 92 21.62 -1.48 41.72
C ALA A 92 20.54 -2.55 41.77
N THR A 93 19.60 -2.51 40.82
CA THR A 93 18.75 -3.63 40.46
C THR A 93 19.54 -4.47 39.46
N VAL A 94 19.47 -5.80 39.60
CA VAL A 94 20.31 -6.74 38.87
C VAL A 94 19.86 -6.85 37.40
N LYS A 95 20.75 -7.43 36.57
CA LYS A 95 20.57 -7.66 35.14
C LYS A 95 19.25 -8.40 34.87
N GLY A 96 18.49 -7.92 33.88
CA GLY A 96 17.21 -8.50 33.50
C GLY A 96 15.98 -8.05 34.29
N ASP A 97 16.15 -7.21 35.34
CA ASP A 97 15.10 -6.89 36.30
C ASP A 97 14.75 -5.40 36.16
N VAL A 98 13.43 -5.10 36.15
CA VAL A 98 12.88 -3.78 35.83
C VAL A 98 12.36 -3.02 37.06
N HIS A 99 12.28 -3.66 38.25
CA HIS A 99 11.56 -3.14 39.42
C HIS A 99 12.56 -2.38 40.28
N ASP A 100 12.29 -1.08 40.54
CA ASP A 100 13.16 -0.19 41.30
C ASP A 100 12.49 0.44 42.52
N ILE A 101 11.22 0.13 42.86
CA ILE A 101 10.50 0.76 43.98
C ILE A 101 11.18 0.42 45.32
N GLY A 102 11.51 -0.87 45.54
CA GLY A 102 12.18 -1.32 46.76
C GLY A 102 13.56 -0.67 46.95
N LYS A 103 14.37 -0.71 45.89
CA LYS A 103 15.67 -0.05 45.78
C LYS A 103 15.61 1.45 46.05
N ASN A 104 14.70 2.15 45.37
CA ASN A 104 14.58 3.61 45.44
C ASN A 104 14.08 4.07 46.82
N LEU A 105 13.28 3.25 47.53
CA LEU A 105 12.97 3.45 48.95
C LEU A 105 14.21 3.31 49.84
N VAL A 106 15.11 2.34 49.55
CA VAL A 106 16.40 2.22 50.23
C VAL A 106 17.25 3.48 49.96
N ASP A 107 17.23 4.03 48.73
CA ASP A 107 17.94 5.25 48.38
C ASP A 107 17.45 6.45 49.22
N ILE A 108 16.12 6.60 49.39
CA ILE A 108 15.53 7.74 50.11
C ILE A 108 15.89 7.71 51.60
N ILE A 109 15.77 6.54 52.27
CA ILE A 109 15.99 6.40 53.70
C ILE A 109 17.48 6.56 54.04
N LEU A 110 18.39 5.94 53.26
CA LEU A 110 19.84 6.00 53.52
C LEU A 110 20.40 7.38 53.21
N SER A 111 19.97 8.03 52.11
CA SER A 111 20.40 9.38 51.76
C SER A 111 20.01 10.42 52.81
N ASN A 112 18.78 10.34 53.34
CA ASN A 112 18.26 11.24 54.37
C ASN A 112 18.60 10.75 55.79
N ASN A 113 19.32 9.63 55.97
CA ASN A 113 20.04 9.30 57.19
C ASN A 113 21.55 9.58 57.08
N GLY A 114 22.02 10.32 56.05
CA GLY A 114 23.38 10.85 55.97
C GLY A 114 24.33 10.15 54.99
N TYR A 115 24.01 8.92 54.56
CA TYR A 115 24.89 8.10 53.72
C TYR A 115 24.86 8.57 52.27
N ARG A 116 26.00 8.50 51.58
CA ARG A 116 26.07 8.68 50.12
C ARG A 116 25.52 7.40 49.46
N VAL A 117 24.60 7.55 48.50
CA VAL A 117 23.99 6.45 47.76
C VAL A 117 24.24 6.72 46.27
N VAL A 118 24.98 5.81 45.60
CA VAL A 118 25.18 5.80 44.17
C VAL A 118 24.16 4.81 43.60
N ASN A 119 23.06 5.34 43.03
CA ASN A 119 21.99 4.55 42.41
C ASN A 119 22.32 4.36 40.93
N LEU A 120 22.70 3.13 40.55
CA LEU A 120 23.06 2.80 39.17
C LEU A 120 21.86 2.53 38.27
N GLY A 121 20.66 2.25 38.83
CA GLY A 121 19.42 2.08 38.08
C GLY A 121 19.01 0.61 37.93
N ILE A 122 18.30 0.28 36.83
CA ILE A 122 17.75 -1.04 36.55
C ILE A 122 18.62 -1.77 35.52
N LYS A 123 18.60 -3.12 35.58
CA LYS A 123 19.22 -4.00 34.59
C LYS A 123 20.75 -3.82 34.55
N VAL A 124 21.38 -3.66 35.73
CA VAL A 124 22.77 -3.26 35.84
C VAL A 124 23.60 -4.55 35.83
N PRO A 125 24.50 -4.80 34.82
CA PRO A 125 25.42 -5.94 34.88
C PRO A 125 26.48 -5.77 35.98
N ILE A 126 27.04 -6.89 36.43
CA ILE A 126 28.02 -6.94 37.52
C ILE A 126 29.30 -6.15 37.20
N GLU A 127 29.72 -6.12 35.91
CA GLU A 127 30.84 -5.33 35.43
C GLU A 127 30.62 -3.83 35.68
N GLU A 128 29.40 -3.35 35.39
CA GLU A 128 28.99 -1.96 35.64
C GLU A 128 28.93 -1.66 37.14
N ILE A 129 28.43 -2.60 37.97
CA ILE A 129 28.39 -2.48 39.43
C ILE A 129 29.80 -2.29 40.01
N LEU A 130 30.75 -3.17 39.61
CA LEU A 130 32.09 -3.18 40.18
C LEU A 130 32.97 -2.03 39.66
N LYS A 131 32.68 -1.48 38.47
CA LYS A 131 33.26 -0.22 38.02
C LYS A 131 32.91 0.94 38.96
N ALA A 132 31.65 0.98 39.45
CA ALA A 132 31.22 1.95 40.45
C ALA A 132 31.86 1.71 41.83
N VAL A 133 32.13 0.44 42.19
CA VAL A 133 32.85 0.09 43.42
C VAL A 133 34.26 0.70 43.42
N GLU A 134 35.00 0.55 42.31
CA GLU A 134 36.36 1.10 42.18
C GLU A 134 36.38 2.63 42.08
N ALA A 135 35.36 3.25 41.47
CA ALA A 135 35.24 4.71 41.36
C ALA A 135 35.01 5.37 42.72
N HIS A 136 34.03 4.87 43.49
CA HIS A 136 33.56 5.48 44.73
C HIS A 136 34.20 4.90 46.00
N LYS A 137 34.62 3.62 45.98
CA LYS A 137 35.21 2.89 47.11
C LYS A 137 34.22 2.80 48.27
N PRO A 138 33.02 2.18 48.08
CA PRO A 138 31.96 2.16 49.11
C PRO A 138 32.21 1.18 50.25
N HIS A 139 31.44 1.37 51.34
CA HIS A 139 31.41 0.47 52.48
C HIS A 139 30.57 -0.78 52.22
N ALA A 140 29.60 -0.72 51.27
CA ALA A 140 28.90 -1.92 50.82
C ALA A 140 28.31 -1.75 49.42
N VAL A 141 27.93 -2.88 48.81
CA VAL A 141 27.14 -2.95 47.59
C VAL A 141 25.73 -3.42 47.97
N GLY A 142 24.71 -2.88 47.27
CA GLY A 142 23.31 -3.22 47.46
C GLY A 142 22.72 -3.73 46.14
N MET A 143 22.17 -4.96 46.13
CA MET A 143 21.64 -5.59 44.94
C MET A 143 20.17 -5.93 45.16
N SER A 144 19.28 -5.60 44.20
CA SER A 144 17.84 -5.81 44.29
C SER A 144 17.30 -6.60 43.09
N GLY A 145 16.20 -7.33 43.32
CA GLY A 145 15.57 -8.15 42.29
C GLY A 145 14.32 -8.86 42.83
N LEU A 146 13.27 -8.96 42.00
CA LEU A 146 11.94 -9.34 42.46
C LEU A 146 11.79 -10.86 42.56
N LEU A 147 12.00 -11.59 41.44
CA LEU A 147 11.56 -12.97 41.26
C LEU A 147 12.76 -13.92 41.20
N VAL A 148 12.49 -15.24 41.10
CA VAL A 148 13.48 -16.32 41.26
C VAL A 148 14.64 -16.18 40.27
N LYS A 149 14.36 -15.84 39.00
CA LYS A 149 15.41 -15.66 37.99
C LYS A 149 16.38 -14.54 38.39
N SER A 150 15.87 -13.44 38.97
CA SER A 150 16.70 -12.37 39.51
C SER A 150 17.57 -12.81 40.69
N THR A 151 17.08 -13.72 41.56
CA THR A 151 17.87 -14.29 42.65
C THR A 151 19.04 -15.13 42.15
N LEU A 152 18.87 -15.83 41.01
CA LEU A 152 19.95 -16.59 40.39
C LEU A 152 20.98 -15.68 39.72
N VAL A 153 20.59 -14.49 39.23
CA VAL A 153 21.54 -13.46 38.82
C VAL A 153 22.36 -12.98 40.02
N MET A 154 21.72 -12.76 41.19
CA MET A 154 22.40 -12.35 42.42
C MET A 154 23.45 -13.38 42.83
N LYS A 155 23.10 -14.68 42.81
CA LYS A 155 24.03 -15.80 42.98
C LYS A 155 25.24 -15.70 42.04
N GLU A 156 24.98 -15.50 40.74
CA GLU A 156 26.02 -15.45 39.72
C GLU A 156 26.95 -14.25 39.92
N ASN A 157 26.38 -13.09 40.30
CA ASN A 157 27.13 -11.90 40.69
C ASN A 157 28.07 -12.15 41.87
N LEU A 158 27.63 -12.92 42.88
CA LEU A 158 28.46 -13.29 44.02
C LEU A 158 29.59 -14.24 43.60
N GLU A 159 29.30 -15.23 42.73
CA GLU A 159 30.29 -16.13 42.15
C GLU A 159 31.39 -15.34 41.43
N TYR A 160 30.99 -14.42 40.53
CA TYR A 160 31.86 -13.47 39.83
C TYR A 160 32.68 -12.62 40.81
N MET A 161 32.05 -12.11 41.88
CA MET A 161 32.70 -11.24 42.86
C MET A 161 33.78 -11.99 43.66
N ARG A 162 33.46 -13.18 44.20
CA ARG A 162 34.41 -14.07 44.88
C ARG A 162 35.60 -14.43 43.98
N ASP A 163 35.31 -14.75 42.71
CA ASP A 163 36.32 -15.12 41.71
C ASP A 163 37.26 -13.96 41.40
N ARG A 164 36.72 -12.74 41.21
CA ARG A 164 37.51 -11.53 40.94
C ARG A 164 38.26 -11.02 42.19
N GLY A 165 37.90 -11.50 43.41
CA GLY A 165 38.64 -11.30 44.64
C GLY A 165 38.09 -10.19 45.56
N TYR A 166 36.82 -9.78 45.39
CA TYR A 166 36.16 -8.81 46.26
C TYR A 166 35.79 -9.48 47.58
N THR A 167 35.87 -8.71 48.68
CA THR A 167 35.41 -9.12 50.00
C THR A 167 34.51 -8.07 50.68
N LEU A 168 34.06 -7.03 49.97
CA LEU A 168 33.26 -5.95 50.54
C LEU A 168 31.87 -6.47 50.90
N PRO A 169 31.18 -5.97 51.96
CA PRO A 169 29.79 -6.38 52.27
C PRO A 169 28.81 -6.20 51.10
N VAL A 170 27.96 -7.21 50.88
CA VAL A 170 26.93 -7.21 49.85
C VAL A 170 25.60 -7.34 50.58
N ILE A 171 24.66 -6.40 50.37
CA ILE A 171 23.30 -6.48 50.90
C ILE A 171 22.38 -6.91 49.75
N LEU A 172 21.62 -8.01 49.95
CA LEU A 172 20.61 -8.48 49.01
C LEU A 172 19.22 -8.19 49.57
N GLY A 173 18.32 -7.68 48.72
CA GLY A 173 16.90 -7.54 49.00
C GLY A 173 16.07 -8.05 47.83
N GLY A 174 14.86 -8.55 48.11
CA GLY A 174 14.03 -9.19 47.08
C GLY A 174 12.84 -9.92 47.67
N ALA A 175 11.76 -10.04 46.88
CA ALA A 175 10.52 -10.69 47.31
C ALA A 175 10.71 -12.20 47.40
N ALA A 176 11.19 -12.82 46.30
CA ALA A 176 11.46 -14.26 46.23
C ALA A 176 12.59 -14.69 47.18
N LEU A 177 13.56 -13.79 47.44
CA LEU A 177 14.69 -14.02 48.35
C LEU A 177 14.20 -14.12 49.80
N THR A 178 14.66 -15.15 50.53
CA THR A 178 14.42 -15.36 51.95
C THR A 178 15.73 -15.26 52.74
N ARG A 179 15.61 -15.17 54.07
CA ARG A 179 16.72 -15.06 55.00
C ARG A 179 17.62 -16.30 54.97
N SER A 180 17.01 -17.50 54.97
CA SER A 180 17.74 -18.78 54.96
C SER A 180 18.51 -19.01 53.65
N TYR A 181 17.98 -18.56 52.50
CA TYR A 181 18.68 -18.67 51.23
C TYR A 181 19.97 -17.84 51.18
N VAL A 182 19.96 -16.63 51.76
CA VAL A 182 21.14 -15.76 51.85
C VAL A 182 22.23 -16.39 52.74
N GLU A 183 21.83 -17.09 53.83
CA GLU A 183 22.75 -17.86 54.67
C GLU A 183 23.44 -18.99 53.89
N GLU A 184 22.73 -19.64 52.95
CA GLU A 184 23.31 -20.63 52.05
C GLU A 184 24.27 -20.02 51.01
N LEU A 185 24.00 -18.79 50.51
CA LEU A 185 24.90 -18.07 49.62
C LEU A 185 26.25 -17.71 50.25
N ARG A 186 26.37 -17.72 51.60
CA ARG A 186 27.65 -17.55 52.30
C ARG A 186 28.64 -18.69 52.07
N ALA A 187 28.21 -19.84 51.52
CA ALA A 187 29.09 -20.82 50.88
C ALA A 187 29.88 -20.21 49.70
N ILE A 188 29.25 -19.32 48.91
CA ILE A 188 29.85 -18.64 47.76
C ILE A 188 30.58 -17.39 48.26
N TYR A 189 29.86 -16.47 48.92
CA TYR A 189 30.36 -15.16 49.30
C TYR A 189 30.06 -14.91 50.78
N PRO A 190 31.02 -15.10 51.73
CA PRO A 190 30.77 -14.94 53.17
C PRO A 190 30.15 -13.65 53.68
N ASN A 191 30.56 -12.49 53.11
CA ASN A 191 30.12 -11.17 53.53
C ASN A 191 28.87 -10.76 52.73
N VAL A 192 27.79 -11.55 52.84
CA VAL A 192 26.50 -11.27 52.21
C VAL A 192 25.42 -11.26 53.30
N TYR A 193 24.49 -10.29 53.21
CA TYR A 193 23.52 -9.98 54.25
C TYR A 193 22.14 -9.80 53.59
N TYR A 194 21.07 -10.25 54.27
CA TYR A 194 19.71 -10.07 53.83
C TYR A 194 19.13 -8.80 54.46
N ALA A 195 18.37 -8.02 53.65
CA ALA A 195 17.60 -6.87 54.11
C ALA A 195 16.14 -7.06 53.68
N GLU A 196 15.23 -7.25 54.67
CA GLU A 196 13.80 -7.38 54.42
C GLU A 196 13.19 -6.07 53.89
N ASP A 197 13.60 -4.91 54.48
CA ASP A 197 13.11 -3.59 54.10
C ASP A 197 14.26 -2.57 54.15
N ALA A 198 13.97 -1.29 53.84
CA ALA A 198 14.92 -0.19 53.89
C ALA A 198 15.55 0.03 55.27
N PHE A 199 14.77 -0.14 56.35
CA PHE A 199 15.23 0.09 57.71
C PHE A 199 16.20 -0.99 58.19
N GLU A 200 16.07 -2.25 57.72
CA GLU A 200 17.10 -3.26 57.92
C GLU A 200 18.38 -2.89 57.16
N GLY A 201 18.25 -2.39 55.92
CA GLY A 201 19.34 -1.83 55.15
C GLY A 201 20.08 -0.69 55.86
N LEU A 202 19.34 0.17 56.58
CA LEU A 202 19.90 1.24 57.42
C LEU A 202 20.69 0.66 58.60
N ARG A 203 20.11 -0.35 59.30
CA ARG A 203 20.77 -1.02 60.44
C ARG A 203 22.09 -1.67 60.02
N LEU A 204 22.07 -2.44 58.89
CA LEU A 204 23.26 -3.08 58.33
C LEU A 204 24.36 -2.06 58.05
N MET A 205 24.01 -0.95 57.37
CA MET A 205 24.97 0.09 57.00
C MET A 205 25.56 0.78 58.23
N GLU A 206 24.73 1.09 59.25
CA GLU A 206 25.18 1.61 60.55
C GLU A 206 26.15 0.65 61.25
N GLU A 207 25.84 -0.66 61.25
CA GLU A 207 26.72 -1.70 61.80
C GLU A 207 28.02 -1.83 61.01
N LEU A 208 27.96 -1.79 59.66
CA LEU A 208 29.13 -1.95 58.80
C LEU A 208 30.07 -0.74 58.85
N THR A 209 29.52 0.49 58.85
CA THR A 209 30.32 1.72 58.88
C THR A 209 30.89 2.05 60.26
N GLY A 210 30.36 1.45 61.35
CA GLY A 210 30.78 1.72 62.72
C GLY A 210 30.03 2.88 63.38
N HIS A 211 28.68 2.83 63.34
CA HIS A 211 27.79 3.67 64.14
C HIS A 211 26.79 2.86 64.98
N ALA A 212 26.96 1.53 65.12
CA ALA A 212 26.09 0.68 65.93
C ALA A 212 26.75 -0.68 66.18
N PRO A 213 26.41 -1.42 67.28
CA PRO A 213 27.08 -2.70 67.59
C PRO A 213 26.65 -3.89 66.73
N PRO A 214 27.54 -4.88 66.40
CA PRO A 214 27.21 -5.94 65.44
C PRO A 214 26.27 -7.05 65.96
N GLU A 215 24.98 -6.96 65.60
CA GLU A 215 23.95 -7.96 65.89
C GLU A 215 23.44 -8.62 64.60
N LEU A 216 23.06 -7.82 63.60
CA LEU A 216 22.60 -8.30 62.31
C LEU A 216 23.76 -8.79 61.45
N THR A 217 24.94 -8.11 61.52
CA THR A 217 26.14 -8.47 60.76
C THR A 217 27.03 -9.44 61.55
N ARG A 218 26.44 -10.40 62.30
CA ARG A 218 27.12 -11.17 63.32
C ARG A 218 27.69 -12.43 62.67
N PRO A 233 -6.34 -35.05 51.40
CA PRO A 233 -7.49 -35.10 50.49
C PRO A 233 -7.00 -35.29 49.04
N ARG A 234 -7.92 -35.10 48.08
CA ARG A 234 -7.60 -35.08 46.66
C ARG A 234 -8.70 -34.34 45.91
N ALA A 235 -8.33 -33.63 44.83
CA ALA A 235 -9.24 -32.74 44.11
C ALA A 235 -10.36 -33.50 43.40
N ARG A 236 -11.52 -32.84 43.28
CA ARG A 236 -12.69 -33.40 42.60
C ARG A 236 -12.42 -33.42 41.10
N PRO A 237 -12.91 -34.43 40.32
CA PRO A 237 -12.53 -34.57 38.90
C PRO A 237 -13.06 -33.43 38.04
N VAL A 238 -12.21 -32.95 37.10
CA VAL A 238 -12.58 -31.89 36.16
C VAL A 238 -13.33 -32.57 35.01
N GLY A 239 -14.64 -32.35 34.92
CA GLY A 239 -15.45 -32.87 33.83
C GLY A 239 -15.32 -32.02 32.57
N GLU A 240 -16.07 -32.43 31.53
CA GLU A 240 -16.25 -31.65 30.32
C GLU A 240 -17.02 -30.37 30.61
N ALA A 241 -16.62 -29.27 29.94
CA ALA A 241 -17.39 -28.02 29.94
C ALA A 241 -18.71 -28.23 29.20
N PRO A 242 -19.80 -27.48 29.52
CA PRO A 242 -21.09 -27.66 28.84
C PRO A 242 -21.06 -27.38 27.33
N ALA A 243 -20.24 -26.38 26.93
CA ALA A 243 -19.79 -26.21 25.55
C ALA A 243 -18.39 -25.63 25.55
N VAL A 244 -17.76 -25.63 24.36
CA VAL A 244 -16.65 -24.75 24.01
C VAL A 244 -17.28 -23.47 23.44
N PRO A 245 -17.16 -22.27 24.05
CA PRO A 245 -17.76 -21.05 23.50
C PRO A 245 -17.02 -20.55 22.25
N ARG A 246 -17.75 -19.95 21.29
CA ARG A 246 -17.18 -19.43 20.06
C ARG A 246 -16.58 -18.05 20.34
N PRO A 247 -15.30 -17.74 19.96
CA PRO A 247 -14.77 -16.39 20.09
C PRO A 247 -15.26 -15.50 18.94
N PRO A 248 -15.16 -14.16 19.04
CA PRO A 248 -15.47 -13.28 17.89
C PRO A 248 -14.53 -13.48 16.70
N PHE A 249 -13.24 -13.76 16.97
CA PHE A 249 -12.24 -14.03 15.95
C PHE A 249 -11.17 -14.98 16.50
N PHE A 250 -10.33 -15.48 15.58
CA PHE A 250 -9.09 -16.17 15.90
C PHE A 250 -7.92 -15.35 15.39
N GLY A 251 -6.83 -15.29 16.17
CA GLY A 251 -5.70 -14.40 15.98
C GLY A 251 -5.53 -13.46 17.18
N VAL A 252 -4.75 -12.39 16.99
CA VAL A 252 -4.47 -11.38 18.02
C VAL A 252 -4.71 -9.98 17.44
N ARG A 253 -5.32 -9.11 18.25
CA ARG A 253 -5.75 -7.75 17.87
C ARG A 253 -5.33 -6.74 18.94
N VAL A 254 -5.38 -5.45 18.55
CA VAL A 254 -4.96 -4.30 19.37
C VAL A 254 -6.18 -3.43 19.68
N GLU A 255 -6.28 -2.98 20.95
CA GLU A 255 -7.24 -1.95 21.39
C GLU A 255 -6.46 -0.83 22.09
N GLU A 256 -6.69 0.43 21.66
CA GLU A 256 -6.00 1.63 22.14
C GLU A 256 -6.96 2.69 22.70
N GLY A 257 -8.09 2.95 22.02
CA GLY A 257 -9.15 3.83 22.53
C GLY A 257 -9.81 3.32 23.82
N LEU A 258 -9.19 3.62 24.98
CA LEU A 258 -9.56 3.08 26.28
C LEU A 258 -9.70 4.21 27.32
N ASP A 259 -10.87 4.26 27.98
CA ASP A 259 -11.28 5.33 28.87
C ASP A 259 -10.71 5.05 30.26
N LEU A 260 -9.91 5.97 30.80
CA LEU A 260 -9.27 5.82 32.11
C LEU A 260 -10.28 5.91 33.26
N ALA A 261 -11.31 6.76 33.14
CA ALA A 261 -12.44 6.82 34.06
C ALA A 261 -13.20 5.50 34.18
N THR A 262 -13.39 4.78 33.07
CA THR A 262 -13.96 3.42 33.05
C THR A 262 -13.03 2.44 33.75
N ILE A 263 -11.72 2.49 33.45
CA ILE A 263 -10.68 1.61 34.02
C ILE A 263 -10.58 1.84 35.54
N ALA A 264 -10.61 3.10 35.99
CA ALA A 264 -10.60 3.51 37.39
C ALA A 264 -11.66 2.80 38.26
N HIS A 265 -12.85 2.49 37.70
CA HIS A 265 -13.89 1.76 38.41
C HIS A 265 -13.48 0.35 38.85
N TYR A 266 -12.55 -0.32 38.13
CA TYR A 266 -12.08 -1.68 38.40
C TYR A 266 -10.83 -1.77 39.29
N VAL A 267 -10.39 -0.67 39.95
CA VAL A 267 -9.22 -0.67 40.82
C VAL A 267 -9.60 -1.36 42.13
N ASN A 268 -8.69 -2.23 42.62
CA ASN A 268 -8.66 -2.71 43.99
C ASN A 268 -8.05 -1.59 44.84
N LYS A 269 -8.92 -0.78 45.48
CA LYS A 269 -8.51 0.37 46.28
C LYS A 269 -7.78 -0.04 47.55
N LEU A 270 -8.17 -1.18 48.18
CA LEU A 270 -7.49 -1.71 49.35
C LEU A 270 -6.08 -2.24 49.00
N ALA A 271 -5.90 -2.81 47.79
CA ALA A 271 -4.58 -3.17 47.28
C ALA A 271 -3.71 -1.94 47.03
N LEU A 272 -4.30 -0.83 46.54
CA LEU A 272 -3.60 0.42 46.35
C LEU A 272 -3.23 1.05 47.70
N TYR A 273 -4.22 1.27 48.58
CA TYR A 273 -4.05 2.02 49.82
C TYR A 273 -3.14 1.28 50.81
N ARG A 274 -3.38 -0.03 51.04
CA ARG A 274 -2.58 -0.86 51.92
C ARG A 274 -1.32 -1.37 51.22
N GLY A 275 -1.49 -2.08 50.09
CA GLY A 275 -0.43 -2.86 49.47
C GLY A 275 0.70 -2.03 48.87
N GLN A 276 0.35 -0.95 48.14
CA GLN A 276 1.30 -0.12 47.40
C GLN A 276 1.73 1.13 48.16
N TRP A 277 0.77 1.84 48.80
CA TRP A 277 1.01 3.11 49.48
C TRP A 277 1.40 2.93 50.95
N GLY A 278 0.94 1.86 51.61
CA GLY A 278 1.40 1.51 52.95
C GLY A 278 0.70 2.24 54.09
N TYR A 279 -0.57 2.66 53.89
CA TYR A 279 -1.49 2.97 54.97
C TYR A 279 -1.91 1.67 55.66
N SER A 280 -2.22 1.73 56.97
CA SER A 280 -2.37 0.53 57.80
C SER A 280 -3.52 0.66 58.80
N ARG A 281 -4.17 -0.48 59.07
CA ARG A 281 -5.27 -0.60 60.03
C ARG A 281 -4.82 -1.28 61.33
N LYS A 282 -3.59 -1.85 61.39
CA LYS A 282 -3.13 -2.65 62.54
C LYS A 282 -2.78 -1.72 63.71
N GLY A 283 -1.95 -0.69 63.44
CA GLY A 283 -1.57 0.32 64.41
C GLY A 283 -2.56 1.46 64.63
N LEU A 284 -3.78 1.42 64.04
CA LEU A 284 -4.87 2.37 64.29
C LEU A 284 -6.17 1.63 64.60
N SER A 285 -7.18 2.40 65.04
CA SER A 285 -8.56 1.95 65.23
C SER A 285 -9.34 2.00 63.91
N ARG A 286 -10.54 1.40 63.89
CA ARG A 286 -11.42 1.35 62.73
C ARG A 286 -12.01 2.73 62.40
N GLU A 287 -12.23 3.60 63.42
CA GLU A 287 -12.62 4.99 63.20
C GLU A 287 -11.53 5.77 62.46
N ALA A 288 -10.26 5.63 62.90
CA ALA A 288 -9.12 6.29 62.29
C ALA A 288 -8.77 5.75 60.90
N TRP A 289 -9.08 4.47 60.61
CA TRP A 289 -8.93 3.88 59.28
C TRP A 289 -9.89 4.54 58.28
N GLN A 290 -11.19 4.58 58.61
CA GLN A 290 -12.25 5.22 57.81
C GLN A 290 -11.93 6.70 57.56
N ALA A 291 -11.39 7.39 58.57
CA ALA A 291 -10.88 8.74 58.46
C ALA A 291 -9.70 8.84 57.48
N LEU A 292 -8.68 7.99 57.67
CA LEU A 292 -7.43 8.01 56.89
C LEU A 292 -7.65 7.78 55.40
N VAL A 293 -8.58 6.88 55.03
CA VAL A 293 -8.95 6.62 53.64
C VAL A 293 -9.62 7.87 53.03
N GLU A 294 -10.66 8.38 53.70
CA GLU A 294 -11.45 9.52 53.21
C GLU A 294 -10.66 10.83 53.20
N ARG A 295 -9.77 11.05 54.20
CA ARG A 295 -9.02 12.29 54.34
C ARG A 295 -7.81 12.32 53.39
N GLU A 296 -6.98 11.26 53.38
CA GLU A 296 -5.67 11.24 52.75
C GLU A 296 -5.71 10.46 51.42
N ALA A 297 -6.13 9.18 51.48
CA ALA A 297 -5.94 8.23 50.38
C ALA A 297 -6.84 8.52 49.18
N GLU A 298 -8.16 8.68 49.42
CA GLU A 298 -9.16 8.82 48.36
C GLU A 298 -8.97 10.12 47.57
N PRO A 299 -8.71 11.31 48.19
CA PRO A 299 -8.28 12.50 47.44
C PRO A 299 -7.04 12.40 46.53
N VAL A 300 -6.03 11.60 46.93
CA VAL A 300 -4.86 11.33 46.09
C VAL A 300 -5.28 10.54 44.84
N PHE A 301 -6.14 9.51 44.98
CA PHE A 301 -6.67 8.73 43.86
C PHE A 301 -7.35 9.62 42.82
N GLN A 302 -8.25 10.51 43.29
CA GLN A 302 -8.98 11.45 42.43
C GLN A 302 -8.02 12.44 41.75
N ARG A 303 -7.04 12.97 42.49
CA ARG A 303 -6.01 13.89 41.98
C ARG A 303 -5.17 13.24 40.88
N LEU A 304 -4.67 12.02 41.12
CA LEU A 304 -3.83 11.31 40.16
C LEU A 304 -4.59 10.90 38.90
N LEU A 305 -5.86 10.45 39.03
CA LEU A 305 -6.72 10.09 37.91
C LEU A 305 -7.00 11.27 37.01
N LYS A 306 -7.43 12.41 37.60
CA LYS A 306 -7.69 13.65 36.89
C LYS A 306 -6.43 14.17 36.18
N GLU A 307 -5.28 14.20 36.88
CA GLU A 307 -4.00 14.65 36.35
C GLU A 307 -3.50 13.72 35.23
N ALA A 308 -3.64 12.39 35.40
CA ALA A 308 -3.27 11.41 34.38
C ALA A 308 -4.08 11.54 33.09
N MET A 309 -5.39 11.88 33.20
CA MET A 309 -6.24 12.14 32.04
C MET A 309 -5.79 13.41 31.29
N ALA A 310 -5.55 14.51 32.02
CA ALA A 310 -5.19 15.81 31.44
C ALA A 310 -3.80 15.80 30.82
N GLU A 311 -2.78 15.38 31.60
CA GLU A 311 -1.38 15.40 31.19
C GLU A 311 -1.05 14.23 30.26
N GLY A 312 -1.60 13.03 30.53
CA GLY A 312 -1.49 11.87 29.65
C GLY A 312 -0.31 10.95 29.98
N TRP A 313 -0.06 10.71 31.28
CA TRP A 313 1.04 9.86 31.75
C TRP A 313 0.59 8.41 32.06
N LEU A 314 -0.69 8.07 31.84
CA LEU A 314 -1.14 6.69 31.60
C LEU A 314 -1.62 6.55 30.15
N GLU A 315 -1.07 5.56 29.42
CA GLU A 315 -1.34 5.31 28.01
C GLU A 315 -1.92 3.89 27.89
N PRO A 316 -3.23 3.67 28.23
CA PRO A 316 -3.80 2.32 28.28
C PRO A 316 -3.89 1.67 26.89
N LYS A 317 -3.29 0.47 26.75
CA LYS A 317 -3.27 -0.32 25.52
C LYS A 317 -3.51 -1.79 25.88
N VAL A 318 -4.12 -2.54 24.94
CA VAL A 318 -4.35 -3.98 25.08
C VAL A 318 -3.95 -4.67 23.78
N LEU A 319 -3.19 -5.78 23.91
CA LEU A 319 -3.01 -6.79 22.89
C LEU A 319 -3.74 -8.05 23.35
N TYR A 320 -4.74 -8.51 22.58
CA TYR A 320 -5.67 -9.57 22.99
C TYR A 320 -6.01 -10.49 21.82
N GLY A 321 -6.41 -11.72 22.14
CA GLY A 321 -6.69 -12.68 21.11
C GLY A 321 -7.17 -14.04 21.63
N PHE A 322 -7.49 -14.90 20.65
CA PHE A 322 -7.96 -16.26 20.86
C PHE A 322 -7.22 -17.19 19.92
N PHE A 323 -6.80 -18.37 20.42
CA PHE A 323 -6.06 -19.37 19.67
C PHE A 323 -6.78 -20.71 19.77
N PRO A 324 -6.83 -21.54 18.69
CA PRO A 324 -7.29 -22.93 18.78
C PRO A 324 -6.22 -23.73 19.54
N VAL A 325 -6.65 -24.52 20.54
CA VAL A 325 -5.76 -25.30 21.38
C VAL A 325 -6.31 -26.73 21.53
N ALA A 326 -5.44 -27.60 22.07
CA ALA A 326 -5.83 -28.93 22.50
C ALA A 326 -4.80 -29.46 23.51
N ARG A 327 -5.27 -30.33 24.42
CA ARG A 327 -4.41 -31.10 25.31
C ARG A 327 -3.89 -32.31 24.55
N GLU A 328 -2.55 -32.54 24.61
CA GLU A 328 -1.94 -33.83 24.32
C GLU A 328 -1.06 -34.19 25.51
N GLY A 329 -1.46 -35.23 26.29
CA GLY A 329 -0.73 -35.63 27.49
C GLY A 329 -0.81 -34.57 28.58
N GLU A 330 0.37 -34.15 29.11
CA GLU A 330 0.52 -33.06 30.07
C GLU A 330 0.80 -31.70 29.40
N GLU A 331 0.83 -31.64 28.05
CA GLU A 331 1.12 -30.43 27.28
C GLU A 331 -0.20 -29.83 26.77
N LEU A 332 -0.28 -28.48 26.78
CA LEU A 332 -1.24 -27.72 26.01
C LEU A 332 -0.58 -27.30 24.70
N LEU A 333 -1.16 -27.70 23.56
CA LEU A 333 -0.66 -27.35 22.23
C LEU A 333 -1.44 -26.13 21.74
N VAL A 334 -0.73 -25.10 21.23
CA VAL A 334 -1.33 -23.94 20.59
C VAL A 334 -1.15 -24.10 19.09
N PHE A 335 -2.26 -24.03 18.32
CA PHE A 335 -2.27 -24.21 16.88
C PHE A 335 -2.43 -22.86 16.19
N SER A 336 -1.82 -22.74 14.99
CA SER A 336 -1.99 -21.57 14.13
C SER A 336 -3.43 -21.52 13.61
N PRO A 337 -4.20 -20.39 13.77
CA PRO A 337 -5.50 -20.28 13.13
C PRO A 337 -5.51 -20.14 11.60
N GLU A 338 -4.33 -19.93 10.96
CA GLU A 338 -4.18 -19.88 9.52
C GLU A 338 -3.76 -21.22 8.94
N THR A 339 -2.63 -21.77 9.44
CA THR A 339 -2.01 -22.99 8.93
C THR A 339 -2.45 -24.26 9.65
N GLY A 340 -2.88 -24.19 10.92
CA GLY A 340 -3.10 -25.38 11.75
C GLY A 340 -1.81 -26.06 12.25
N GLU A 341 -0.63 -25.42 12.11
CA GLU A 341 0.64 -25.93 12.61
C GLU A 341 0.71 -25.66 14.10
N VAL A 342 1.29 -26.60 14.86
CA VAL A 342 1.55 -26.43 16.29
C VAL A 342 2.65 -25.38 16.45
N LEU A 343 2.29 -24.20 16.99
CA LEU A 343 3.21 -23.09 17.17
C LEU A 343 4.00 -23.24 18.47
N GLU A 344 3.28 -23.50 19.59
CA GLU A 344 3.86 -23.61 20.92
C GLU A 344 3.23 -24.76 21.70
N ARG A 345 4.00 -25.29 22.67
CA ARG A 345 3.58 -26.29 23.63
C ARG A 345 3.86 -25.74 25.03
N PHE A 346 2.82 -25.61 25.87
CA PHE A 346 2.96 -25.26 27.29
C PHE A 346 2.82 -26.53 28.12
N ARG A 347 3.82 -26.82 28.97
CA ARG A 347 3.75 -27.87 29.98
C ARG A 347 3.60 -27.16 31.33
N PHE A 348 2.46 -27.39 32.01
CA PHE A 348 2.15 -26.82 33.31
C PHE A 348 2.45 -27.86 34.40
N PRO A 349 2.80 -27.46 35.65
CA PRO A 349 2.98 -28.40 36.76
C PRO A 349 1.65 -28.91 37.31
N ARG A 350 1.68 -30.13 37.88
CA ARG A 350 0.56 -30.77 38.55
C ARG A 350 0.79 -30.73 40.06
N GLN A 351 -0.31 -30.71 40.85
CA GLN A 351 -0.26 -30.77 42.31
C GLN A 351 0.32 -32.11 42.77
N LYS A 352 0.84 -32.13 44.01
CA LYS A 352 1.52 -33.31 44.57
C LYS A 352 0.50 -34.39 44.89
N GLY A 353 0.85 -35.65 44.58
CA GLY A 353 -0.10 -36.76 44.51
C GLY A 353 -1.06 -36.68 43.33
N GLY A 354 -0.57 -36.19 42.16
CA GLY A 354 -1.28 -36.09 40.90
C GLY A 354 -2.66 -35.44 40.94
N GLY A 355 -2.75 -34.27 41.59
CA GLY A 355 -3.97 -33.47 41.64
C GLY A 355 -4.19 -32.64 40.38
N LEU A 356 -4.58 -31.37 40.56
CA LEU A 356 -5.03 -30.49 39.48
C LEU A 356 -3.85 -29.95 38.69
N SER A 357 -4.04 -29.77 37.37
CA SER A 357 -3.17 -28.99 36.48
C SER A 357 -4.04 -28.10 35.58
N LEU A 358 -3.45 -27.03 35.01
CA LEU A 358 -4.09 -26.16 34.02
C LEU A 358 -4.56 -26.91 32.78
N VAL A 359 -3.82 -27.97 32.36
CA VAL A 359 -4.18 -28.78 31.20
C VAL A 359 -5.49 -29.54 31.37
N ASP A 360 -5.95 -29.82 32.61
CA ASP A 360 -7.23 -30.45 32.89
C ASP A 360 -8.44 -29.63 32.42
N TYR A 361 -8.30 -28.31 32.21
CA TYR A 361 -9.36 -27.46 31.67
C TYR A 361 -9.47 -27.49 30.15
N PHE A 362 -8.58 -28.18 29.40
CA PHE A 362 -8.54 -28.15 27.95
C PHE A 362 -8.93 -29.52 27.38
N ARG A 363 -9.74 -29.51 26.30
CA ARG A 363 -10.26 -30.72 25.67
C ARG A 363 -9.13 -31.50 25.01
N PRO A 364 -9.14 -32.87 25.00
CA PRO A 364 -8.07 -33.63 24.33
C PRO A 364 -8.03 -33.41 22.81
N ARG A 365 -6.81 -33.55 22.24
CA ARG A 365 -6.60 -33.50 20.79
C ARG A 365 -7.40 -34.61 20.09
N PHE A 366 -8.05 -34.28 18.95
CA PHE A 366 -8.91 -35.16 18.17
C PHE A 366 -10.14 -35.69 18.91
N ALA A 367 -10.54 -35.13 20.06
CA ALA A 367 -11.66 -35.63 20.85
C ALA A 367 -12.97 -35.28 20.15
N ALA A 368 -14.01 -36.08 20.44
CA ALA A 368 -15.33 -35.92 19.83
C ALA A 368 -15.87 -34.54 20.22
N PRO A 369 -16.24 -33.65 19.26
CA PRO A 369 -16.86 -32.35 19.57
C PRO A 369 -18.07 -32.41 20.53
N LEU A 370 -18.18 -31.43 21.43
CA LEU A 370 -19.29 -31.33 22.37
C LEU A 370 -20.59 -30.92 21.68
N GLY A 371 -20.53 -29.89 20.79
CA GLY A 371 -21.64 -29.47 19.95
C GLY A 371 -21.20 -29.22 18.51
N ASP A 372 -21.19 -27.94 18.09
CA ASP A 372 -21.07 -27.54 16.68
C ASP A 372 -19.75 -26.80 16.41
N GLU A 373 -18.65 -27.23 17.07
CA GLU A 373 -17.37 -26.52 17.00
C GLU A 373 -16.67 -26.74 15.65
N ALA A 374 -16.90 -27.88 14.97
CA ALA A 374 -16.44 -28.11 13.60
C ALA A 374 -16.96 -27.08 12.57
N ASP A 375 -18.12 -26.43 12.84
CA ASP A 375 -18.65 -25.35 12.00
C ASP A 375 -17.81 -24.06 12.03
N TRP A 376 -17.21 -23.70 13.18
CA TRP A 376 -16.55 -22.42 13.42
C TRP A 376 -15.07 -22.52 13.81
N MET A 377 -14.57 -23.66 14.34
CA MET A 377 -13.14 -23.84 14.61
C MET A 377 -12.35 -23.67 13.29
N PRO A 378 -11.17 -22.99 13.25
CA PRO A 378 -10.40 -22.85 12.00
C PRO A 378 -10.05 -24.20 11.37
N LYS A 379 -10.15 -24.27 10.03
CA LYS A 379 -10.29 -25.51 9.28
C LYS A 379 -9.08 -26.42 9.46
N GLU A 380 -7.87 -25.86 9.27
CA GLU A 380 -6.63 -26.63 9.32
C GLU A 380 -6.28 -27.03 10.77
N ALA A 381 -6.50 -26.12 11.73
CA ALA A 381 -6.26 -26.40 13.15
C ALA A 381 -7.20 -27.50 13.67
N PHE A 382 -8.49 -27.47 13.26
CA PHE A 382 -9.44 -28.53 13.57
C PHE A 382 -9.04 -29.87 12.93
N ARG A 383 -8.58 -29.87 11.67
CA ARG A 383 -8.08 -31.08 11.01
C ARG A 383 -6.78 -31.62 11.66
N ALA A 384 -5.90 -30.72 12.14
CA ALA A 384 -4.73 -31.08 12.94
C ALA A 384 -5.05 -31.49 14.39
N GLY A 385 -6.30 -31.30 14.86
CA GLY A 385 -6.84 -31.88 16.09
C GLY A 385 -7.25 -30.86 17.17
N ALA A 386 -7.34 -29.56 16.85
CA ALA A 386 -7.73 -28.54 17.83
C ALA A 386 -9.21 -28.72 18.18
N ARG A 387 -9.52 -28.76 19.49
CA ARG A 387 -10.88 -28.96 20.02
C ARG A 387 -11.26 -27.96 21.11
N ASP A 388 -10.47 -26.89 21.32
CA ASP A 388 -10.71 -25.93 22.40
C ASP A 388 -10.12 -24.58 22.00
N VAL A 389 -10.43 -23.55 22.81
CA VAL A 389 -10.00 -22.18 22.59
C VAL A 389 -9.43 -21.62 23.90
N LEU A 390 -8.31 -20.89 23.76
CA LEU A 390 -7.59 -20.21 24.83
C LEU A 390 -7.60 -18.72 24.51
N GLY A 391 -8.13 -17.90 25.42
CA GLY A 391 -7.95 -16.46 25.38
C GLY A 391 -6.56 -16.07 25.87
N VAL A 392 -5.99 -15.01 25.27
CA VAL A 392 -4.72 -14.41 25.68
C VAL A 392 -4.92 -12.89 25.73
N GLN A 393 -4.36 -12.24 26.77
CA GLN A 393 -4.34 -10.78 26.86
C GLN A 393 -2.99 -10.32 27.43
N LEU A 394 -2.45 -9.22 26.85
CA LEU A 394 -1.40 -8.40 27.43
C LEU A 394 -1.96 -6.99 27.53
N VAL A 395 -1.87 -6.38 28.71
CA VAL A 395 -2.29 -4.99 28.95
C VAL A 395 -1.06 -4.21 29.43
N THR A 396 -1.06 -2.90 29.15
CA THR A 396 -0.01 -1.98 29.57
C THR A 396 -0.59 -0.58 29.73
N MET A 397 0.07 0.26 30.55
CA MET A 397 -0.12 1.70 30.59
C MET A 397 1.03 2.47 29.91
N GLY A 398 1.89 1.78 29.13
CA GLY A 398 3.00 2.41 28.41
C GLY A 398 4.22 2.70 29.29
N GLU A 399 5.23 3.32 28.67
CA GLU A 399 6.44 3.79 29.34
C GLU A 399 6.21 5.12 30.08
N ALA A 400 5.17 5.89 29.69
CA ALA A 400 4.83 7.19 30.28
C ALA A 400 4.75 7.24 31.81
N PRO A 401 4.12 6.28 32.54
CA PRO A 401 4.10 6.32 34.01
C PRO A 401 5.46 6.10 34.68
N SER A 402 6.31 5.22 34.10
CA SER A 402 7.71 5.06 34.49
C SER A 402 8.49 6.37 34.34
N ARG A 403 8.30 7.07 33.20
CA ARG A 403 8.89 8.39 32.96
C ARG A 403 8.42 9.45 33.96
N LYS A 404 7.13 9.43 34.33
CA LYS A 404 6.55 10.37 35.27
C LYS A 404 7.07 10.16 36.70
N ALA A 405 7.11 8.89 37.15
CA ALA A 405 7.63 8.51 38.47
C ALA A 405 9.12 8.88 38.63
N GLN A 406 9.94 8.66 37.58
CA GLN A 406 11.36 8.98 37.57
C GLN A 406 11.63 10.49 37.68
N ALA A 407 10.75 11.33 37.07
CA ALA A 407 10.81 12.78 37.23
C ALA A 407 10.49 13.24 38.65
N LEU A 408 9.47 12.63 39.29
CA LEU A 408 9.12 12.89 40.69
C LEU A 408 10.23 12.48 41.66
N PHE A 409 10.89 11.33 41.40
CA PHE A 409 12.01 10.83 42.20
C PHE A 409 13.22 11.77 42.11
N ALA A 410 13.61 12.14 40.86
CA ALA A 410 14.76 13.00 40.57
C ALA A 410 14.65 14.39 41.21
N SER A 411 13.47 15.02 41.13
CA SER A 411 13.21 16.34 41.71
C SER A 411 13.09 16.33 43.23
N GLY A 412 12.89 15.15 43.88
CA GLY A 412 12.88 14.99 45.33
C GLY A 412 11.49 14.91 45.97
N ALA A 413 10.42 14.85 45.16
CA ALA A 413 9.05 14.65 45.63
C ALA A 413 8.85 13.16 45.90
N TYR A 414 9.27 12.70 47.09
CA TYR A 414 9.37 11.28 47.43
C TYR A 414 7.99 10.66 47.67
N GLN A 415 7.09 11.38 48.35
CA GLN A 415 5.72 10.96 48.60
C GLN A 415 4.95 10.77 47.29
N ASP A 416 5.03 11.74 46.35
CA ASP A 416 4.41 11.67 45.03
C ASP A 416 4.98 10.56 44.14
N TYR A 417 6.27 10.21 44.31
CA TYR A 417 6.88 9.04 43.66
C TYR A 417 6.18 7.74 44.06
N LEU A 418 6.01 7.52 45.37
CA LEU A 418 5.32 6.35 45.92
C LEU A 418 3.87 6.29 45.42
N PHE A 419 3.17 7.43 45.45
CA PHE A 419 1.77 7.53 45.06
C PHE A 419 1.58 7.19 43.57
N VAL A 420 2.38 7.79 42.68
CA VAL A 420 2.27 7.61 41.24
C VAL A 420 2.68 6.18 40.82
N HIS A 421 3.70 5.59 41.47
CA HIS A 421 4.10 4.21 41.22
C HIS A 421 2.97 3.23 41.53
N GLY A 422 2.43 3.31 42.75
CA GLY A 422 1.35 2.45 43.23
C GLY A 422 0.07 2.56 42.41
N PHE A 423 -0.33 3.81 42.10
CA PHE A 423 -1.44 4.13 41.20
C PHE A 423 -1.27 3.48 39.83
N SER A 424 -0.07 3.61 39.23
CA SER A 424 0.27 3.03 37.94
C SER A 424 0.22 1.49 37.96
N VAL A 425 0.67 0.86 39.07
CA VAL A 425 0.60 -0.59 39.26
C VAL A 425 -0.87 -1.05 39.28
N GLU A 426 -1.71 -0.44 40.13
CA GLU A 426 -3.10 -0.88 40.33
C GLU A 426 -4.04 -0.44 39.21
N MET A 427 -3.73 0.61 38.44
CA MET A 427 -4.47 0.95 37.22
C MET A 427 -4.18 -0.04 36.08
N THR A 428 -2.96 -0.60 35.99
CA THR A 428 -2.62 -1.67 35.04
C THR A 428 -3.36 -2.97 35.39
N GLU A 429 -3.41 -3.33 36.68
CA GLU A 429 -4.21 -4.44 37.18
C GLU A 429 -5.70 -4.20 36.96
N ALA A 430 -6.19 -2.94 37.13
CA ALA A 430 -7.57 -2.58 36.82
C ALA A 430 -7.90 -2.79 35.35
N LEU A 431 -7.00 -2.35 34.44
CA LEU A 431 -7.09 -2.60 33.01
C LEU A 431 -7.12 -4.11 32.67
N ALA A 432 -6.34 -4.94 33.38
CA ALA A 432 -6.41 -6.40 33.26
C ALA A 432 -7.76 -6.95 33.73
N GLU A 433 -8.32 -6.41 34.82
CA GLU A 433 -9.62 -6.79 35.36
C GLU A 433 -10.74 -6.42 34.38
N TYR A 434 -10.73 -5.16 33.90
CA TYR A 434 -11.68 -4.63 32.92
C TYR A 434 -11.66 -5.45 31.63
N TRP A 435 -10.45 -5.70 31.08
CA TRP A 435 -10.35 -6.42 29.82
C TRP A 435 -10.74 -7.89 29.95
N HIS A 436 -10.45 -8.54 31.08
CA HIS A 436 -10.94 -9.89 31.37
C HIS A 436 -12.47 -9.96 31.25
N LYS A 437 -13.17 -8.97 31.84
CA LYS A 437 -14.63 -8.82 31.68
C LYS A 437 -15.00 -8.68 30.20
N ARG A 438 -14.28 -7.84 29.43
CA ARG A 438 -14.53 -7.66 28.00
C ARG A 438 -14.28 -8.95 27.20
N MET A 439 -13.23 -9.73 27.55
CA MET A 439 -12.97 -11.03 26.96
C MET A 439 -14.15 -11.99 27.21
N ARG A 440 -14.70 -12.01 28.44
CA ARG A 440 -15.85 -12.83 28.79
C ARG A 440 -17.11 -12.44 27.99
N GLN A 441 -17.34 -11.13 27.77
CA GLN A 441 -18.47 -10.62 27.01
C GLN A 441 -18.37 -11.00 25.52
N MET A 442 -17.19 -10.78 24.92
CA MET A 442 -16.86 -11.23 23.57
C MET A 442 -17.05 -12.75 23.42
N TRP A 443 -16.58 -13.50 24.42
CA TRP A 443 -16.69 -14.95 24.55
C TRP A 443 -18.11 -15.50 24.49
N GLY A 444 -19.04 -14.80 25.16
CA GLY A 444 -20.36 -15.30 25.51
C GLY A 444 -20.40 -16.05 26.86
N ILE A 445 -19.44 -15.79 27.77
CA ILE A 445 -19.43 -16.38 29.11
C ILE A 445 -19.65 -15.32 30.21
N ALA A 446 -20.09 -14.09 29.87
CA ALA A 446 -20.21 -12.97 30.81
C ALA A 446 -21.55 -12.96 31.54
N HIS A 447 -22.57 -13.74 31.12
CA HIS A 447 -23.94 -13.55 31.59
C HIS A 447 -24.16 -14.03 33.03
N GLN A 448 -23.17 -14.69 33.69
CA GLN A 448 -23.14 -14.96 35.12
C GLN A 448 -22.29 -13.95 35.92
N ASP A 449 -21.79 -12.85 35.33
CA ASP A 449 -20.98 -11.86 36.04
C ASP A 449 -21.90 -10.97 36.91
N ALA A 450 -21.30 -10.30 37.91
CA ALA A 450 -21.92 -9.16 38.58
C ALA A 450 -21.71 -7.90 37.74
N THR A 451 -22.73 -7.03 37.67
CA THR A 451 -22.63 -5.69 37.08
C THR A 451 -21.71 -4.77 37.89
N GLU A 452 -21.65 -4.95 39.23
CA GLU A 452 -20.87 -4.14 40.17
C GLU A 452 -19.58 -4.87 40.60
N ILE A 453 -18.61 -4.07 41.09
CA ILE A 453 -17.18 -4.36 41.09
C ILE A 453 -16.75 -5.08 42.38
N GLN A 454 -17.41 -4.78 43.52
CA GLN A 454 -17.19 -5.46 44.81
C GLN A 454 -17.36 -6.98 44.72
N LYS A 455 -18.35 -7.46 43.95
CA LYS A 455 -18.64 -8.87 43.77
C LYS A 455 -17.59 -9.57 42.87
N LEU A 456 -16.95 -8.84 41.94
CA LEU A 456 -15.84 -9.35 41.13
C LEU A 456 -14.59 -9.71 41.97
N PHE A 457 -14.40 -9.09 43.14
CA PHE A 457 -13.34 -9.45 44.08
C PHE A 457 -13.64 -10.72 44.90
N GLN A 458 -14.82 -11.38 44.73
CA GLN A 458 -15.02 -12.79 45.07
C GLN A 458 -14.52 -13.77 43.98
N GLN A 459 -14.05 -13.28 42.79
CA GLN A 459 -13.89 -14.05 41.56
C GLN A 459 -15.25 -14.65 41.17
N GLY A 460 -16.19 -13.74 40.82
CA GLY A 460 -17.60 -14.05 40.62
C GLY A 460 -17.98 -14.07 39.14
N TYR A 461 -17.33 -14.96 38.37
CA TYR A 461 -17.48 -15.05 36.92
C TYR A 461 -17.10 -16.46 36.44
N GLN A 462 -17.46 -16.77 35.19
CA GLN A 462 -17.10 -18.03 34.55
C GLN A 462 -15.63 -17.99 34.16
N GLY A 463 -14.89 -19.05 34.55
CA GLY A 463 -13.49 -19.21 34.18
C GLY A 463 -12.53 -18.43 35.06
N ALA A 464 -11.29 -18.28 34.57
CA ALA A 464 -10.20 -17.67 35.32
C ALA A 464 -9.14 -17.06 34.40
N ARG A 465 -8.34 -16.17 35.00
CA ARG A 465 -7.21 -15.48 34.40
C ARG A 465 -5.93 -15.94 35.13
N TYR A 466 -4.93 -16.44 34.41
CA TYR A 466 -3.68 -16.92 34.99
C TYR A 466 -2.53 -16.13 34.36
N SER A 467 -1.80 -15.36 35.20
CA SER A 467 -0.53 -14.74 34.83
C SER A 467 0.60 -15.73 35.09
N PHE A 468 1.66 -15.64 34.27
CA PHE A 468 2.87 -16.43 34.46
C PHE A 468 3.62 -15.88 35.68
N GLY A 469 4.10 -16.79 36.55
CA GLY A 469 4.57 -16.48 37.89
C GLY A 469 3.61 -16.86 39.01
N TYR A 470 2.31 -17.10 38.71
CA TYR A 470 1.36 -17.67 39.66
C TYR A 470 1.69 -19.13 39.97
N PRO A 471 1.23 -19.75 41.11
CA PRO A 471 1.55 -21.14 41.44
C PRO A 471 1.27 -22.23 40.39
N ALA A 472 0.14 -22.08 39.68
CA ALA A 472 -0.34 -23.04 38.69
C ALA A 472 0.39 -22.92 37.34
N CYS A 473 1.07 -21.81 37.06
CA CYS A 473 1.92 -21.62 35.90
C CYS A 473 3.12 -20.74 36.30
N PRO A 474 4.11 -21.23 37.08
CA PRO A 474 5.14 -20.38 37.71
C PRO A 474 6.36 -19.97 36.86
N ASP A 475 6.61 -20.65 35.73
CA ASP A 475 7.80 -20.41 34.92
C ASP A 475 7.59 -19.13 34.10
N LEU A 476 8.36 -18.07 34.39
CA LEU A 476 8.29 -16.80 33.62
C LEU A 476 8.86 -16.93 32.20
N ALA A 477 9.71 -17.93 31.91
CA ALA A 477 10.13 -18.31 30.56
C ALA A 477 8.97 -18.53 29.57
N ASP A 478 7.83 -19.06 30.03
CA ASP A 478 6.65 -19.29 29.21
C ASP A 478 6.02 -18.01 28.64
N GLN A 479 6.33 -16.82 29.17
CA GLN A 479 6.04 -15.54 28.53
C GLN A 479 6.61 -15.39 27.12
N ALA A 480 7.81 -15.96 26.85
CA ALA A 480 8.44 -15.94 25.53
C ALA A 480 7.57 -16.60 24.45
N LYS A 481 6.88 -17.71 24.80
CA LYS A 481 5.95 -18.40 23.90
C LYS A 481 4.77 -17.49 23.57
N LEU A 482 4.22 -16.81 24.58
CA LEU A 482 3.15 -15.83 24.44
C LEU A 482 3.57 -14.64 23.57
N ASP A 483 4.84 -14.19 23.68
CA ASP A 483 5.40 -13.12 22.83
C ASP A 483 5.48 -13.54 21.37
N ARG A 484 5.98 -14.75 21.08
CA ARG A 484 6.01 -15.30 19.72
C ARG A 484 4.60 -15.45 19.12
N LEU A 485 3.60 -15.84 19.94
CA LEU A 485 2.20 -15.91 19.51
C LEU A 485 1.58 -14.54 19.24
N MET A 486 1.76 -13.56 20.14
CA MET A 486 1.04 -12.29 20.14
C MET A 486 1.82 -11.17 19.43
N GLY A 487 3.12 -11.04 19.72
CA GLY A 487 3.97 -9.92 19.29
C GLY A 487 3.84 -8.74 20.25
N PHE A 488 4.53 -8.81 21.41
CA PHE A 488 4.46 -7.82 22.50
C PHE A 488 4.91 -6.43 22.05
N HIS A 489 5.86 -6.32 21.09
CA HIS A 489 6.27 -5.08 20.44
C HIS A 489 5.14 -4.19 19.91
N ARG A 490 4.01 -4.80 19.48
CA ARG A 490 2.81 -4.12 18.98
C ARG A 490 2.19 -3.12 19.97
N VAL A 491 2.36 -3.33 21.30
CA VAL A 491 1.93 -2.37 22.34
C VAL A 491 3.13 -1.86 23.14
N GLY A 492 4.33 -1.78 22.51
CA GLY A 492 5.54 -1.23 23.12
C GLY A 492 6.16 -2.05 24.26
N VAL A 493 5.83 -3.36 24.40
CA VAL A 493 6.29 -4.22 25.49
C VAL A 493 7.38 -5.17 24.95
N ARG A 494 8.43 -5.40 25.77
CA ARG A 494 9.51 -6.34 25.47
C ARG A 494 9.76 -7.26 26.68
N LEU A 495 10.48 -8.38 26.42
CA LEU A 495 10.96 -9.28 27.47
C LEU A 495 12.46 -9.02 27.68
N THR A 496 12.88 -9.00 28.96
CA THR A 496 14.28 -8.93 29.37
C THR A 496 14.93 -10.32 29.30
N GLU A 497 16.23 -10.39 29.62
CA GLU A 497 16.99 -11.63 29.83
C GLU A 497 16.41 -12.54 30.92
N ASN A 498 15.73 -11.98 31.95
CA ASN A 498 14.98 -12.72 32.97
C ASN A 498 13.48 -12.90 32.66
N PHE A 499 13.02 -12.57 31.42
CA PHE A 499 11.64 -12.73 30.95
C PHE A 499 10.62 -11.89 31.73
N GLN A 500 11.04 -10.75 32.31
CA GLN A 500 10.14 -9.76 32.89
C GLN A 500 9.71 -8.78 31.81
N LEU A 501 8.50 -8.21 31.95
CA LEU A 501 7.93 -7.29 30.98
C LEU A 501 8.52 -5.89 31.22
N GLU A 502 9.05 -5.29 30.14
CA GLU A 502 9.57 -3.93 30.11
C GLU A 502 8.69 -3.11 29.15
N PRO A 503 8.03 -1.97 29.52
CA PRO A 503 8.07 -1.38 30.86
C PRO A 503 7.29 -2.19 31.90
N GLU A 504 7.54 -1.90 33.18
CA GLU A 504 7.04 -2.71 34.29
C GLU A 504 5.51 -2.63 34.42
N HIS A 505 4.90 -1.50 34.03
CA HIS A 505 3.45 -1.29 34.09
C HIS A 505 2.83 -2.04 32.90
N ALA A 506 2.81 -3.37 33.02
CA ALA A 506 2.42 -4.29 31.95
C ALA A 506 2.29 -5.69 32.53
N THR A 507 1.21 -6.41 32.17
CA THR A 507 0.95 -7.75 32.68
C THR A 507 0.16 -8.54 31.63
N SER A 508 0.54 -9.82 31.46
CA SER A 508 -0.09 -10.74 30.54
C SER A 508 -0.81 -11.84 31.32
N ALA A 509 -1.79 -12.46 30.66
CA ALA A 509 -2.53 -13.57 31.22
C ALA A 509 -3.03 -14.51 30.12
N LEU A 510 -3.13 -15.80 30.50
CA LEU A 510 -3.97 -16.79 29.83
C LEU A 510 -5.37 -16.69 30.41
N VAL A 511 -6.40 -16.73 29.54
CA VAL A 511 -7.79 -16.55 29.91
C VAL A 511 -8.52 -17.86 29.57
N VAL A 512 -9.12 -18.49 30.57
CA VAL A 512 -9.63 -19.85 30.53
C VAL A 512 -11.16 -19.74 30.65
N HIS A 513 -11.92 -20.31 29.69
CA HIS A 513 -13.38 -20.31 29.70
C HIS A 513 -14.01 -21.32 30.67
N HIS A 514 -13.28 -22.39 31.07
CA HIS A 514 -13.85 -23.56 31.74
C HIS A 514 -14.56 -23.16 33.04
N PRO A 515 -15.88 -23.49 33.26
CA PRO A 515 -16.59 -23.07 34.48
C PRO A 515 -16.05 -23.55 35.83
N GLU A 516 -15.29 -24.66 35.84
CA GLU A 516 -14.65 -25.23 37.03
C GLU A 516 -13.28 -24.57 37.31
N ALA A 517 -12.79 -23.61 36.49
CA ALA A 517 -11.43 -23.10 36.57
C ALA A 517 -11.28 -22.14 37.76
N ARG A 518 -10.11 -22.21 38.43
CA ARG A 518 -9.85 -21.49 39.67
C ARG A 518 -8.34 -21.42 39.96
N TYR A 519 -7.99 -20.59 40.94
CA TYR A 519 -6.62 -20.48 41.44
C TYR A 519 -6.37 -21.65 42.41
N PHE A 520 -5.20 -22.29 42.29
CA PHE A 520 -4.76 -23.38 43.16
C PHE A 520 -3.22 -23.37 43.25
N SER A 521 -2.68 -23.85 44.39
CA SER A 521 -1.24 -23.99 44.61
C SER A 521 -0.82 -25.46 44.50
N VAL A 522 0.49 -25.66 44.27
CA VAL A 522 1.11 -26.96 44.02
C VAL A 522 1.40 -27.69 45.34
N ASP A 523 1.94 -26.99 46.35
CA ASP A 523 2.28 -27.58 47.65
C ASP A 523 1.00 -27.88 48.47
N PRO B 1 23.12 -52.56 -47.23
CA PRO B 1 23.92 -52.84 -46.02
C PRO B 1 23.09 -53.25 -44.79
N LEU B 2 23.80 -53.57 -43.69
CA LEU B 2 23.22 -53.80 -42.37
C LEU B 2 23.31 -52.46 -41.63
N LEU B 3 22.15 -51.88 -41.27
CA LEU B 3 22.02 -50.71 -40.40
C LEU B 3 22.43 -49.38 -41.06
N GLU B 4 23.33 -49.38 -42.09
CA GLU B 4 23.47 -48.25 -43.01
C GLU B 4 22.19 -48.01 -43.83
N ARG B 5 21.45 -49.08 -44.18
CA ARG B 5 20.16 -49.00 -44.88
C ARG B 5 19.10 -48.31 -44.01
N LEU B 6 18.99 -48.70 -42.73
CA LEU B 6 18.09 -48.06 -41.76
C LEU B 6 18.47 -46.59 -41.50
N LYS B 7 19.78 -46.28 -41.45
CA LYS B 7 20.28 -44.91 -41.36
C LYS B 7 19.95 -44.10 -42.62
N ARG B 8 20.05 -44.71 -43.81
CA ARG B 8 19.67 -44.08 -45.07
C ARG B 8 18.16 -43.82 -45.15
N ARG B 9 17.34 -44.79 -44.68
CA ARG B 9 15.88 -44.76 -44.72
C ARG B 9 15.27 -43.55 -43.98
N VAL B 10 15.89 -43.11 -42.87
CA VAL B 10 15.51 -41.89 -42.19
C VAL B 10 15.87 -40.67 -43.05
N VAL B 11 17.12 -40.57 -43.56
CA VAL B 11 17.64 -39.36 -44.20
C VAL B 11 16.91 -39.10 -45.52
N GLU B 12 16.87 -40.09 -46.43
CA GLU B 12 16.11 -39.97 -47.69
C GLU B 12 14.60 -40.02 -47.43
N GLY B 13 14.16 -40.71 -46.37
CA GLY B 13 12.84 -40.54 -45.80
C GLY B 13 11.82 -41.43 -46.51
N ARG B 14 12.10 -42.75 -46.57
CA ARG B 14 11.23 -43.73 -47.19
C ARG B 14 10.56 -44.55 -46.08
N LYS B 15 9.25 -44.31 -45.83
CA LYS B 15 8.53 -44.90 -44.72
C LYS B 15 8.18 -46.36 -44.99
N GLN B 16 7.55 -46.63 -46.14
CA GLN B 16 6.91 -47.91 -46.41
C GLN B 16 7.99 -48.93 -46.83
N GLY B 17 8.05 -50.09 -46.15
CA GLY B 17 9.18 -51.03 -46.18
C GLY B 17 10.12 -50.99 -44.96
N LEU B 18 9.81 -50.19 -43.94
CA LEU B 18 10.66 -50.00 -42.76
C LEU B 18 10.58 -51.21 -41.83
N GLU B 19 9.36 -51.73 -41.58
CA GLU B 19 9.08 -52.80 -40.63
C GLU B 19 9.75 -54.12 -41.03
N ALA B 20 9.84 -54.41 -42.34
CA ALA B 20 10.60 -55.54 -42.89
C ALA B 20 12.10 -55.45 -42.57
N ASP B 21 12.70 -54.25 -42.69
CA ASP B 21 14.13 -54.03 -42.46
C ASP B 21 14.49 -54.11 -40.97
N LEU B 22 13.64 -53.55 -40.09
CA LEU B 22 13.81 -53.62 -38.64
C LEU B 22 13.68 -55.05 -38.12
N GLU B 23 12.75 -55.86 -38.67
CA GLU B 23 12.60 -57.27 -38.35
C GLU B 23 13.84 -58.08 -38.72
N GLU B 24 14.47 -57.78 -39.87
CA GLU B 24 15.72 -58.42 -40.31
C GLU B 24 16.91 -58.06 -39.40
N ALA B 25 16.96 -56.83 -38.85
CA ALA B 25 18.05 -56.37 -37.99
C ALA B 25 18.09 -57.10 -36.65
N LEU B 26 16.93 -57.27 -36.00
CA LEU B 26 16.77 -58.16 -34.85
C LEU B 26 16.83 -59.60 -35.36
N LYS B 27 17.50 -60.49 -34.61
CA LYS B 27 17.85 -61.87 -35.00
C LYS B 27 19.08 -61.94 -35.92
N ALA B 28 19.61 -60.82 -36.47
CA ALA B 28 21.01 -60.67 -36.85
C ALA B 28 21.84 -59.92 -35.78
N GLY B 29 21.49 -60.05 -34.49
CA GLY B 29 22.33 -59.67 -33.37
C GLY B 29 21.90 -58.39 -32.64
N HIS B 30 21.20 -57.47 -33.32
CA HIS B 30 20.96 -56.11 -32.83
C HIS B 30 19.72 -56.08 -31.94
N LYS B 31 19.75 -55.30 -30.83
CA LYS B 31 18.62 -55.11 -29.93
C LYS B 31 17.75 -53.93 -30.40
N PRO B 32 16.42 -53.84 -30.11
CA PRO B 32 15.59 -52.67 -30.45
C PRO B 32 16.05 -51.28 -29.98
N LEU B 33 16.64 -51.22 -28.77
CA LEU B 33 17.18 -50.00 -28.19
C LEU B 33 18.43 -49.53 -28.95
N ASP B 34 19.32 -50.46 -29.34
CA ASP B 34 20.57 -50.18 -30.04
C ASP B 34 20.35 -49.70 -31.47
N LEU B 35 19.27 -50.17 -32.15
CA LEU B 35 18.84 -49.65 -33.45
C LEU B 35 18.41 -48.18 -33.35
N ILE B 36 17.65 -47.82 -32.31
CA ILE B 36 17.15 -46.47 -32.09
C ILE B 36 18.32 -45.54 -31.75
N ASN B 37 19.12 -45.92 -30.74
CA ASN B 37 20.28 -45.13 -30.31
C ASN B 37 21.40 -45.10 -31.34
N GLY B 38 21.61 -46.19 -32.11
CA GLY B 38 22.64 -46.27 -33.13
C GLY B 38 22.20 -45.65 -34.47
N PRO B 39 21.88 -46.45 -35.53
CA PRO B 39 21.67 -45.91 -36.89
C PRO B 39 20.50 -44.97 -37.16
N LEU B 40 19.35 -45.17 -36.47
CA LEU B 40 18.16 -44.36 -36.66
C LEU B 40 18.38 -42.93 -36.16
N LEU B 41 18.97 -42.76 -34.95
CA LEU B 41 19.31 -41.46 -34.39
C LEU B 41 20.44 -40.78 -35.17
N ALA B 42 21.46 -41.56 -35.60
CA ALA B 42 22.58 -41.06 -36.41
C ALA B 42 22.11 -40.40 -37.71
N GLY B 43 21.09 -40.98 -38.36
CA GLY B 43 20.44 -40.36 -39.50
C GLY B 43 19.68 -39.07 -39.15
N MET B 44 18.91 -39.08 -38.04
CA MET B 44 18.18 -37.91 -37.53
C MET B 44 19.13 -36.74 -37.19
N LYS B 45 20.34 -37.04 -36.68
CA LYS B 45 21.35 -36.02 -36.42
C LYS B 45 21.86 -35.39 -37.72
N GLU B 46 22.17 -36.21 -38.74
CA GLU B 46 22.65 -35.74 -40.03
C GLU B 46 21.56 -35.01 -40.85
N VAL B 47 20.27 -35.33 -40.63
CA VAL B 47 19.15 -34.54 -41.17
C VAL B 47 19.22 -33.09 -40.66
N GLY B 48 19.40 -32.92 -39.34
CA GLY B 48 19.55 -31.60 -38.71
C GLY B 48 20.80 -30.83 -39.15
N ASP B 49 21.92 -31.54 -39.39
CA ASP B 49 23.16 -30.94 -39.89
C ASP B 49 23.02 -30.43 -41.32
N LEU B 50 22.36 -31.22 -42.20
CA LEU B 50 22.03 -30.82 -43.57
C LEU B 50 21.09 -29.61 -43.61
N PHE B 51 20.14 -29.50 -42.66
CA PHE B 51 19.29 -28.33 -42.49
C PHE B 51 20.09 -27.10 -42.04
N GLY B 52 21.07 -27.29 -41.13
CA GLY B 52 22.01 -26.25 -40.72
C GLY B 52 22.88 -25.71 -41.86
N ALA B 53 23.36 -26.61 -42.74
CA ALA B 53 24.08 -26.25 -43.96
C ALA B 53 23.22 -25.49 -44.98
N GLY B 54 21.89 -25.74 -45.01
CA GLY B 54 20.99 -25.25 -46.04
C GLY B 54 20.92 -26.15 -47.26
N LYS B 55 21.13 -27.47 -47.06
CA LYS B 55 21.14 -28.50 -48.11
C LYS B 55 19.83 -29.28 -48.21
N MET B 56 18.95 -29.21 -47.19
CA MET B 56 17.72 -29.99 -47.08
C MET B 56 16.58 -29.06 -46.63
N GLN B 57 15.39 -29.23 -47.25
CA GLN B 57 14.21 -28.40 -46.99
C GLN B 57 13.51 -28.94 -45.74
N LEU B 58 12.66 -28.11 -45.12
CA LEU B 58 11.98 -28.43 -43.87
C LEU B 58 10.92 -29.53 -44.02
N PRO B 59 10.13 -29.64 -45.11
CA PRO B 59 9.22 -30.78 -45.32
C PRO B 59 9.88 -32.16 -45.30
N PHE B 60 11.11 -32.26 -45.85
CA PHE B 60 11.88 -33.50 -45.86
C PHE B 60 12.47 -33.86 -44.49
N VAL B 61 12.74 -32.85 -43.63
CA VAL B 61 13.10 -33.07 -42.22
C VAL B 61 11.96 -33.77 -41.48
N LEU B 62 10.72 -33.29 -41.65
CA LEU B 62 9.53 -33.90 -41.03
C LEU B 62 9.20 -35.26 -41.61
N GLN B 63 9.47 -35.48 -42.92
CA GLN B 63 9.40 -36.81 -43.53
C GLN B 63 10.44 -37.76 -42.93
N ALA B 64 11.65 -37.26 -42.62
CA ALA B 64 12.66 -38.01 -41.89
C ALA B 64 12.26 -38.31 -40.43
N ALA B 65 11.63 -37.33 -39.75
CA ALA B 65 11.05 -37.52 -38.42
C ALA B 65 9.96 -38.59 -38.37
N GLU B 66 9.12 -38.69 -39.42
CA GLU B 66 8.08 -39.71 -39.54
C GLU B 66 8.63 -41.14 -39.58
N VAL B 67 9.80 -41.36 -40.19
CA VAL B 67 10.45 -42.68 -40.28
C VAL B 67 10.88 -43.15 -38.88
N MET B 68 11.46 -42.23 -38.07
CA MET B 68 11.79 -42.48 -36.67
C MET B 68 10.53 -42.79 -35.84
N LYS B 69 9.45 -42.01 -36.04
CA LYS B 69 8.17 -42.17 -35.34
C LYS B 69 7.57 -43.56 -35.58
N ARG B 70 7.55 -44.01 -36.84
CA ARG B 70 7.04 -45.34 -37.20
C ARG B 70 7.97 -46.46 -36.70
N ALA B 71 9.30 -46.26 -36.76
CA ALA B 71 10.30 -47.21 -36.26
C ALA B 71 10.12 -47.50 -34.75
N VAL B 72 9.93 -46.45 -33.95
CA VAL B 72 9.69 -46.55 -32.51
C VAL B 72 8.32 -47.19 -32.24
N ALA B 73 7.27 -46.83 -33.01
CA ALA B 73 5.91 -47.35 -32.84
C ALA B 73 5.83 -48.87 -33.05
N TYR B 74 6.53 -49.39 -34.08
CA TYR B 74 6.63 -50.83 -34.31
C TYR B 74 7.48 -51.55 -33.25
N LEU B 75 8.50 -50.86 -32.68
CA LEU B 75 9.33 -51.38 -31.58
C LEU B 75 8.73 -51.18 -30.17
N GLU B 76 7.52 -50.59 -30.02
CA GLU B 76 6.89 -50.36 -28.71
C GLU B 76 6.45 -51.66 -28.04
N PRO B 77 5.78 -52.66 -28.72
CA PRO B 77 5.43 -53.95 -28.11
C PRO B 77 6.55 -54.81 -27.52
N HIS B 78 7.77 -54.74 -28.08
CA HIS B 78 8.98 -55.33 -27.50
C HIS B 78 10.11 -54.30 -27.55
N GLU B 84 12.63 -45.57 -20.86
CA GLU B 84 13.09 -44.16 -20.74
C GLU B 84 13.93 -43.75 -21.96
N GLY B 85 14.31 -42.46 -22.02
CA GLY B 85 15.14 -41.86 -23.07
C GLY B 85 16.20 -40.92 -22.49
N LYS B 86 16.68 -39.98 -23.33
CA LYS B 86 17.80 -39.11 -23.01
C LYS B 86 17.48 -38.02 -21.99
N GLY B 87 16.23 -37.53 -21.95
CA GLY B 87 15.79 -36.57 -20.95
C GLY B 87 14.39 -36.03 -21.20
N THR B 88 13.81 -35.34 -20.20
CA THR B 88 12.43 -34.89 -20.19
C THR B 88 12.40 -33.36 -20.35
N LEU B 89 11.49 -32.86 -21.23
CA LEU B 89 11.25 -31.44 -21.49
C LEU B 89 9.76 -31.16 -21.26
N VAL B 90 9.44 -30.17 -20.42
CA VAL B 90 8.11 -29.57 -20.31
C VAL B 90 8.05 -28.43 -21.34
N LEU B 91 6.98 -28.39 -22.15
CA LEU B 91 6.90 -27.53 -23.32
C LEU B 91 5.51 -26.90 -23.37
N ALA B 92 5.44 -25.57 -23.48
CA ALA B 92 4.20 -24.82 -23.41
C ALA B 92 4.29 -23.53 -24.21
N THR B 93 3.18 -23.15 -24.88
CA THR B 93 2.94 -21.80 -25.35
C THR B 93 2.35 -21.02 -24.16
N VAL B 94 2.80 -19.76 -23.99
CA VAL B 94 2.52 -18.97 -22.80
C VAL B 94 1.08 -18.46 -22.81
N LYS B 95 0.63 -18.00 -21.63
CA LYS B 95 -0.72 -17.47 -21.38
C LYS B 95 -1.06 -16.36 -22.37
N GLY B 96 -2.27 -16.43 -22.95
CA GLY B 96 -2.75 -15.45 -23.92
C GLY B 96 -2.35 -15.72 -25.38
N ASP B 97 -1.52 -16.74 -25.68
CA ASP B 97 -0.93 -16.95 -26.99
C ASP B 97 -1.50 -18.25 -27.57
N VAL B 98 -1.86 -18.20 -28.88
CA VAL B 98 -2.61 -19.24 -29.58
C VAL B 98 -1.74 -20.03 -30.58
N HIS B 99 -0.48 -19.62 -30.84
CA HIS B 99 0.33 -20.12 -31.94
C HIS B 99 1.19 -21.27 -31.40
N ASP B 100 1.07 -22.46 -32.01
CA ASP B 100 1.73 -23.69 -31.56
C ASP B 100 2.62 -24.33 -32.64
N ILE B 101 2.74 -23.77 -33.86
CA ILE B 101 3.55 -24.36 -34.93
C ILE B 101 5.03 -24.42 -34.54
N GLY B 102 5.61 -23.34 -33.99
CA GLY B 102 7.00 -23.29 -33.56
C GLY B 102 7.31 -24.32 -32.46
N LYS B 103 6.47 -24.32 -31.42
CA LYS B 103 6.47 -25.29 -30.32
C LYS B 103 6.37 -26.74 -30.80
N ASN B 104 5.37 -27.03 -31.65
CA ASN B 104 5.08 -28.39 -32.10
C ASN B 104 6.19 -28.92 -33.03
N LEU B 105 6.90 -28.05 -33.77
CA LEU B 105 8.14 -28.43 -34.47
C LEU B 105 9.26 -28.79 -33.48
N VAL B 106 9.40 -28.07 -32.35
CA VAL B 106 10.32 -28.45 -31.27
C VAL B 106 9.93 -29.81 -30.68
N ASP B 107 8.62 -30.09 -30.53
CA ASP B 107 8.13 -31.39 -30.05
C ASP B 107 8.54 -32.54 -31.00
N ILE B 108 8.41 -32.34 -32.32
CA ILE B 108 8.71 -33.36 -33.33
C ILE B 108 10.20 -33.73 -33.32
N ILE B 109 11.09 -32.72 -33.33
CA ILE B 109 12.54 -32.93 -33.45
C ILE B 109 13.10 -33.55 -32.17
N LEU B 110 12.69 -33.06 -30.98
CA LEU B 110 13.19 -33.56 -29.70
C LEU B 110 12.66 -34.98 -29.38
N SER B 111 11.37 -35.25 -29.66
CA SER B 111 10.78 -36.58 -29.49
C SER B 111 11.46 -37.66 -30.34
N ASN B 112 11.76 -37.33 -31.61
CA ASN B 112 12.43 -38.22 -32.56
C ASN B 112 13.96 -38.13 -32.47
N ASN B 113 14.52 -37.31 -31.56
CA ASN B 113 15.90 -37.43 -31.10
C ASN B 113 16.01 -38.13 -29.73
N GLY B 114 14.94 -38.76 -29.21
CA GLY B 114 14.97 -39.62 -28.03
C GLY B 114 14.38 -39.03 -26.75
N TYR B 115 14.21 -37.69 -26.67
CA TYR B 115 13.80 -37.01 -25.45
C TYR B 115 12.29 -37.18 -25.23
N ARG B 116 11.87 -37.29 -23.95
CA ARG B 116 10.48 -37.19 -23.56
C ARG B 116 10.08 -35.71 -23.64
N VAL B 117 8.95 -35.40 -24.32
CA VAL B 117 8.40 -34.05 -24.44
C VAL B 117 6.98 -34.10 -23.89
N VAL B 118 6.73 -33.33 -22.81
CA VAL B 118 5.41 -33.07 -22.25
C VAL B 118 4.92 -31.76 -22.87
N ASN B 119 4.01 -31.87 -23.86
CA ASN B 119 3.42 -30.73 -24.57
C ASN B 119 2.14 -30.34 -23.82
N LEU B 120 2.16 -29.20 -23.10
CA LEU B 120 1.03 -28.74 -22.32
C LEU B 120 -0.03 -28.00 -23.16
N GLY B 121 0.33 -27.52 -24.36
CA GLY B 121 -0.60 -26.91 -25.31
C GLY B 121 -0.47 -25.38 -25.33
N ILE B 122 -1.59 -24.69 -25.63
CA ILE B 122 -1.65 -23.23 -25.79
C ILE B 122 -2.25 -22.59 -24.54
N LYS B 123 -1.86 -21.32 -24.29
CA LYS B 123 -2.42 -20.46 -23.25
C LYS B 123 -2.19 -21.02 -21.85
N VAL B 124 -0.97 -21.56 -21.60
CA VAL B 124 -0.68 -22.31 -20.39
C VAL B 124 -0.19 -21.30 -19.35
N PRO B 125 -0.88 -21.09 -18.19
CA PRO B 125 -0.34 -20.24 -17.12
C PRO B 125 0.87 -20.89 -16.43
N ILE B 126 1.69 -20.05 -15.77
CA ILE B 126 2.93 -20.48 -15.10
C ILE B 126 2.68 -21.52 -13.99
N GLU B 127 1.55 -21.41 -13.27
CA GLU B 127 1.13 -22.37 -12.26
C GLU B 127 0.94 -23.77 -12.86
N GLU B 128 0.30 -23.85 -14.04
CA GLU B 128 0.11 -25.10 -14.77
C GLU B 128 1.43 -25.66 -15.30
N ILE B 129 2.36 -24.79 -15.77
CA ILE B 129 3.70 -25.17 -16.21
C ILE B 129 4.49 -25.83 -15.07
N LEU B 130 4.51 -25.19 -13.90
CA LEU B 130 5.32 -25.64 -12.77
C LEU B 130 4.72 -26.86 -12.05
N LYS B 131 3.39 -27.09 -12.14
CA LYS B 131 2.78 -28.36 -11.75
C LYS B 131 3.33 -29.52 -12.59
N ALA B 132 3.53 -29.32 -13.90
CA ALA B 132 4.16 -30.30 -14.78
C ALA B 132 5.65 -30.49 -14.48
N VAL B 133 6.36 -29.44 -14.04
CA VAL B 133 7.76 -29.53 -13.60
C VAL B 133 7.89 -30.49 -12.40
N GLU B 134 7.01 -30.36 -11.39
CA GLU B 134 7.05 -31.19 -10.20
C GLU B 134 6.58 -32.63 -10.47
N ALA B 135 5.63 -32.84 -11.41
CA ALA B 135 5.16 -34.16 -11.81
C ALA B 135 6.24 -34.97 -12.52
N HIS B 136 6.87 -34.39 -13.56
CA HIS B 136 7.75 -35.08 -14.49
C HIS B 136 9.24 -34.92 -14.15
N LYS B 137 9.64 -33.84 -13.44
CA LYS B 137 11.01 -33.57 -13.00
C LYS B 137 11.94 -33.40 -14.21
N PRO B 138 11.68 -32.44 -15.12
CA PRO B 138 12.42 -32.35 -16.39
C PRO B 138 13.81 -31.73 -16.26
N HIS B 139 14.63 -31.92 -17.31
CA HIS B 139 15.92 -31.27 -17.46
C HIS B 139 15.80 -29.82 -17.94
N ALA B 140 14.69 -29.45 -18.61
CA ALA B 140 14.41 -28.05 -18.92
C ALA B 140 12.92 -27.80 -19.12
N VAL B 141 12.56 -26.50 -19.08
CA VAL B 141 11.26 -25.99 -19.49
C VAL B 141 11.44 -25.26 -20.82
N GLY B 142 10.44 -25.36 -21.70
CA GLY B 142 10.39 -24.72 -23.01
C GLY B 142 9.18 -23.80 -23.10
N MET B 143 9.38 -22.51 -23.36
CA MET B 143 8.30 -21.51 -23.41
C MET B 143 8.27 -20.86 -24.79
N SER B 144 7.07 -20.76 -25.39
CA SER B 144 6.87 -20.27 -26.75
C SER B 144 5.83 -19.14 -26.79
N GLY B 145 5.99 -18.25 -27.77
CA GLY B 145 5.14 -17.08 -27.96
C GLY B 145 5.54 -16.31 -29.23
N LEU B 146 4.56 -15.69 -29.92
CA LEU B 146 4.81 -15.04 -31.20
C LEU B 146 5.26 -13.60 -30.99
N LEU B 147 4.42 -12.77 -30.34
CA LEU B 147 4.47 -11.31 -30.40
C LEU B 147 4.90 -10.73 -29.05
N VAL B 148 5.05 -9.38 -28.99
CA VAL B 148 5.75 -8.68 -27.91
C VAL B 148 5.05 -8.91 -26.56
N LYS B 149 3.71 -8.86 -26.54
CA LYS B 149 2.94 -9.12 -25.31
C LYS B 149 3.22 -10.51 -24.75
N SER B 150 3.37 -11.55 -25.61
CA SER B 150 3.77 -12.88 -25.19
C SER B 150 5.17 -12.94 -24.59
N THR B 151 6.14 -12.15 -25.10
CA THR B 151 7.48 -12.04 -24.52
C THR B 151 7.45 -11.42 -23.12
N LEU B 152 6.53 -10.48 -22.85
CA LEU B 152 6.36 -9.90 -21.51
C LEU B 152 5.71 -10.88 -20.53
N VAL B 153 4.86 -11.81 -21.00
CA VAL B 153 4.40 -12.94 -20.20
C VAL B 153 5.58 -13.85 -19.84
N MET B 154 6.50 -14.13 -20.80
CA MET B 154 7.69 -14.95 -20.58
C MET B 154 8.58 -14.34 -19.48
N LYS B 155 8.82 -13.02 -19.55
CA LYS B 155 9.48 -12.24 -18.51
C LYS B 155 8.81 -12.44 -17.14
N GLU B 156 7.48 -12.30 -17.08
CA GLU B 156 6.74 -12.41 -15.83
C GLU B 156 6.81 -13.83 -15.24
N ASN B 157 6.74 -14.86 -16.11
CA ASN B 157 6.97 -16.25 -15.74
C ASN B 157 8.36 -16.48 -15.13
N LEU B 158 9.41 -15.82 -15.66
CA LEU B 158 10.77 -15.92 -15.11
C LEU B 158 10.87 -15.24 -13.75
N GLU B 159 10.22 -14.07 -13.58
CA GLU B 159 10.12 -13.36 -12.31
C GLU B 159 9.49 -14.25 -11.24
N TYR B 160 8.32 -14.83 -11.56
CA TYR B 160 7.61 -15.79 -10.74
C TYR B 160 8.47 -17.03 -10.41
N MET B 161 9.20 -17.56 -11.40
CA MET B 161 10.04 -18.75 -11.25
C MET B 161 11.22 -18.50 -10.30
N ARG B 162 11.98 -17.40 -10.51
CA ARG B 162 13.09 -16.99 -9.65
C ARG B 162 12.63 -16.75 -8.21
N ASP B 163 11.47 -16.10 -8.05
CA ASP B 163 10.86 -15.78 -6.77
C ASP B 163 10.46 -17.06 -6.00
N ARG B 164 9.80 -18.02 -6.69
CA ARG B 164 9.40 -19.29 -6.10
C ARG B 164 10.59 -20.24 -5.85
N GLY B 165 11.76 -19.98 -6.45
CA GLY B 165 13.04 -20.65 -6.14
C GLY B 165 13.43 -21.75 -7.11
N TYR B 166 12.90 -21.74 -8.36
CA TYR B 166 13.33 -22.65 -9.42
C TYR B 166 14.68 -22.15 -9.97
N THR B 167 15.57 -23.07 -10.34
CA THR B 167 16.79 -22.76 -11.07
C THR B 167 17.00 -23.64 -12.31
N LEU B 168 16.00 -24.45 -12.73
CA LEU B 168 16.18 -25.39 -13.83
C LEU B 168 16.24 -24.60 -15.16
N PRO B 169 16.98 -25.08 -16.19
CA PRO B 169 17.08 -24.37 -17.48
C PRO B 169 15.74 -24.08 -18.15
N VAL B 170 15.59 -22.83 -18.66
CA VAL B 170 14.40 -22.38 -19.38
C VAL B 170 14.86 -22.02 -20.78
N ILE B 171 14.26 -22.64 -21.82
CA ILE B 171 14.54 -22.34 -23.22
C ILE B 171 13.37 -21.50 -23.76
N LEU B 172 13.66 -20.31 -24.31
CA LEU B 172 12.67 -19.44 -24.92
C LEU B 172 12.85 -19.47 -26.45
N GLY B 173 11.72 -19.56 -27.19
CA GLY B 173 11.70 -19.42 -28.63
C GLY B 173 10.52 -18.55 -29.06
N GLY B 174 10.73 -17.71 -30.10
CA GLY B 174 9.72 -16.73 -30.50
C GLY B 174 10.23 -15.74 -31.54
N ALA B 175 9.29 -15.18 -32.31
CA ALA B 175 9.57 -14.23 -33.38
C ALA B 175 10.04 -12.89 -32.80
N ALA B 176 9.25 -12.31 -31.87
CA ALA B 176 9.58 -11.05 -31.19
C ALA B 176 10.87 -11.13 -30.36
N LEU B 177 11.19 -12.30 -29.80
CA LEU B 177 12.41 -12.52 -29.02
C LEU B 177 13.65 -12.46 -29.92
N THR B 178 14.68 -11.70 -29.46
CA THR B 178 16.05 -11.73 -29.98
C THR B 178 17.00 -12.31 -28.94
N ARG B 179 18.24 -12.62 -29.39
CA ARG B 179 19.29 -13.21 -28.58
C ARG B 179 19.73 -12.27 -27.46
N SER B 180 19.94 -10.98 -27.77
CA SER B 180 20.36 -9.98 -26.79
C SER B 180 19.32 -9.70 -25.70
N TYR B 181 18.01 -9.76 -26.02
CA TYR B 181 16.94 -9.61 -25.03
C TYR B 181 16.96 -10.73 -23.97
N VAL B 182 17.23 -11.99 -24.38
CA VAL B 182 17.29 -13.13 -23.48
C VAL B 182 18.52 -13.03 -22.56
N GLU B 183 19.65 -12.48 -23.05
CA GLU B 183 20.83 -12.17 -22.23
C GLU B 183 20.51 -11.13 -21.14
N GLU B 184 19.62 -10.14 -21.43
CA GLU B 184 19.13 -9.18 -20.44
C GLU B 184 18.20 -9.82 -19.42
N LEU B 185 17.37 -10.82 -19.81
CA LEU B 185 16.51 -11.57 -18.88
C LEU B 185 17.30 -12.39 -17.85
N ARG B 186 18.60 -12.66 -18.06
CA ARG B 186 19.47 -13.29 -17.07
C ARG B 186 19.72 -12.41 -15.82
N ALA B 187 19.42 -11.11 -15.87
CA ALA B 187 19.23 -10.29 -14.67
C ALA B 187 18.09 -10.80 -13.78
N ILE B 188 17.00 -11.33 -14.37
CA ILE B 188 15.88 -11.94 -13.65
C ILE B 188 16.21 -13.41 -13.33
N TYR B 189 16.43 -14.23 -14.37
CA TYR B 189 16.55 -15.69 -14.26
C TYR B 189 17.83 -16.14 -14.98
N PRO B 190 18.96 -16.41 -14.27
CA PRO B 190 20.25 -16.76 -14.90
C PRO B 190 20.28 -17.92 -15.91
N ASN B 191 19.55 -19.01 -15.62
CA ASN B 191 19.50 -20.21 -16.46
C ASN B 191 18.37 -20.10 -17.48
N VAL B 192 18.47 -19.10 -18.37
CA VAL B 192 17.55 -18.89 -19.48
C VAL B 192 18.38 -18.82 -20.77
N TYR B 193 17.87 -19.47 -21.84
CA TYR B 193 18.57 -19.67 -23.09
C TYR B 193 17.62 -19.34 -24.25
N TYR B 194 18.18 -18.73 -25.32
CA TYR B 194 17.45 -18.47 -26.55
C TYR B 194 17.68 -19.63 -27.53
N ALA B 195 16.59 -20.04 -28.22
CA ALA B 195 16.62 -21.01 -29.31
C ALA B 195 16.01 -20.36 -30.56
N GLU B 196 16.83 -20.12 -31.60
CA GLU B 196 16.40 -19.57 -32.89
C GLU B 196 15.41 -20.52 -33.60
N ASP B 197 15.72 -21.84 -33.59
CA ASP B 197 14.92 -22.89 -34.21
C ASP B 197 14.95 -24.14 -33.32
N ALA B 198 14.27 -25.21 -33.75
CA ALA B 198 14.20 -26.50 -33.06
C ALA B 198 15.58 -27.15 -32.90
N PHE B 199 16.49 -27.00 -33.87
CA PHE B 199 17.81 -27.63 -33.83
C PHE B 199 18.75 -26.97 -32.82
N GLU B 200 18.61 -25.66 -32.56
CA GLU B 200 19.27 -25.03 -31.42
C GLU B 200 18.70 -25.56 -30.09
N GLY B 201 17.37 -25.71 -30.01
CA GLY B 201 16.69 -26.37 -28.90
C GLY B 201 17.19 -27.79 -28.61
N LEU B 202 17.51 -28.56 -29.69
CA LEU B 202 18.12 -29.88 -29.58
C LEU B 202 19.54 -29.80 -29.02
N ARG B 203 20.37 -28.87 -29.52
CA ARG B 203 21.75 -28.66 -29.05
C ARG B 203 21.79 -28.31 -27.55
N LEU B 204 20.93 -27.35 -27.12
CA LEU B 204 20.80 -26.96 -25.71
C LEU B 204 20.47 -28.19 -24.84
N MET B 205 19.45 -28.96 -25.24
CA MET B 205 19.00 -30.15 -24.50
C MET B 205 20.07 -31.24 -24.42
N GLU B 206 20.81 -31.50 -25.52
CA GLU B 206 21.98 -32.39 -25.56
C GLU B 206 23.08 -31.95 -24.60
N GLU B 207 23.38 -30.64 -24.57
CA GLU B 207 24.34 -30.06 -23.64
C GLU B 207 23.87 -30.15 -22.17
N LEU B 208 22.57 -29.88 -21.92
CA LEU B 208 22.00 -29.90 -20.57
C LEU B 208 21.89 -31.31 -19.99
N THR B 209 21.47 -32.29 -20.80
CA THR B 209 21.29 -33.68 -20.37
C THR B 209 22.60 -34.48 -20.29
N GLY B 210 23.71 -33.98 -20.88
CA GLY B 210 25.01 -34.62 -20.85
C GLY B 210 25.22 -35.61 -21.99
N HIS B 211 24.95 -35.16 -23.24
CA HIS B 211 25.31 -35.87 -24.48
C HIS B 211 26.13 -35.00 -25.45
N ALA B 212 26.65 -33.84 -24.99
CA ALA B 212 27.49 -32.95 -25.79
C ALA B 212 28.22 -31.96 -24.88
N PRO B 213 29.40 -31.40 -25.28
CA PRO B 213 30.16 -30.48 -24.41
C PRO B 213 29.59 -29.05 -24.33
N PRO B 214 29.73 -28.29 -23.19
CA PRO B 214 29.19 -26.94 -23.08
C PRO B 214 29.81 -25.87 -24.01
N GLU B 215 29.01 -25.37 -24.96
CA GLU B 215 29.29 -24.17 -25.76
C GLU B 215 28.13 -23.17 -25.66
N LEU B 216 26.89 -23.63 -25.92
CA LEU B 216 25.67 -22.82 -25.82
C LEU B 216 25.29 -22.59 -24.35
N THR B 217 25.47 -23.61 -23.48
CA THR B 217 25.19 -23.54 -22.06
C THR B 217 26.42 -23.03 -21.30
N VAL B 231 19.07 13.95 -44.90
CA VAL B 231 17.85 14.53 -45.56
C VAL B 231 16.86 13.39 -45.83
N ALA B 232 15.91 13.21 -44.90
CA ALA B 232 14.90 12.16 -44.98
C ALA B 232 13.90 12.48 -46.08
N PRO B 233 13.61 11.58 -47.06
CA PRO B 233 12.48 11.75 -47.97
C PRO B 233 11.15 11.77 -47.22
N ARG B 234 10.21 12.62 -47.69
CA ARG B 234 8.95 12.92 -47.00
C ARG B 234 7.81 12.56 -47.94
N ALA B 235 6.79 11.85 -47.40
CA ALA B 235 5.57 11.54 -48.14
C ALA B 235 4.77 12.79 -48.53
N ARG B 236 4.01 12.66 -49.63
CA ARG B 236 3.14 13.71 -50.16
C ARG B 236 2.04 14.03 -49.15
N PRO B 237 1.57 15.30 -49.02
CA PRO B 237 0.41 15.63 -48.18
C PRO B 237 -0.88 14.97 -48.69
N VAL B 238 -1.69 14.46 -47.76
CA VAL B 238 -2.94 13.76 -48.09
C VAL B 238 -4.02 14.84 -48.26
N GLY B 239 -4.46 15.04 -49.51
CA GLY B 239 -5.57 15.93 -49.81
C GLY B 239 -6.94 15.30 -49.53
N GLU B 240 -7.99 16.05 -49.88
CA GLU B 240 -9.36 15.58 -49.76
C GLU B 240 -9.64 14.50 -50.81
N ALA B 241 -10.42 13.48 -50.42
CA ALA B 241 -10.98 12.49 -51.36
C ALA B 241 -11.99 13.17 -52.28
N PRO B 242 -12.22 12.71 -53.54
CA PRO B 242 -13.17 13.35 -54.45
C PRO B 242 -14.63 13.34 -53.96
N ALA B 243 -15.01 12.24 -53.29
CA ALA B 243 -16.19 12.15 -52.44
C ALA B 243 -15.91 11.19 -51.28
N VAL B 244 -16.84 11.20 -50.31
CA VAL B 244 -17.05 10.13 -49.35
C VAL B 244 -18.05 9.16 -50.01
N PRO B 245 -17.70 7.88 -50.30
CA PRO B 245 -18.67 6.94 -50.88
C PRO B 245 -19.71 6.47 -49.85
N ARG B 246 -20.94 6.21 -50.31
CA ARG B 246 -22.04 5.75 -49.47
C ARG B 246 -21.87 4.24 -49.28
N PRO B 247 -21.91 3.69 -48.03
CA PRO B 247 -21.85 2.24 -47.84
C PRO B 247 -23.19 1.58 -48.17
N PRO B 248 -23.29 0.22 -48.31
CA PRO B 248 -24.60 -0.45 -48.43
C PRO B 248 -25.52 -0.24 -47.22
N PHE B 249 -24.93 -0.22 -46.01
CA PHE B 249 -25.64 -0.05 -44.74
C PHE B 249 -24.67 0.56 -43.71
N PHE B 250 -25.24 0.97 -42.58
CA PHE B 250 -24.50 1.30 -41.36
C PHE B 250 -24.82 0.24 -40.30
N GLY B 251 -23.77 -0.24 -39.60
CA GLY B 251 -23.86 -1.39 -38.71
C GLY B 251 -22.92 -2.51 -39.16
N VAL B 252 -23.24 -3.76 -38.72
CA VAL B 252 -22.39 -4.93 -38.90
C VAL B 252 -23.27 -6.10 -39.35
N ARG B 253 -22.75 -6.96 -40.26
CA ARG B 253 -23.44 -8.14 -40.79
C ARG B 253 -22.48 -9.34 -40.85
N VAL B 254 -23.08 -10.55 -40.99
CA VAL B 254 -22.38 -11.84 -41.07
C VAL B 254 -22.62 -12.44 -42.46
N GLU B 255 -21.56 -13.03 -43.06
CA GLU B 255 -21.62 -13.83 -44.27
C GLU B 255 -20.92 -15.17 -44.01
N GLU B 256 -21.60 -16.28 -44.36
CA GLU B 256 -21.12 -17.66 -44.23
C GLU B 256 -21.22 -18.40 -45.57
N GLY B 257 -20.58 -19.57 -45.65
CA GLY B 257 -20.70 -20.50 -46.78
C GLY B 257 -20.06 -19.97 -48.07
N LEU B 258 -18.86 -19.39 -47.98
CA LEU B 258 -18.15 -18.81 -49.11
C LEU B 258 -17.45 -19.92 -49.91
N ASP B 259 -17.14 -19.63 -51.19
CA ASP B 259 -16.57 -20.59 -52.12
C ASP B 259 -15.05 -20.63 -51.94
N LEU B 260 -14.51 -21.81 -51.56
CA LEU B 260 -13.08 -21.98 -51.31
C LEU B 260 -12.26 -21.94 -52.60
N ALA B 261 -12.80 -22.47 -53.72
CA ALA B 261 -12.22 -22.35 -55.05
C ALA B 261 -12.01 -20.89 -55.49
N THR B 262 -12.98 -20.01 -55.18
CA THR B 262 -12.85 -18.57 -55.39
C THR B 262 -11.75 -17.97 -54.51
N ILE B 263 -11.74 -18.33 -53.22
CA ILE B 263 -10.77 -17.85 -52.23
C ILE B 263 -9.34 -18.29 -52.60
N ALA B 264 -9.18 -19.55 -53.06
CA ALA B 264 -7.93 -20.13 -53.55
C ALA B 264 -7.20 -19.29 -54.59
N HIS B 265 -7.94 -18.59 -55.47
CA HIS B 265 -7.37 -17.70 -56.48
C HIS B 265 -6.56 -16.54 -55.89
N TYR B 266 -6.88 -16.06 -54.66
CA TYR B 266 -6.22 -14.92 -54.01
C TYR B 266 -5.05 -15.31 -53.08
N VAL B 267 -4.55 -16.57 -53.11
CA VAL B 267 -3.45 -17.00 -52.26
C VAL B 267 -2.13 -16.43 -52.81
N ASN B 268 -1.28 -15.92 -51.90
CA ASN B 268 0.14 -15.67 -52.15
C ASN B 268 0.86 -17.02 -52.05
N LYS B 269 1.13 -17.63 -53.21
CA LYS B 269 1.77 -18.95 -53.31
C LYS B 269 3.21 -18.94 -52.82
N LEU B 270 3.96 -17.85 -53.10
CA LEU B 270 5.34 -17.71 -52.63
C LEU B 270 5.42 -17.55 -51.11
N ALA B 271 4.43 -16.88 -50.49
CA ALA B 271 4.29 -16.82 -49.04
C ALA B 271 4.00 -18.21 -48.43
N LEU B 272 3.17 -19.02 -49.11
CA LEU B 272 2.87 -20.39 -48.71
C LEU B 272 4.12 -21.27 -48.85
N TYR B 273 4.69 -21.33 -50.07
CA TYR B 273 5.75 -22.28 -50.42
C TYR B 273 7.04 -21.99 -49.64
N ARG B 274 7.49 -20.70 -49.61
CA ARG B 274 8.69 -20.28 -48.91
C ARG B 274 8.40 -20.05 -47.42
N GLY B 275 7.44 -19.14 -47.13
CA GLY B 275 7.24 -18.60 -45.80
C GLY B 275 6.73 -19.62 -44.77
N GLN B 276 5.73 -20.44 -45.16
CA GLN B 276 5.04 -21.38 -44.28
C GLN B 276 5.61 -22.80 -44.36
N TRP B 277 5.86 -23.30 -45.59
CA TRP B 277 6.28 -24.69 -45.82
C TRP B 277 7.80 -24.86 -45.81
N GLY B 278 8.57 -23.82 -46.18
CA GLY B 278 10.02 -23.82 -46.02
C GLY B 278 10.78 -24.53 -47.16
N TYR B 279 10.21 -24.56 -48.38
CA TYR B 279 10.98 -24.76 -49.61
C TYR B 279 11.81 -23.50 -49.89
N SER B 280 12.99 -23.64 -50.51
CA SER B 280 13.96 -22.56 -50.65
C SER B 280 14.70 -22.63 -51.99
N ARG B 281 15.18 -21.46 -52.46
CA ARG B 281 16.31 -21.32 -53.38
C ARG B 281 17.61 -21.16 -52.59
N LYS B 282 18.69 -20.66 -53.20
CA LYS B 282 19.92 -20.24 -52.54
C LYS B 282 20.79 -21.47 -52.25
N GLY B 283 20.25 -22.50 -51.57
CA GLY B 283 20.74 -23.87 -51.59
C GLY B 283 20.51 -24.66 -52.88
N LEU B 284 19.67 -24.17 -53.83
CA LEU B 284 19.43 -24.77 -55.14
C LEU B 284 19.55 -23.73 -56.25
N SER B 285 19.57 -24.23 -57.50
CA SER B 285 19.54 -23.43 -58.72
C SER B 285 18.09 -23.07 -59.11
N ARG B 286 17.95 -22.13 -60.07
CA ARG B 286 16.67 -21.66 -60.56
C ARG B 286 15.91 -22.73 -61.36
N GLU B 287 16.63 -23.65 -62.04
CA GLU B 287 16.01 -24.80 -62.70
C GLU B 287 15.40 -25.76 -61.66
N ALA B 288 16.13 -26.05 -60.57
CA ALA B 288 15.65 -26.92 -59.50
C ALA B 288 14.53 -26.28 -58.66
N TRP B 289 14.46 -24.94 -58.57
CA TRP B 289 13.35 -24.23 -57.95
C TRP B 289 12.05 -24.41 -58.73
N GLN B 290 12.08 -24.14 -60.06
CA GLN B 290 10.95 -24.33 -60.96
C GLN B 290 10.46 -25.78 -60.96
N ALA B 291 11.39 -26.74 -60.88
CA ALA B 291 11.09 -28.16 -60.66
C ALA B 291 10.39 -28.41 -59.32
N LEU B 292 10.97 -27.91 -58.22
CA LEU B 292 10.50 -28.14 -56.85
C LEU B 292 9.07 -27.62 -56.62
N VAL B 293 8.72 -26.46 -57.20
CA VAL B 293 7.37 -25.90 -57.13
C VAL B 293 6.38 -26.81 -57.87
N GLU B 294 6.69 -27.12 -59.14
CA GLU B 294 5.81 -27.92 -60.01
C GLU B 294 5.69 -29.38 -59.55
N ARG B 295 6.79 -29.98 -59.04
CA ARG B 295 6.83 -31.38 -58.62
C ARG B 295 6.15 -31.59 -57.26
N GLU B 296 6.55 -30.79 -56.24
CA GLU B 296 6.21 -31.03 -54.84
C GLU B 296 5.13 -30.06 -54.37
N ALA B 297 5.36 -28.75 -54.49
CA ALA B 297 4.57 -27.73 -53.80
C ALA B 297 3.16 -27.58 -54.40
N GLU B 298 3.07 -27.41 -55.72
CA GLU B 298 1.81 -27.11 -56.41
C GLU B 298 0.82 -28.28 -56.32
N PRO B 299 1.22 -29.57 -56.50
CA PRO B 299 0.35 -30.71 -56.18
C PRO B 299 -0.23 -30.82 -54.76
N VAL B 300 0.54 -30.40 -53.74
CA VAL B 300 0.06 -30.34 -52.35
C VAL B 300 -1.06 -29.30 -52.22
N PHE B 301 -0.89 -28.10 -52.83
CA PHE B 301 -1.91 -27.05 -52.85
C PHE B 301 -3.24 -27.55 -53.42
N GLN B 302 -3.18 -28.22 -54.58
CA GLN B 302 -4.36 -28.78 -55.25
C GLN B 302 -5.01 -29.89 -54.40
N ARG B 303 -4.20 -30.78 -53.80
CA ARG B 303 -4.67 -31.85 -52.93
C ARG B 303 -5.39 -31.30 -51.69
N LEU B 304 -4.78 -30.32 -51.00
CA LEU B 304 -5.36 -29.75 -49.79
C LEU B 304 -6.65 -28.97 -50.08
N LEU B 305 -6.69 -28.20 -51.20
CA LEU B 305 -7.87 -27.46 -51.63
C LEU B 305 -9.06 -28.38 -51.91
N LYS B 306 -8.83 -29.42 -52.74
CA LYS B 306 -9.84 -30.42 -53.07
C LYS B 306 -10.36 -31.15 -51.82
N GLU B 307 -9.43 -31.59 -50.95
CA GLU B 307 -9.76 -32.29 -49.70
C GLU B 307 -10.51 -31.38 -48.71
N ALA B 308 -10.10 -30.11 -48.59
CA ALA B 308 -10.76 -29.11 -47.74
C ALA B 308 -12.20 -28.83 -48.18
N MET B 309 -12.46 -28.79 -49.51
CA MET B 309 -13.80 -28.63 -50.06
C MET B 309 -14.69 -29.84 -49.72
N ALA B 310 -14.19 -31.06 -49.95
CA ALA B 310 -14.95 -32.29 -49.77
C ALA B 310 -15.25 -32.58 -48.30
N GLU B 311 -14.18 -32.61 -47.48
CA GLU B 311 -14.28 -32.96 -46.05
C GLU B 311 -14.83 -31.81 -45.21
N GLY B 312 -14.42 -30.56 -45.51
CA GLY B 312 -14.99 -29.36 -44.91
C GLY B 312 -14.23 -28.89 -43.66
N TRP B 313 -12.89 -28.90 -43.72
CA TRP B 313 -12.02 -28.49 -42.61
C TRP B 313 -11.50 -27.05 -42.76
N LEU B 314 -11.93 -26.31 -43.81
CA LEU B 314 -11.97 -24.85 -43.83
C LEU B 314 -13.43 -24.40 -43.85
N GLU B 315 -13.80 -23.51 -42.91
CA GLU B 315 -15.16 -22.99 -42.72
C GLU B 315 -15.11 -21.48 -42.90
N PRO B 316 -15.04 -20.93 -44.15
CA PRO B 316 -14.86 -19.49 -44.36
C PRO B 316 -16.08 -18.68 -43.90
N LYS B 317 -15.85 -17.71 -43.00
CA LYS B 317 -16.88 -16.86 -42.39
C LYS B 317 -16.34 -15.42 -42.30
N VAL B 318 -17.24 -14.43 -42.39
CA VAL B 318 -16.89 -13.01 -42.36
C VAL B 318 -17.90 -12.27 -41.47
N LEU B 319 -17.38 -11.44 -40.56
CA LEU B 319 -18.13 -10.39 -39.86
C LEU B 319 -17.62 -9.05 -40.40
N TYR B 320 -18.53 -8.25 -40.99
CA TYR B 320 -18.18 -7.05 -41.75
C TYR B 320 -19.20 -5.93 -41.53
N GLY B 321 -18.76 -4.69 -41.74
CA GLY B 321 -19.58 -3.53 -41.43
C GLY B 321 -18.96 -2.19 -41.79
N PHE B 322 -19.77 -1.14 -41.64
CA PHE B 322 -19.42 0.25 -41.92
C PHE B 322 -19.96 1.14 -40.79
N PHE B 323 -19.14 2.11 -40.33
CA PHE B 323 -19.48 3.01 -39.24
C PHE B 323 -19.28 4.46 -39.67
N PRO B 324 -20.09 5.44 -39.16
CA PRO B 324 -19.78 6.87 -39.32
C PRO B 324 -18.59 7.23 -38.43
N VAL B 325 -17.59 7.93 -39.01
CA VAL B 325 -16.38 8.30 -38.30
C VAL B 325 -16.04 9.77 -38.56
N ALA B 326 -15.10 10.27 -37.76
CA ALA B 326 -14.46 11.57 -37.99
C ALA B 326 -13.13 11.64 -37.25
N ARG B 327 -12.19 12.43 -37.82
CA ARG B 327 -10.92 12.74 -37.16
C ARG B 327 -11.16 13.90 -36.18
N GLU B 328 -10.67 13.76 -34.94
CA GLU B 328 -10.46 14.85 -34.00
C GLU B 328 -9.02 14.75 -33.49
N GLY B 329 -8.15 15.68 -33.90
CA GLY B 329 -6.75 15.62 -33.56
C GLY B 329 -6.02 14.46 -34.23
N GLU B 330 -5.29 13.67 -33.42
CA GLU B 330 -4.65 12.41 -33.80
C GLU B 330 -5.56 11.19 -33.54
N GLU B 331 -6.80 11.37 -33.07
CA GLU B 331 -7.75 10.30 -32.79
C GLU B 331 -8.75 10.17 -33.95
N LEU B 332 -9.11 8.93 -34.30
CA LEU B 332 -10.28 8.61 -35.11
C LEU B 332 -11.42 8.24 -34.17
N LEU B 333 -12.54 8.98 -34.25
CA LEU B 333 -13.72 8.76 -33.42
C LEU B 333 -14.71 7.90 -34.22
N VAL B 334 -15.24 6.83 -33.61
CA VAL B 334 -16.29 6.00 -34.19
C VAL B 334 -17.61 6.37 -33.50
N PHE B 335 -18.64 6.73 -34.30
CA PHE B 335 -19.93 7.19 -33.79
C PHE B 335 -20.98 6.08 -33.95
N SER B 336 -21.97 6.08 -33.03
CA SER B 336 -23.12 5.19 -33.11
C SER B 336 -24.02 5.59 -34.29
N PRO B 337 -24.38 4.67 -35.23
CA PRO B 337 -25.35 4.99 -36.26
C PRO B 337 -26.81 5.19 -35.82
N GLU B 338 -27.16 4.83 -34.57
CA GLU B 338 -28.48 5.05 -33.98
C GLU B 338 -28.51 6.37 -33.21
N THR B 339 -27.63 6.52 -32.20
CA THR B 339 -27.65 7.63 -31.25
C THR B 339 -26.71 8.78 -31.63
N GLY B 340 -25.65 8.53 -32.43
CA GLY B 340 -24.61 9.51 -32.68
C GLY B 340 -23.62 9.72 -31.53
N GLU B 341 -23.60 8.87 -30.49
CA GLU B 341 -22.64 8.93 -29.41
C GLU B 341 -21.30 8.35 -29.87
N VAL B 342 -20.18 8.93 -29.42
CA VAL B 342 -18.83 8.44 -29.70
C VAL B 342 -18.64 7.13 -28.91
N LEU B 343 -18.57 5.99 -29.61
CA LEU B 343 -18.45 4.66 -29.01
C LEU B 343 -16.99 4.33 -28.70
N GLU B 344 -16.08 4.54 -29.67
CA GLU B 344 -14.66 4.24 -29.54
C GLU B 344 -13.81 5.35 -30.17
N ARG B 345 -12.58 5.48 -29.66
CA ARG B 345 -11.55 6.40 -30.13
C ARG B 345 -10.30 5.59 -30.42
N PHE B 346 -9.82 5.60 -31.69
CA PHE B 346 -8.58 4.95 -32.09
C PHE B 346 -7.51 6.03 -32.25
N ARG B 347 -6.35 5.86 -31.58
CA ARG B 347 -5.19 6.71 -31.76
C ARG B 347 -4.12 5.89 -32.49
N PHE B 348 -3.75 6.30 -33.72
CA PHE B 348 -2.77 5.62 -34.56
C PHE B 348 -1.43 6.36 -34.47
N PRO B 349 -0.26 5.69 -34.65
CA PRO B 349 1.05 6.37 -34.64
C PRO B 349 1.34 7.07 -35.97
N ARG B 350 2.21 8.09 -35.92
CA ARG B 350 2.65 8.86 -37.09
C ARG B 350 4.12 8.52 -37.40
N GLN B 351 4.51 8.63 -38.69
CA GLN B 351 5.88 8.48 -39.15
C GLN B 351 6.80 9.56 -38.56
N LYS B 352 8.12 9.26 -38.54
CA LYS B 352 9.13 10.12 -37.96
C LYS B 352 9.33 11.37 -38.83
N GLY B 353 9.47 12.53 -38.17
CA GLY B 353 9.39 13.84 -38.81
C GLY B 353 7.97 14.20 -39.26
N GLY B 354 6.94 13.80 -38.48
CA GLY B 354 5.53 14.09 -38.70
C GLY B 354 5.00 13.77 -40.10
N GLY B 355 5.29 12.56 -40.60
CA GLY B 355 4.81 12.10 -41.90
C GLY B 355 3.38 11.55 -41.80
N LEU B 356 3.14 10.39 -42.43
CA LEU B 356 1.80 9.87 -42.62
C LEU B 356 1.30 9.13 -41.37
N SER B 357 -0.02 9.24 -41.11
CA SER B 357 -0.78 8.44 -40.15
C SER B 357 -2.10 7.98 -40.80
N LEU B 358 -2.72 6.93 -40.25
CA LEU B 358 -4.03 6.45 -40.70
C LEU B 358 -5.14 7.49 -40.57
N VAL B 359 -5.08 8.36 -39.55
CA VAL B 359 -6.05 9.45 -39.36
C VAL B 359 -6.05 10.48 -40.50
N ASP B 360 -4.95 10.63 -41.26
CA ASP B 360 -4.89 11.52 -42.42
C ASP B 360 -5.86 11.15 -43.55
N TYR B 361 -6.35 9.90 -43.60
CA TYR B 361 -7.34 9.46 -44.57
C TYR B 361 -8.77 9.78 -44.18
N PHE B 362 -9.04 10.35 -42.99
CA PHE B 362 -10.40 10.59 -42.49
C PHE B 362 -10.65 12.10 -42.42
N ARG B 363 -11.86 12.51 -42.82
CA ARG B 363 -12.29 13.90 -42.83
C ARG B 363 -12.40 14.42 -41.40
N PRO B 364 -12.03 15.71 -41.11
CA PRO B 364 -12.17 16.26 -39.76
C PRO B 364 -13.61 16.33 -39.26
N ARG B 365 -13.78 16.25 -37.92
CA ARG B 365 -15.08 16.38 -37.26
C ARG B 365 -15.67 17.78 -37.54
N PHE B 366 -16.98 17.82 -37.82
CA PHE B 366 -17.72 19.04 -38.20
C PHE B 366 -17.25 19.72 -39.49
N ALA B 367 -16.42 19.09 -40.34
CA ALA B 367 -15.89 19.72 -41.55
C ALA B 367 -16.99 19.85 -42.60
N ALA B 368 -16.86 20.84 -43.50
CA ALA B 368 -17.86 21.13 -44.52
C ALA B 368 -17.99 19.93 -45.46
N PRO B 369 -19.19 19.33 -45.67
CA PRO B 369 -19.38 18.24 -46.65
C PRO B 369 -18.80 18.49 -48.05
N LEU B 370 -18.21 17.45 -48.66
CA LEU B 370 -17.64 17.53 -50.00
C LEU B 370 -18.76 17.57 -51.05
N GLY B 371 -19.74 16.66 -50.94
CA GLY B 371 -20.91 16.58 -51.83
C GLY B 371 -22.20 16.39 -51.04
N ASP B 372 -22.79 15.18 -51.10
CA ASP B 372 -24.15 14.92 -50.67
C ASP B 372 -24.22 14.05 -49.40
N GLU B 373 -23.21 14.11 -48.51
CA GLU B 373 -23.09 13.14 -47.41
C GLU B 373 -24.09 13.42 -46.28
N ALA B 374 -24.47 14.69 -46.07
CA ALA B 374 -25.56 15.12 -45.20
C ALA B 374 -26.91 14.48 -45.53
N ASP B 375 -27.16 14.12 -46.80
CA ASP B 375 -28.36 13.44 -47.25
C ASP B 375 -28.49 12.01 -46.73
N TRP B 376 -27.38 11.25 -46.59
CA TRP B 376 -27.38 9.81 -46.29
C TRP B 376 -26.61 9.43 -45.02
N MET B 377 -25.68 10.26 -44.50
CA MET B 377 -25.01 9.99 -43.22
C MET B 377 -26.06 9.88 -42.10
N PRO B 378 -25.96 8.92 -41.12
CA PRO B 378 -26.92 8.84 -40.02
C PRO B 378 -27.07 10.15 -39.25
N LYS B 379 -28.33 10.50 -38.91
CA LYS B 379 -28.75 11.87 -38.61
C LYS B 379 -28.04 12.40 -37.36
N GLU B 380 -28.07 11.61 -36.28
CA GLU B 380 -27.50 12.02 -35.00
C GLU B 380 -25.97 12.01 -35.03
N ALA B 381 -25.36 11.01 -35.71
CA ALA B 381 -23.90 10.94 -35.88
C ALA B 381 -23.37 12.14 -36.68
N PHE B 382 -24.09 12.52 -37.75
CA PHE B 382 -23.79 13.73 -38.52
C PHE B 382 -23.94 15.00 -37.68
N ARG B 383 -24.98 15.11 -36.85
CA ARG B 383 -25.17 16.26 -35.96
C ARG B 383 -24.11 16.31 -34.85
N ALA B 384 -23.64 15.15 -34.35
CA ALA B 384 -22.49 15.04 -33.45
C ALA B 384 -21.13 15.24 -34.14
N GLY B 385 -21.07 15.32 -35.48
CA GLY B 385 -19.92 15.76 -36.27
C GLY B 385 -19.28 14.71 -37.19
N ALA B 386 -19.91 13.54 -37.41
CA ALA B 386 -19.39 12.51 -38.30
C ALA B 386 -19.43 13.00 -39.75
N ARG B 387 -18.29 12.88 -40.47
CA ARG B 387 -18.14 13.34 -41.86
C ARG B 387 -17.48 12.30 -42.77
N ASP B 388 -17.33 11.04 -42.32
CA ASP B 388 -16.64 10.02 -43.09
C ASP B 388 -17.16 8.64 -42.68
N VAL B 389 -16.73 7.60 -43.42
CA VAL B 389 -17.15 6.22 -43.25
C VAL B 389 -15.91 5.32 -43.23
N LEU B 390 -15.88 4.35 -42.28
CA LEU B 390 -14.81 3.38 -42.08
C LEU B 390 -15.42 1.99 -42.27
N GLY B 391 -14.88 1.21 -43.22
CA GLY B 391 -15.16 -0.22 -43.31
C GLY B 391 -14.39 -1.00 -42.24
N VAL B 392 -15.01 -2.07 -41.72
CA VAL B 392 -14.39 -3.01 -40.80
C VAL B 392 -14.71 -4.42 -41.30
N GLN B 393 -13.72 -5.34 -41.25
CA GLN B 393 -13.93 -6.76 -41.52
C GLN B 393 -13.15 -7.60 -40.51
N LEU B 394 -13.75 -8.71 -40.06
CA LEU B 394 -13.08 -9.83 -39.40
C LEU B 394 -13.42 -11.09 -40.20
N VAL B 395 -12.38 -11.85 -40.60
CA VAL B 395 -12.51 -13.08 -41.38
C VAL B 395 -11.90 -14.21 -40.56
N THR B 396 -12.41 -15.43 -40.77
CA THR B 396 -11.90 -16.64 -40.14
C THR B 396 -12.17 -17.85 -41.04
N MET B 397 -11.39 -18.92 -40.86
CA MET B 397 -11.69 -20.25 -41.40
C MET B 397 -12.25 -21.21 -40.34
N GLY B 398 -12.68 -20.70 -39.16
CA GLY B 398 -13.23 -21.50 -38.08
C GLY B 398 -12.17 -22.18 -37.24
N GLU B 399 -12.64 -22.94 -36.24
CA GLU B 399 -11.83 -23.85 -35.44
C GLU B 399 -11.47 -25.14 -36.21
N ALA B 400 -12.23 -25.51 -37.25
CA ALA B 400 -12.05 -26.73 -38.04
C ALA B 400 -10.61 -26.99 -38.54
N PRO B 401 -9.84 -26.03 -39.10
CA PRO B 401 -8.45 -26.27 -39.52
C PRO B 401 -7.48 -26.57 -38.37
N SER B 402 -7.64 -25.88 -37.21
CA SER B 402 -6.95 -26.20 -35.97
C SER B 402 -7.24 -27.64 -35.51
N ARG B 403 -8.52 -28.06 -35.55
CA ARG B 403 -8.92 -29.43 -35.24
C ARG B 403 -8.31 -30.45 -36.21
N LYS B 404 -8.23 -30.12 -37.51
CA LYS B 404 -7.67 -31.01 -38.53
C LYS B 404 -6.17 -31.18 -38.36
N ALA B 405 -5.43 -30.06 -38.16
CA ALA B 405 -4.00 -30.06 -37.91
C ALA B 405 -3.61 -30.87 -36.67
N GLN B 406 -4.38 -30.73 -35.58
CA GLN B 406 -4.16 -31.45 -34.32
C GLN B 406 -4.35 -32.97 -34.47
N ALA B 407 -5.30 -33.41 -35.33
CA ALA B 407 -5.47 -34.82 -35.67
C ALA B 407 -4.28 -35.39 -36.47
N LEU B 408 -3.75 -34.62 -37.44
CA LEU B 408 -2.56 -34.98 -38.20
C LEU B 408 -1.31 -35.07 -37.33
N PHE B 409 -1.15 -34.12 -36.38
CA PHE B 409 -0.06 -34.09 -35.42
C PHE B 409 -0.09 -35.30 -34.47
N ALA B 410 -1.28 -35.59 -33.88
CA ALA B 410 -1.49 -36.68 -32.93
C ALA B 410 -1.21 -38.06 -33.53
N SER B 411 -1.69 -38.31 -34.76
CA SER B 411 -1.48 -39.57 -35.46
C SER B 411 -0.05 -39.76 -36.00
N GLY B 412 0.76 -38.68 -36.07
CA GLY B 412 2.18 -38.75 -36.41
C GLY B 412 2.51 -38.35 -37.86
N ALA B 413 1.52 -37.87 -38.65
CA ALA B 413 1.75 -37.36 -39.99
C ALA B 413 2.26 -35.92 -39.90
N TYR B 414 3.59 -35.77 -39.70
CA TYR B 414 4.23 -34.51 -39.36
C TYR B 414 4.33 -33.58 -40.56
N GLN B 415 4.65 -34.13 -41.75
CA GLN B 415 4.70 -33.38 -43.01
C GLN B 415 3.34 -32.77 -43.34
N ASP B 416 2.25 -33.57 -43.24
CA ASP B 416 0.88 -33.10 -43.48
C ASP B 416 0.40 -32.07 -42.44
N TYR B 417 0.89 -32.13 -41.19
CA TYR B 417 0.66 -31.09 -40.19
C TYR B 417 1.20 -29.73 -40.64
N LEU B 418 2.46 -29.67 -41.08
CA LEU B 418 3.08 -28.45 -41.60
C LEU B 418 2.33 -27.91 -42.82
N PHE B 419 1.97 -28.81 -43.75
CA PHE B 419 1.28 -28.43 -44.98
C PHE B 419 -0.10 -27.83 -44.71
N VAL B 420 -0.91 -28.48 -43.85
CA VAL B 420 -2.27 -28.05 -43.52
C VAL B 420 -2.26 -26.75 -42.70
N HIS B 421 -1.28 -26.58 -41.79
CA HIS B 421 -1.13 -25.32 -41.04
C HIS B 421 -0.89 -24.14 -41.98
N GLY B 422 0.13 -24.26 -42.84
CA GLY B 422 0.54 -23.20 -43.76
C GLY B 422 -0.55 -22.82 -44.77
N PHE B 423 -1.20 -23.85 -45.34
CA PHE B 423 -2.37 -23.72 -46.19
C PHE B 423 -3.50 -22.95 -45.51
N SER B 424 -3.82 -23.31 -44.25
CA SER B 424 -4.85 -22.66 -43.45
C SER B 424 -4.52 -21.18 -43.16
N VAL B 425 -3.25 -20.85 -42.91
CA VAL B 425 -2.78 -19.49 -42.69
C VAL B 425 -2.99 -18.64 -43.96
N GLU B 426 -2.51 -19.13 -45.12
CA GLU B 426 -2.53 -18.37 -46.37
C GLU B 426 -3.91 -18.33 -47.04
N MET B 427 -4.78 -19.33 -46.79
CA MET B 427 -6.18 -19.28 -47.21
C MET B 427 -7.00 -18.27 -46.40
N THR B 428 -6.69 -18.04 -45.11
CA THR B 428 -7.30 -17.00 -44.29
C THR B 428 -6.92 -15.61 -44.78
N GLU B 429 -5.63 -15.40 -45.11
CA GLU B 429 -5.15 -14.17 -45.73
C GLU B 429 -5.78 -13.96 -47.12
N ALA B 430 -5.95 -15.06 -47.90
CA ALA B 430 -6.64 -15.01 -49.19
C ALA B 430 -8.10 -14.57 -49.02
N LEU B 431 -8.82 -15.13 -48.02
CA LEU B 431 -10.18 -14.72 -47.65
C LEU B 431 -10.27 -13.24 -47.24
N ALA B 432 -9.24 -12.71 -46.54
CA ALA B 432 -9.15 -11.28 -46.24
C ALA B 432 -8.99 -10.45 -47.51
N GLU B 433 -8.16 -10.95 -48.46
CA GLU B 433 -7.94 -10.30 -49.74
C GLU B 433 -9.22 -10.27 -50.59
N TYR B 434 -9.88 -11.44 -50.72
CA TYR B 434 -11.17 -11.60 -51.41
C TYR B 434 -12.26 -10.68 -50.83
N TRP B 435 -12.43 -10.68 -49.49
CA TRP B 435 -13.48 -9.89 -48.87
C TRP B 435 -13.20 -8.38 -48.99
N HIS B 436 -11.93 -7.94 -48.94
CA HIS B 436 -11.57 -6.56 -49.24
C HIS B 436 -12.09 -6.12 -50.62
N LYS B 437 -11.93 -6.98 -51.66
CA LYS B 437 -12.53 -6.76 -52.98
C LYS B 437 -14.04 -6.63 -52.90
N ARG B 438 -14.70 -7.51 -52.13
CA ARG B 438 -16.15 -7.48 -51.94
C ARG B 438 -16.60 -6.22 -51.20
N MET B 439 -15.82 -5.74 -50.20
CA MET B 439 -16.07 -4.48 -49.50
C MET B 439 -16.01 -3.30 -50.48
N ARG B 440 -15.02 -3.29 -51.39
CA ARG B 440 -14.89 -2.27 -52.43
C ARG B 440 -16.10 -2.24 -53.38
N GLN B 441 -16.60 -3.43 -53.76
CA GLN B 441 -17.77 -3.56 -54.65
C GLN B 441 -19.04 -3.05 -53.98
N MET B 442 -19.29 -3.49 -52.73
CA MET B 442 -20.37 -2.99 -51.89
C MET B 442 -20.31 -1.47 -51.70
N TRP B 443 -19.09 -0.94 -51.46
CA TRP B 443 -18.89 0.47 -51.17
C TRP B 443 -19.05 1.36 -52.41
N GLY B 444 -18.89 0.82 -53.63
CA GLY B 444 -18.93 1.58 -54.89
C GLY B 444 -17.57 2.12 -55.34
N ILE B 445 -16.45 1.53 -54.85
CA ILE B 445 -15.09 1.97 -55.19
C ILE B 445 -14.31 0.87 -55.94
N ALA B 446 -14.99 -0.17 -56.48
CA ALA B 446 -14.32 -1.31 -57.11
C ALA B 446 -14.01 -1.09 -58.61
N HIS B 447 -14.54 -0.04 -59.24
CA HIS B 447 -14.64 0.05 -60.71
C HIS B 447 -13.28 0.02 -61.42
N GLN B 448 -12.25 0.61 -60.76
CA GLN B 448 -10.85 0.61 -61.21
C GLN B 448 -9.99 -0.39 -60.40
N ASP B 449 -10.52 -1.61 -60.14
CA ASP B 449 -9.75 -2.73 -59.60
C ASP B 449 -8.80 -3.33 -60.65
N ALA B 450 -7.90 -4.21 -60.16
CA ALA B 450 -6.97 -4.97 -60.98
C ALA B 450 -7.68 -6.16 -61.65
N THR B 451 -7.41 -6.38 -62.95
CA THR B 451 -8.05 -7.43 -63.74
C THR B 451 -7.52 -8.81 -63.32
N GLU B 452 -6.24 -8.91 -62.94
CA GLU B 452 -5.57 -10.13 -62.52
C GLU B 452 -5.28 -10.10 -61.01
N ILE B 453 -4.87 -11.26 -60.47
CA ILE B 453 -4.48 -11.44 -59.07
C ILE B 453 -2.98 -11.14 -58.86
N GLN B 454 -2.11 -11.35 -59.87
CA GLN B 454 -0.72 -10.90 -59.81
C GLN B 454 -0.60 -9.37 -59.65
N LYS B 455 -1.49 -8.63 -60.34
CA LYS B 455 -1.56 -7.16 -60.24
C LYS B 455 -2.15 -6.69 -58.90
N LEU B 456 -2.99 -7.50 -58.24
CA LEU B 456 -3.50 -7.23 -56.88
C LEU B 456 -2.38 -7.19 -55.83
N PHE B 457 -1.25 -7.90 -56.03
CA PHE B 457 -0.08 -7.83 -55.15
C PHE B 457 0.74 -6.55 -55.34
N GLN B 458 0.53 -5.78 -56.44
CA GLN B 458 1.06 -4.43 -56.65
C GLN B 458 0.15 -3.34 -56.07
N GLN B 459 -1.05 -3.66 -55.50
CA GLN B 459 -1.97 -2.73 -54.86
C GLN B 459 -2.57 -1.82 -55.94
N GLY B 460 -3.35 -2.44 -56.84
CA GLY B 460 -4.05 -1.78 -57.94
C GLY B 460 -5.55 -1.73 -57.69
N TYR B 461 -5.95 -1.00 -56.64
CA TYR B 461 -7.35 -0.74 -56.29
C TYR B 461 -7.45 0.57 -55.52
N GLN B 462 -8.68 1.08 -55.36
CA GLN B 462 -8.94 2.27 -54.55
C GLN B 462 -8.87 1.89 -53.07
N GLY B 463 -8.08 2.64 -52.30
CA GLY B 463 -8.00 2.48 -50.86
C GLY B 463 -7.05 1.38 -50.42
N ALA B 464 -7.15 1.02 -49.13
CA ALA B 464 -6.26 0.06 -48.50
C ALA B 464 -6.90 -0.60 -47.28
N ARG B 465 -6.32 -1.75 -46.90
CA ARG B 465 -6.72 -2.59 -45.80
C ARG B 465 -5.56 -2.60 -44.81
N TYR B 466 -5.82 -2.25 -43.54
CA TYR B 466 -4.80 -2.24 -42.49
C TYR B 466 -5.26 -3.19 -41.39
N SER B 467 -4.53 -4.31 -41.24
CA SER B 467 -4.75 -5.31 -40.20
C SER B 467 -3.95 -4.92 -38.96
N PHE B 468 -4.47 -5.30 -37.77
CA PHE B 468 -3.87 -4.91 -36.50
C PHE B 468 -2.60 -5.75 -36.30
N GLY B 469 -1.51 -5.08 -35.87
CA GLY B 469 -0.16 -5.64 -35.87
C GLY B 469 0.74 -5.17 -37.01
N TYR B 470 0.18 -4.64 -38.13
CA TYR B 470 0.94 -3.98 -39.19
C TYR B 470 1.50 -2.63 -38.71
N PRO B 471 2.55 -2.05 -39.35
CA PRO B 471 3.13 -0.75 -38.91
C PRO B 471 2.20 0.44 -38.71
N ALA B 472 1.16 0.56 -39.56
CA ALA B 472 0.22 1.67 -39.53
C ALA B 472 -0.76 1.61 -38.34
N CYS B 473 -1.06 0.39 -37.83
CA CYS B 473 -1.87 0.20 -36.63
C CYS B 473 -1.32 -1.02 -35.87
N PRO B 474 -0.18 -0.87 -35.14
CA PRO B 474 0.51 -2.02 -34.53
C PRO B 474 -0.06 -2.55 -33.20
N ASP B 475 -0.87 -1.75 -32.48
CA ASP B 475 -1.35 -2.09 -31.16
C ASP B 475 -2.50 -3.10 -31.31
N LEU B 476 -2.28 -4.36 -30.88
CA LEU B 476 -3.30 -5.41 -30.91
C LEU B 476 -4.43 -5.17 -29.89
N ALA B 477 -4.20 -4.35 -28.83
CA ALA B 477 -5.24 -3.87 -27.91
C ALA B 477 -6.43 -3.21 -28.62
N ASP B 478 -6.20 -2.48 -29.73
CA ASP B 478 -7.24 -1.81 -30.49
C ASP B 478 -8.25 -2.76 -31.15
N GLN B 479 -7.95 -4.06 -31.27
CA GLN B 479 -8.93 -5.09 -31.61
C GLN B 479 -10.08 -5.20 -30.61
N ALA B 480 -9.86 -4.91 -29.31
CA ALA B 480 -10.91 -4.89 -28.29
C ALA B 480 -12.04 -3.90 -28.60
N LYS B 481 -11.69 -2.74 -29.16
CA LYS B 481 -12.64 -1.70 -29.57
C LYS B 481 -13.51 -2.23 -30.71
N LEU B 482 -12.86 -2.87 -31.70
CA LEU B 482 -13.51 -3.53 -32.83
C LEU B 482 -14.44 -4.67 -32.36
N ASP B 483 -14.06 -5.42 -31.32
CA ASP B 483 -14.89 -6.48 -30.73
C ASP B 483 -16.17 -5.91 -30.09
N ARG B 484 -16.04 -4.84 -29.30
CA ARG B 484 -17.19 -4.15 -28.70
C ARG B 484 -18.15 -3.59 -29.78
N LEU B 485 -17.61 -3.07 -30.90
CA LEU B 485 -18.42 -2.62 -32.03
C LEU B 485 -19.14 -3.77 -32.75
N MET B 486 -18.39 -4.82 -33.11
CA MET B 486 -18.82 -5.85 -34.07
C MET B 486 -19.41 -7.08 -33.39
N GLY B 487 -18.76 -7.59 -32.31
CA GLY B 487 -19.15 -8.83 -31.66
C GLY B 487 -18.51 -10.05 -32.32
N PHE B 488 -17.23 -10.31 -31.98
CA PHE B 488 -16.41 -11.34 -32.60
C PHE B 488 -16.96 -12.76 -32.42
N HIS B 489 -17.64 -13.03 -31.29
CA HIS B 489 -18.38 -14.26 -31.01
C HIS B 489 -19.34 -14.72 -32.12
N ARG B 490 -19.91 -13.79 -32.90
CA ARG B 490 -20.80 -14.07 -34.04
C ARG B 490 -20.19 -15.01 -35.10
N VAL B 491 -18.86 -15.01 -35.27
CA VAL B 491 -18.14 -15.92 -36.17
C VAL B 491 -17.18 -16.83 -35.38
N GLY B 492 -17.50 -17.14 -34.12
CA GLY B 492 -16.73 -18.05 -33.27
C GLY B 492 -15.35 -17.55 -32.83
N VAL B 493 -15.08 -16.22 -32.89
CA VAL B 493 -13.77 -15.64 -32.61
C VAL B 493 -13.82 -14.96 -31.24
N ARG B 494 -12.73 -15.10 -30.44
CA ARG B 494 -12.54 -14.34 -29.21
C ARG B 494 -11.14 -13.71 -29.18
N LEU B 495 -10.98 -12.71 -28.28
CA LEU B 495 -9.68 -12.14 -27.91
C LEU B 495 -9.18 -12.77 -26.62
N THR B 496 -7.87 -13.08 -26.59
CA THR B 496 -7.16 -13.55 -25.40
C THR B 496 -6.76 -12.37 -24.52
N GLU B 497 -6.13 -12.66 -23.36
CA GLU B 497 -5.54 -11.64 -22.50
C GLU B 497 -4.37 -10.88 -23.16
N ASN B 498 -3.69 -11.48 -24.17
CA ASN B 498 -2.71 -10.79 -25.03
C ASN B 498 -3.30 -10.18 -26.32
N PHE B 499 -4.64 -10.18 -26.49
CA PHE B 499 -5.38 -9.61 -27.63
C PHE B 499 -5.06 -10.28 -28.97
N GLN B 500 -4.69 -11.58 -28.95
CA GLN B 500 -4.59 -12.39 -30.15
C GLN B 500 -5.97 -13.01 -30.41
N LEU B 501 -6.30 -13.24 -31.69
CA LEU B 501 -7.57 -13.84 -32.09
C LEU B 501 -7.46 -15.36 -31.93
N GLU B 502 -8.44 -15.95 -31.23
CA GLU B 502 -8.62 -17.39 -31.04
C GLU B 502 -9.91 -17.79 -31.75
N PRO B 503 -9.95 -18.77 -32.71
CA PRO B 503 -8.78 -19.54 -33.18
C PRO B 503 -7.83 -18.70 -34.05
N GLU B 504 -6.61 -19.23 -34.26
CA GLU B 504 -5.52 -18.46 -34.86
C GLU B 504 -5.76 -18.14 -36.33
N HIS B 505 -6.52 -19.00 -37.05
CA HIS B 505 -6.85 -18.81 -38.45
C HIS B 505 -7.97 -17.77 -38.53
N ALA B 506 -7.61 -16.51 -38.27
CA ALA B 506 -8.55 -15.40 -38.11
C ALA B 506 -7.79 -14.09 -38.08
N THR B 507 -8.28 -13.06 -38.81
CA THR B 507 -7.63 -11.75 -38.90
C THR B 507 -8.69 -10.67 -39.14
N SER B 508 -8.52 -9.51 -38.47
CA SER B 508 -9.36 -8.33 -38.63
C SER B 508 -8.59 -7.21 -39.32
N ALA B 509 -9.35 -6.30 -39.96
CA ALA B 509 -8.76 -5.15 -40.64
C ALA B 509 -9.71 -3.96 -40.65
N LEU B 510 -9.11 -2.77 -40.65
CA LEU B 510 -9.77 -1.52 -41.03
C LEU B 510 -9.65 -1.36 -42.54
N VAL B 511 -10.76 -0.96 -43.19
CA VAL B 511 -10.85 -0.82 -44.64
C VAL B 511 -11.11 0.65 -44.93
N VAL B 512 -10.20 1.27 -45.71
CA VAL B 512 -10.08 2.69 -45.92
C VAL B 512 -10.44 2.94 -47.39
N HIS B 513 -11.42 3.82 -47.67
CA HIS B 513 -11.85 4.14 -49.03
C HIS B 513 -10.92 5.10 -49.77
N HIS B 514 -10.07 5.87 -49.05
CA HIS B 514 -9.39 7.05 -49.59
C HIS B 514 -8.50 6.67 -50.77
N PRO B 515 -8.62 7.28 -51.98
CA PRO B 515 -7.78 6.90 -53.14
C PRO B 515 -6.25 7.01 -53.01
N GLU B 516 -5.78 7.88 -52.10
CA GLU B 516 -4.36 8.06 -51.79
C GLU B 516 -3.85 7.08 -50.72
N ALA B 517 -4.67 6.13 -50.21
CA ALA B 517 -4.28 5.25 -49.13
C ALA B 517 -3.33 4.16 -49.62
N ARG B 518 -2.33 3.83 -48.78
CA ARG B 518 -1.27 2.89 -49.10
C ARG B 518 -0.57 2.40 -47.84
N TYR B 519 0.29 1.39 -48.03
CA TYR B 519 1.09 0.79 -46.96
C TYR B 519 2.30 1.71 -46.72
N PHE B 520 2.62 1.94 -45.44
CA PHE B 520 3.80 2.68 -45.01
C PHE B 520 4.32 2.10 -43.69
N SER B 521 5.64 2.20 -43.45
CA SER B 521 6.26 1.90 -42.16
C SER B 521 6.57 3.19 -41.42
N VAL B 522 6.68 3.06 -40.08
CA VAL B 522 6.77 4.19 -39.14
C VAL B 522 8.25 4.57 -38.97
N ASP B 523 9.13 3.56 -38.75
CA ASP B 523 10.55 3.76 -38.56
C ASP B 523 11.24 4.10 -39.90
N PRO C 1 -13.24 64.61 -3.53
CA PRO C 1 -13.45 64.81 -2.07
C PRO C 1 -14.32 63.68 -1.48
N LEU C 2 -15.59 63.60 -1.93
CA LEU C 2 -16.45 62.45 -1.68
C LEU C 2 -16.01 61.27 -2.55
N LEU C 3 -15.65 61.53 -3.82
CA LEU C 3 -15.19 60.52 -4.76
C LEU C 3 -13.84 59.91 -4.33
N GLU C 4 -12.94 60.72 -3.73
CA GLU C 4 -11.72 60.22 -3.08
C GLU C 4 -12.02 59.32 -1.88
N ARG C 5 -13.11 59.63 -1.13
CA ARG C 5 -13.53 58.83 0.02
C ARG C 5 -14.05 57.45 -0.41
N LEU C 6 -14.87 57.41 -1.47
CA LEU C 6 -15.35 56.17 -2.08
C LEU C 6 -14.20 55.33 -2.66
N LYS C 7 -13.20 55.99 -3.27
CA LYS C 7 -11.97 55.35 -3.74
C LYS C 7 -11.12 54.81 -2.59
N ARG C 8 -11.04 55.54 -1.46
CA ARG C 8 -10.34 55.08 -0.26
C ARG C 8 -11.04 53.88 0.38
N ARG C 9 -12.38 53.90 0.44
CA ARG C 9 -13.22 52.84 1.00
C ARG C 9 -12.97 51.46 0.38
N VAL C 10 -12.72 51.40 -0.95
CA VAL C 10 -12.32 50.18 -1.64
C VAL C 10 -10.94 49.72 -1.14
N VAL C 11 -9.93 50.61 -1.16
CA VAL C 11 -8.53 50.26 -0.96
C VAL C 11 -8.31 49.78 0.50
N GLU C 12 -8.71 50.61 1.47
CA GLU C 12 -8.65 50.25 2.89
C GLU C 12 -9.65 49.14 3.25
N GLY C 13 -10.80 49.08 2.53
CA GLY C 13 -11.79 48.03 2.72
C GLY C 13 -12.70 48.31 3.91
N ARG C 14 -13.35 49.48 3.89
CA ARG C 14 -14.18 50.02 4.96
C ARG C 14 -15.65 49.91 4.51
N LYS C 15 -16.39 48.97 5.12
CA LYS C 15 -17.76 48.63 4.74
C LYS C 15 -18.75 49.68 5.26
N GLN C 16 -18.66 50.01 6.56
CA GLN C 16 -19.72 50.66 7.31
C GLN C 16 -19.76 52.15 6.95
N GLY C 17 -20.94 52.65 6.51
CA GLY C 17 -21.12 54.00 5.98
C GLY C 17 -20.72 54.17 4.50
N LEU C 18 -20.69 53.09 3.71
CA LEU C 18 -20.58 53.13 2.25
C LEU C 18 -21.88 53.62 1.62
N GLU C 19 -23.02 53.06 2.06
CA GLU C 19 -24.37 53.32 1.53
C GLU C 19 -24.78 54.79 1.69
N ALA C 20 -24.39 55.41 2.83
CA ALA C 20 -24.58 56.83 3.08
C ALA C 20 -23.82 57.71 2.08
N ASP C 21 -22.58 57.34 1.75
CA ASP C 21 -21.72 58.11 0.84
C ASP C 21 -22.19 57.99 -0.61
N LEU C 22 -22.61 56.80 -1.05
CA LEU C 22 -23.15 56.59 -2.38
C LEU C 22 -24.49 57.31 -2.59
N GLU C 23 -25.35 57.38 -1.56
CA GLU C 23 -26.59 58.16 -1.59
C GLU C 23 -26.31 59.66 -1.77
N GLU C 24 -25.27 60.19 -1.10
CA GLU C 24 -24.84 61.58 -1.22
C GLU C 24 -24.28 61.90 -2.61
N ALA C 25 -23.60 60.94 -3.27
CA ALA C 25 -22.98 61.11 -4.57
C ALA C 25 -24.00 61.31 -5.70
N LEU C 26 -25.08 60.50 -5.71
CA LEU C 26 -26.08 60.52 -6.77
C LEU C 26 -26.90 61.81 -6.80
N LYS C 27 -27.24 62.37 -5.61
CA LYS C 27 -27.95 63.64 -5.49
C LYS C 27 -27.05 64.87 -5.70
N ALA C 28 -25.71 64.70 -5.79
CA ALA C 28 -24.74 65.74 -6.14
C ALA C 28 -24.21 65.61 -7.58
N GLY C 29 -25.04 65.12 -8.53
CA GLY C 29 -24.79 65.24 -9.97
C GLY C 29 -24.20 64.00 -10.67
N HIS C 30 -23.64 63.03 -9.93
CA HIS C 30 -22.95 61.87 -10.50
C HIS C 30 -23.97 60.78 -10.84
N LYS C 31 -23.78 60.07 -11.98
CA LYS C 31 -24.63 58.93 -12.35
C LYS C 31 -24.07 57.63 -11.73
N PRO C 32 -24.92 56.60 -11.42
CA PRO C 32 -24.44 55.31 -10.89
C PRO C 32 -23.36 54.54 -11.66
N LEU C 33 -23.40 54.63 -13.01
CA LEU C 33 -22.40 54.06 -13.90
C LEU C 33 -21.03 54.72 -13.73
N ASP C 34 -20.98 56.07 -13.63
CA ASP C 34 -19.74 56.82 -13.57
C ASP C 34 -19.08 56.69 -12.19
N LEU C 35 -19.85 56.45 -11.10
CA LEU C 35 -19.29 56.08 -9.80
C LEU C 35 -18.54 54.74 -9.85
N ILE C 36 -19.12 53.74 -10.53
CA ILE C 36 -18.55 52.41 -10.67
C ILE C 36 -17.31 52.48 -11.56
N ASN C 37 -17.43 53.06 -12.77
CA ASN C 37 -16.32 53.20 -13.71
C ASN C 37 -15.26 54.19 -13.23
N GLY C 38 -15.63 55.26 -12.49
CA GLY C 38 -14.70 56.25 -11.96
C GLY C 38 -14.05 55.80 -10.65
N PRO C 39 -14.42 56.36 -9.45
CA PRO C 39 -13.69 56.14 -8.20
C PRO C 39 -13.64 54.73 -7.60
N LEU C 40 -14.72 53.94 -7.75
CA LEU C 40 -14.79 52.59 -7.20
C LEU C 40 -13.84 51.64 -7.93
N LEU C 41 -13.80 51.69 -9.28
CA LEU C 41 -12.87 50.91 -10.09
C LEU C 41 -11.42 51.40 -9.91
N ALA C 42 -11.20 52.73 -9.80
CA ALA C 42 -9.88 53.31 -9.55
C ALA C 42 -9.24 52.78 -8.26
N GLY C 43 -10.04 52.56 -7.21
CA GLY C 43 -9.60 51.87 -6.00
C GLY C 43 -9.23 50.40 -6.24
N MET C 44 -10.11 49.66 -6.96
CA MET C 44 -9.87 48.27 -7.34
C MET C 44 -8.62 48.09 -8.22
N LYS C 45 -8.31 49.07 -9.09
CA LYS C 45 -7.08 49.11 -9.89
C LYS C 45 -5.84 49.22 -8.99
N GLU C 46 -5.87 50.17 -8.03
CA GLU C 46 -4.76 50.41 -7.11
C GLU C 46 -4.57 49.27 -6.10
N VAL C 47 -5.64 48.53 -5.74
CA VAL C 47 -5.55 47.29 -4.98
C VAL C 47 -4.68 46.26 -5.72
N GLY C 48 -4.94 46.05 -7.02
CA GLY C 48 -4.15 45.17 -7.89
C GLY C 48 -2.70 45.61 -8.08
N ASP C 49 -2.44 46.93 -8.16
CA ASP C 49 -1.11 47.50 -8.29
C ASP C 49 -0.28 47.29 -7.01
N LEU C 50 -0.90 47.51 -5.83
CA LEU C 50 -0.30 47.21 -4.53
C LEU C 50 0.02 45.71 -4.36
N PHE C 51 -0.82 44.81 -4.89
CA PHE C 51 -0.54 43.38 -4.92
C PHE C 51 0.64 43.04 -5.85
N GLY C 52 0.74 43.73 -7.00
CA GLY C 52 1.89 43.64 -7.90
C GLY C 52 3.21 44.08 -7.27
N ALA C 53 3.18 45.18 -6.49
CA ALA C 53 4.32 45.65 -5.71
C ALA C 53 4.73 44.69 -4.59
N GLY C 54 3.78 43.91 -4.03
CA GLY C 54 3.98 43.09 -2.84
C GLY C 54 3.74 43.85 -1.54
N LYS C 55 2.86 44.87 -1.57
CA LYS C 55 2.55 45.76 -0.46
C LYS C 55 1.24 45.39 0.26
N MET C 56 0.38 44.53 -0.35
CA MET C 56 -0.96 44.21 0.13
C MET C 56 -1.17 42.70 0.00
N GLN C 57 -1.75 42.09 1.05
CA GLN C 57 -1.99 40.66 1.16
C GLN C 57 -3.29 40.32 0.43
N LEU C 58 -3.49 39.04 0.08
CA LEU C 58 -4.64 38.55 -0.68
C LEU C 58 -5.95 38.64 0.11
N PRO C 59 -6.03 38.40 1.45
CA PRO C 59 -7.28 38.61 2.21
C PRO C 59 -7.84 40.04 2.12
N PHE C 60 -6.96 41.06 2.10
CA PHE C 60 -7.35 42.45 1.95
C PHE C 60 -7.80 42.81 0.54
N VAL C 61 -7.32 42.11 -0.50
CA VAL C 61 -7.82 42.23 -1.87
C VAL C 61 -9.29 41.80 -1.92
N LEU C 62 -9.64 40.66 -1.30
CA LEU C 62 -11.01 40.17 -1.25
C LEU C 62 -11.91 41.04 -0.36
N GLN C 63 -11.36 41.63 0.72
CA GLN C 63 -12.06 42.65 1.50
C GLN C 63 -12.34 43.91 0.68
N ALA C 64 -11.41 44.31 -0.20
CA ALA C 64 -11.61 45.39 -1.17
C ALA C 64 -12.66 45.03 -2.23
N ALA C 65 -12.64 43.77 -2.72
CA ALA C 65 -13.65 43.25 -3.64
C ALA C 65 -15.07 43.27 -3.05
N GLU C 66 -15.22 42.97 -1.74
CA GLU C 66 -16.50 43.02 -1.03
C GLU C 66 -17.15 44.41 -1.02
N VAL C 67 -16.33 45.48 -0.92
CA VAL C 67 -16.80 46.87 -0.93
C VAL C 67 -17.41 47.22 -2.29
N MET C 68 -16.74 46.80 -3.39
CA MET C 68 -17.25 46.95 -4.74
C MET C 68 -18.55 46.16 -4.93
N LYS C 69 -18.63 44.92 -4.41
CA LYS C 69 -19.81 44.05 -4.51
C LYS C 69 -21.04 44.71 -3.85
N ARG C 70 -20.87 45.24 -2.63
CA ARG C 70 -21.92 45.96 -1.90
C ARG C 70 -22.30 47.27 -2.61
N ALA C 71 -21.30 48.02 -3.12
CA ALA C 71 -21.49 49.27 -3.84
C ALA C 71 -22.36 49.11 -5.10
N VAL C 72 -22.09 48.07 -5.91
CA VAL C 72 -22.87 47.73 -7.09
C VAL C 72 -24.28 47.26 -6.71
N ALA C 73 -24.42 46.44 -5.64
CA ALA C 73 -25.71 45.92 -5.17
C ALA C 73 -26.68 47.03 -4.75
N TYR C 74 -26.18 48.04 -4.00
CA TYR C 74 -26.95 49.23 -3.64
C TYR C 74 -27.28 50.12 -4.84
N LEU C 75 -26.40 50.17 -5.88
CA LEU C 75 -26.62 50.93 -7.10
C LEU C 75 -27.46 50.18 -8.16
N GLU C 76 -27.89 48.92 -7.93
CA GLU C 76 -28.66 48.14 -8.89
C GLU C 76 -30.08 48.67 -9.08
N PRO C 77 -30.88 49.00 -8.02
CA PRO C 77 -32.20 49.62 -8.19
C PRO C 77 -32.30 50.97 -8.92
N HIS C 78 -31.24 51.79 -8.85
CA HIS C 78 -31.18 53.12 -9.46
C HIS C 78 -30.89 53.08 -10.97
N MET C 79 -30.36 51.95 -11.49
CA MET C 79 -30.17 51.69 -12.92
C MET C 79 -31.38 50.90 -13.47
N GLU C 80 -31.33 50.60 -14.79
CA GLU C 80 -32.09 49.53 -15.43
C GLU C 80 -31.19 48.80 -16.44
N GLU C 84 -24.76 43.92 -18.59
CA GLU C 84 -23.68 44.60 -19.37
C GLU C 84 -22.55 45.02 -18.41
N GLY C 85 -21.69 45.99 -18.80
CA GLY C 85 -20.33 46.14 -18.27
C GLY C 85 -19.28 46.23 -19.38
N LYS C 86 -18.01 46.04 -19.00
CA LYS C 86 -16.87 46.12 -19.91
C LYS C 86 -16.77 44.92 -20.86
N GLY C 87 -17.23 43.73 -20.42
CA GLY C 87 -17.30 42.54 -21.28
C GLY C 87 -17.71 41.29 -20.52
N THR C 88 -18.10 40.23 -21.26
CA THR C 88 -18.67 39.01 -20.72
C THR C 88 -17.65 37.87 -20.84
N LEU C 89 -17.50 37.06 -19.77
CA LEU C 89 -16.61 35.89 -19.69
C LEU C 89 -17.45 34.68 -19.29
N VAL C 90 -17.37 33.58 -20.08
CA VAL C 90 -17.83 32.26 -19.69
C VAL C 90 -16.66 31.56 -18.96
N LEU C 91 -16.93 30.98 -17.79
CA LEU C 91 -15.90 30.49 -16.88
C LEU C 91 -16.31 29.12 -16.33
N ALA C 92 -15.41 28.13 -16.43
CA ALA C 92 -15.72 26.74 -16.09
C ALA C 92 -14.46 25.99 -15.66
N THR C 93 -14.60 25.11 -14.66
CA THR C 93 -13.66 24.03 -14.39
C THR C 93 -14.04 22.87 -15.31
N VAL C 94 -13.03 22.22 -15.91
CA VAL C 94 -13.23 21.24 -16.98
C VAL C 94 -13.76 19.92 -16.43
N LYS C 95 -14.27 19.09 -17.35
CA LYS C 95 -14.85 17.77 -17.09
C LYS C 95 -13.88 16.92 -16.27
N GLY C 96 -14.42 16.26 -15.23
CA GLY C 96 -13.65 15.41 -14.33
C GLY C 96 -12.91 16.11 -13.18
N ASP C 97 -12.97 17.46 -13.08
CA ASP C 97 -12.16 18.24 -12.15
C ASP C 97 -13.08 18.91 -11.13
N VAL C 98 -12.69 18.88 -9.84
CA VAL C 98 -13.50 19.30 -8.70
C VAL C 98 -13.03 20.62 -8.08
N HIS C 99 -11.87 21.18 -8.48
CA HIS C 99 -11.20 22.27 -7.78
C HIS C 99 -11.63 23.59 -8.42
N ASP C 100 -12.20 24.50 -7.62
CA ASP C 100 -12.78 25.76 -8.08
C ASP C 100 -12.20 27.01 -7.40
N ILE C 101 -11.21 26.89 -6.49
CA ILE C 101 -10.65 28.05 -5.77
C ILE C 101 -9.96 29.03 -6.74
N GLY C 102 -9.13 28.54 -7.67
CA GLY C 102 -8.47 29.36 -8.66
C GLY C 102 -9.44 30.09 -9.58
N LYS C 103 -10.41 29.35 -10.13
CA LYS C 103 -11.54 29.84 -10.92
C LYS C 103 -12.35 30.92 -10.20
N ASN C 104 -12.77 30.63 -8.96
CA ASN C 104 -13.64 31.50 -8.19
C ASN C 104 -12.94 32.79 -7.75
N LEU C 105 -11.60 32.77 -7.56
CA LEU C 105 -10.80 33.98 -7.43
C LEU C 105 -10.78 34.81 -8.72
N VAL C 106 -10.73 34.17 -9.90
CA VAL C 106 -10.87 34.86 -11.19
C VAL C 106 -12.27 35.49 -11.30
N ASP C 107 -13.32 34.81 -10.82
CA ASP C 107 -14.69 35.33 -10.81
C ASP C 107 -14.80 36.60 -9.95
N ILE C 108 -14.17 36.61 -8.76
CA ILE C 108 -14.24 37.73 -7.81
C ILE C 108 -13.57 38.98 -8.39
N ILE C 109 -12.35 38.85 -8.94
CA ILE C 109 -11.55 39.98 -9.41
C ILE C 109 -12.15 40.58 -10.70
N LEU C 110 -12.59 39.74 -11.65
CA LEU C 110 -13.16 40.20 -12.91
C LEU C 110 -14.56 40.83 -12.72
N SER C 111 -15.42 40.22 -11.88
CA SER C 111 -16.74 40.77 -11.56
C SER C 111 -16.67 42.15 -10.92
N ASN C 112 -15.73 42.34 -9.98
CA ASN C 112 -15.53 43.59 -9.25
C ASN C 112 -14.55 44.52 -9.97
N ASN C 113 -14.03 44.15 -11.16
CA ASN C 113 -13.45 45.09 -12.12
C ASN C 113 -14.41 45.42 -13.27
N GLY C 114 -15.72 45.08 -13.18
CA GLY C 114 -16.77 45.54 -14.10
C GLY C 114 -17.27 44.50 -15.09
N TYR C 115 -16.53 43.39 -15.34
CA TYR C 115 -16.86 42.40 -16.35
C TYR C 115 -17.98 41.48 -15.87
N ARG C 116 -18.86 41.06 -16.77
CA ARG C 116 -19.85 40.02 -16.50
C ARG C 116 -19.14 38.66 -16.53
N VAL C 117 -19.34 37.82 -15.49
CA VAL C 117 -18.74 36.50 -15.38
C VAL C 117 -19.89 35.49 -15.23
N VAL C 118 -20.02 34.56 -16.19
CA VAL C 118 -20.90 33.41 -16.13
C VAL C 118 -20.07 32.23 -15.62
N ASN C 119 -20.22 31.90 -14.32
CA ASN C 119 -19.54 30.79 -13.67
C ASN C 119 -20.42 29.55 -13.81
N LEU C 120 -19.99 28.60 -14.66
CA LEU C 120 -20.72 27.36 -14.92
C LEU C 120 -20.49 26.29 -13.85
N GLY C 121 -19.42 26.40 -13.03
CA GLY C 121 -19.15 25.49 -11.91
C GLY C 121 -18.07 24.46 -12.25
N ILE C 122 -18.17 23.26 -11.62
CA ILE C 122 -17.19 22.19 -11.73
C ILE C 122 -17.70 21.08 -12.66
N LYS C 123 -16.76 20.36 -13.29
CA LYS C 123 -16.99 19.17 -14.11
C LYS C 123 -17.85 19.50 -15.34
N VAL C 124 -17.57 20.63 -15.99
CA VAL C 124 -18.42 21.18 -17.05
C VAL C 124 -17.91 20.58 -18.37
N PRO C 125 -18.69 19.77 -19.13
CA PRO C 125 -18.26 19.33 -20.48
C PRO C 125 -18.26 20.48 -21.49
N ILE C 126 -17.51 20.30 -22.60
CA ILE C 126 -17.36 21.30 -23.66
C ILE C 126 -18.69 21.69 -24.32
N GLU C 127 -19.63 20.74 -24.46
CA GLU C 127 -20.97 20.98 -24.98
C GLU C 127 -21.74 21.98 -24.10
N GLU C 128 -21.66 21.81 -22.78
CA GLU C 128 -22.25 22.73 -21.80
C GLU C 128 -21.58 24.11 -21.84
N ILE C 129 -20.23 24.17 -21.99
CA ILE C 129 -19.47 25.42 -22.11
C ILE C 129 -19.92 26.22 -23.35
N LEU C 130 -20.01 25.57 -24.52
CA LEU C 130 -20.33 26.24 -25.77
C LEU C 130 -21.81 26.60 -25.89
N LYS C 131 -22.73 25.91 -25.19
CA LYS C 131 -24.11 26.35 -25.02
C LYS C 131 -24.19 27.70 -24.30
N ALA C 132 -23.35 27.92 -23.27
CA ALA C 132 -23.23 29.21 -22.60
C ALA C 132 -22.59 30.28 -23.49
N VAL C 133 -21.65 29.91 -24.39
CA VAL C 133 -21.05 30.84 -25.37
C VAL C 133 -22.14 31.39 -26.30
N GLU C 134 -23.02 30.54 -26.84
CA GLU C 134 -24.10 30.95 -27.74
C GLU C 134 -25.20 31.74 -27.02
N ALA C 135 -25.50 31.42 -25.74
CA ALA C 135 -26.49 32.15 -24.95
C ALA C 135 -26.06 33.58 -24.64
N HIS C 136 -24.83 33.77 -24.12
CA HIS C 136 -24.33 35.02 -23.58
C HIS C 136 -23.49 35.83 -24.59
N LYS C 137 -22.84 35.18 -25.58
CA LYS C 137 -22.02 35.81 -26.61
C LYS C 137 -20.82 36.53 -25.97
N PRO C 138 -19.94 35.82 -25.23
CA PRO C 138 -18.84 36.46 -24.49
C PRO C 138 -17.66 36.91 -25.36
N HIS C 139 -16.81 37.77 -24.76
CA HIS C 139 -15.51 38.14 -25.33
C HIS C 139 -14.45 37.05 -25.15
N ALA C 140 -14.59 36.17 -24.15
CA ALA C 140 -13.67 35.04 -23.97
C ALA C 140 -14.30 33.90 -23.17
N VAL C 141 -13.66 32.71 -23.27
CA VAL C 141 -13.93 31.54 -22.44
C VAL C 141 -12.75 31.36 -21.50
N GLY C 142 -13.04 30.91 -20.26
CA GLY C 142 -12.05 30.63 -19.23
C GLY C 142 -12.17 29.17 -18.78
N MET C 143 -11.10 28.37 -18.92
CA MET C 143 -11.09 26.96 -18.58
C MET C 143 -10.05 26.69 -17.50
N SER C 144 -10.43 25.95 -16.43
CA SER C 144 -9.58 25.71 -15.27
C SER C 144 -9.51 24.21 -14.93
N GLY C 145 -8.39 23.81 -14.33
CA GLY C 145 -8.06 22.41 -14.07
C GLY C 145 -6.75 22.26 -13.30
N LEU C 146 -6.63 21.27 -12.41
CA LEU C 146 -5.50 21.17 -11.49
C LEU C 146 -4.35 20.42 -12.13
N LEU C 147 -4.55 19.14 -12.50
CA LEU C 147 -3.48 18.17 -12.78
C LEU C 147 -3.46 17.80 -14.27
N VAL C 148 -2.51 16.93 -14.68
CA VAL C 148 -2.19 16.63 -16.07
C VAL C 148 -3.41 16.10 -16.84
N LYS C 149 -4.23 15.21 -16.24
CA LYS C 149 -5.42 14.68 -16.91
C LYS C 149 -6.41 15.81 -17.26
N SER C 150 -6.58 16.80 -16.37
CA SER C 150 -7.38 17.98 -16.65
C SER C 150 -6.83 18.84 -17.80
N THR C 151 -5.49 18.97 -17.93
CA THR C 151 -4.86 19.67 -19.05
C THR C 151 -5.12 18.96 -20.39
N LEU C 152 -5.21 17.61 -20.41
CA LEU C 152 -5.55 16.86 -21.61
C LEU C 152 -7.02 17.00 -22.00
N VAL C 153 -7.93 17.21 -21.03
CA VAL C 153 -9.31 17.60 -21.31
C VAL C 153 -9.32 18.99 -21.99
N MET C 154 -8.51 19.96 -21.51
CA MET C 154 -8.40 21.30 -22.08
C MET C 154 -7.93 21.23 -23.53
N LYS C 155 -6.89 20.42 -23.82
CA LYS C 155 -6.42 20.11 -25.17
C LYS C 155 -7.56 19.61 -26.05
N GLU C 156 -8.33 18.63 -25.56
CA GLU C 156 -9.42 18.02 -26.32
C GLU C 156 -10.55 19.02 -26.60
N ASN C 157 -10.87 19.87 -25.60
CA ASN C 157 -11.80 20.98 -25.75
C ASN C 157 -11.37 21.96 -26.85
N LEU C 158 -10.07 22.28 -26.95
CA LEU C 158 -9.53 23.15 -28.00
C LEU C 158 -9.64 22.50 -29.39
N GLU C 159 -9.32 21.19 -29.49
CA GLU C 159 -9.48 20.39 -30.71
C GLU C 159 -10.94 20.45 -31.21
N TYR C 160 -11.88 20.15 -30.31
CA TYR C 160 -13.32 20.24 -30.53
C TYR C 160 -13.74 21.65 -30.98
N MET C 161 -13.21 22.69 -30.31
CA MET C 161 -13.57 24.08 -30.58
C MET C 161 -13.10 24.53 -31.96
N ARG C 162 -11.81 24.28 -32.30
CA ARG C 162 -11.24 24.57 -33.62
C ARG C 162 -12.02 23.86 -34.74
N ASP C 163 -12.36 22.58 -34.52
CA ASP C 163 -13.10 21.77 -35.49
C ASP C 163 -14.52 22.29 -35.71
N ARG C 164 -15.24 22.65 -34.63
CA ARG C 164 -16.59 23.24 -34.72
C ARG C 164 -16.58 24.68 -35.28
N GLY C 165 -15.41 25.36 -35.30
CA GLY C 165 -15.22 26.64 -35.97
C GLY C 165 -15.28 27.86 -35.05
N TYR C 166 -15.10 27.70 -33.71
CA TYR C 166 -14.95 28.81 -32.79
C TYR C 166 -13.55 29.40 -32.94
N THR C 167 -13.44 30.74 -32.83
CA THR C 167 -12.17 31.45 -32.80
C THR C 167 -12.06 32.45 -31.64
N LEU C 168 -13.00 32.45 -30.69
CA LEU C 168 -13.00 33.46 -29.62
C LEU C 168 -11.87 33.13 -28.63
N PRO C 169 -11.27 34.14 -27.95
CA PRO C 169 -10.19 33.92 -26.97
C PRO C 169 -10.52 32.90 -25.88
N VAL C 170 -9.58 31.99 -25.58
CA VAL C 170 -9.67 30.99 -24.53
C VAL C 170 -8.55 31.29 -23.54
N ILE C 171 -8.87 31.50 -22.25
CA ILE C 171 -7.89 31.68 -21.18
C ILE C 171 -7.81 30.38 -20.40
N LEU C 172 -6.59 29.80 -20.28
CA LEU C 172 -6.35 28.60 -19.50
C LEU C 172 -5.61 28.98 -18.22
N GLY C 173 -6.06 28.41 -17.08
CA GLY C 173 -5.31 28.43 -15.82
C GLY C 173 -5.20 27.01 -15.25
N GLY C 174 -4.12 26.76 -14.51
CA GLY C 174 -3.92 25.48 -13.84
C GLY C 174 -2.54 25.33 -13.22
N ALA C 175 -2.41 24.41 -12.25
CA ALA C 175 -1.16 24.13 -11.55
C ALA C 175 -0.19 23.40 -12.48
N ALA C 176 -0.63 22.27 -13.04
CA ALA C 176 0.18 21.47 -13.97
C ALA C 176 0.44 22.21 -15.29
N LEU C 177 -0.48 23.10 -15.72
CA LEU C 177 -0.29 23.95 -16.90
C LEU C 177 0.87 24.93 -16.69
N THR C 178 1.78 25.00 -17.69
CA THR C 178 2.87 25.94 -17.78
C THR C 178 2.64 26.87 -18.98
N ARG C 179 3.42 27.95 -19.00
CA ARG C 179 3.38 29.00 -20.02
C ARG C 179 3.73 28.45 -21.40
N SER C 180 4.83 27.66 -21.47
CA SER C 180 5.34 27.08 -22.71
C SER C 180 4.38 26.06 -23.33
N TYR C 181 3.66 25.27 -22.50
CA TYR C 181 2.68 24.31 -23.00
C TYR C 181 1.50 24.97 -23.70
N VAL C 182 1.02 26.12 -23.19
CA VAL C 182 -0.09 26.87 -23.80
C VAL C 182 0.34 27.48 -25.14
N GLU C 183 1.61 27.92 -25.26
CA GLU C 183 2.18 28.37 -26.53
C GLU C 183 2.24 27.26 -27.58
N GLU C 184 2.47 26.00 -27.17
CA GLU C 184 2.38 24.83 -28.04
C GLU C 184 0.94 24.50 -28.45
N LEU C 185 -0.07 24.71 -27.57
CA LEU C 185 -1.48 24.52 -27.90
C LEU C 185 -2.00 25.50 -28.96
N ARG C 186 -1.28 26.60 -29.28
CA ARG C 186 -1.59 27.48 -30.40
C ARG C 186 -1.40 26.81 -31.77
N ALA C 187 -0.73 25.67 -31.86
CA ALA C 187 -0.82 24.76 -33.00
C ALA C 187 -2.25 24.24 -33.23
N ILE C 188 -3.00 23.99 -32.15
CA ILE C 188 -4.39 23.54 -32.18
C ILE C 188 -5.30 24.77 -32.32
N TYR C 189 -5.24 25.68 -31.33
CA TYR C 189 -6.17 26.80 -31.21
C TYR C 189 -5.38 28.11 -31.05
N PRO C 190 -5.17 28.93 -32.11
CA PRO C 190 -4.34 30.15 -32.02
C PRO C 190 -4.65 31.19 -30.95
N ASN C 191 -5.95 31.43 -30.67
CA ASN C 191 -6.41 32.40 -29.68
C ASN C 191 -6.55 31.74 -28.31
N VAL C 192 -5.45 31.22 -27.76
CA VAL C 192 -5.39 30.63 -26.43
C VAL C 192 -4.28 31.32 -25.63
N TYR C 193 -4.56 31.63 -24.36
CA TYR C 193 -3.70 32.44 -23.50
C TYR C 193 -3.56 31.78 -22.13
N TYR C 194 -2.37 31.87 -21.52
CA TYR C 194 -2.11 31.39 -20.17
C TYR C 194 -2.31 32.52 -19.17
N ALA C 195 -2.95 32.21 -18.02
CA ALA C 195 -3.12 33.09 -16.87
C ALA C 195 -2.56 32.40 -15.63
N GLU C 196 -1.43 32.92 -15.09
CA GLU C 196 -0.82 32.39 -13.86
C GLU C 196 -1.71 32.61 -12.65
N ASP C 197 -2.32 33.81 -12.54
CA ASP C 197 -3.20 34.21 -11.44
C ASP C 197 -4.38 35.02 -12.01
N ALA C 198 -5.28 35.46 -11.10
CA ALA C 198 -6.44 36.26 -11.46
C ALA C 198 -6.11 37.62 -12.09
N PHE C 199 -5.01 38.26 -11.65
CA PHE C 199 -4.61 39.57 -12.16
C PHE C 199 -4.07 39.50 -13.59
N GLU C 200 -3.42 38.38 -13.99
CA GLU C 200 -3.10 38.13 -15.39
C GLU C 200 -4.37 37.94 -16.22
N GLY C 201 -5.35 37.18 -15.67
CA GLY C 201 -6.68 37.05 -16.23
C GLY C 201 -7.41 38.37 -16.46
N LEU C 202 -7.22 39.34 -15.54
CA LEU C 202 -7.75 40.70 -15.66
C LEU C 202 -7.05 41.46 -16.80
N ARG C 203 -5.71 41.38 -16.88
CA ARG C 203 -4.93 42.02 -17.93
C ARG C 203 -5.34 41.51 -19.33
N LEU C 204 -5.44 40.18 -19.49
CA LEU C 204 -5.89 39.55 -20.73
C LEU C 204 -7.26 40.07 -21.16
N MET C 205 -8.24 40.09 -20.24
CA MET C 205 -9.59 40.54 -20.51
C MET C 205 -9.65 42.03 -20.89
N GLU C 206 -8.89 42.89 -20.20
CA GLU C 206 -8.72 44.30 -20.54
C GLU C 206 -8.13 44.48 -21.95
N GLU C 207 -7.10 43.70 -22.30
CA GLU C 207 -6.49 43.68 -23.62
C GLU C 207 -7.46 43.17 -24.70
N LEU C 208 -8.24 42.11 -24.41
CA LEU C 208 -9.17 41.52 -25.37
C LEU C 208 -10.40 42.39 -25.61
N THR C 209 -10.97 42.99 -24.56
CA THR C 209 -12.17 43.84 -24.65
C THR C 209 -11.87 45.26 -25.16
N GLY C 210 -10.59 45.67 -25.25
CA GLY C 210 -10.16 46.89 -25.92
C GLY C 210 -9.93 48.02 -24.93
N HIS C 211 -8.99 47.78 -24.00
CA HIS C 211 -8.40 48.79 -23.12
C HIS C 211 -6.86 48.75 -23.19
N ALA C 212 -6.26 48.04 -24.17
CA ALA C 212 -4.86 47.57 -24.23
C ALA C 212 -4.69 46.61 -25.41
N PRO C 213 -3.46 46.34 -25.96
CA PRO C 213 -3.27 45.47 -27.13
C PRO C 213 -3.39 43.97 -26.85
N PRO C 214 -3.90 43.11 -27.77
CA PRO C 214 -4.52 41.82 -27.40
C PRO C 214 -3.78 40.73 -26.62
N GLU C 215 -2.49 40.51 -26.90
CA GLU C 215 -1.71 39.39 -26.36
C GLU C 215 -0.85 39.90 -25.19
N LEU C 216 -0.92 39.19 -24.04
CA LEU C 216 0.07 39.27 -22.96
C LEU C 216 0.79 37.92 -22.91
N THR C 217 0.05 36.85 -22.54
CA THR C 217 0.54 35.52 -22.15
C THR C 217 1.76 35.57 -21.24
N ARG C 218 2.57 34.48 -21.16
CA ARG C 218 3.90 34.53 -20.57
C ARG C 218 4.76 33.44 -21.24
N PRO C 237 20.24 2.56 -1.48
CA PRO C 237 20.15 1.09 -1.64
C PRO C 237 19.37 0.48 -0.47
N VAL C 238 18.16 0.01 -0.76
CA VAL C 238 17.15 -0.30 0.25
C VAL C 238 17.41 -1.75 0.68
N GLY C 239 17.90 -1.94 1.91
CA GLY C 239 18.02 -3.27 2.53
C GLY C 239 16.69 -3.83 3.04
N GLU C 240 16.74 -5.06 3.58
CA GLU C 240 15.60 -5.70 4.23
C GLU C 240 15.21 -4.94 5.51
N ALA C 241 13.89 -4.83 5.75
CA ALA C 241 13.35 -4.37 7.02
C ALA C 241 13.66 -5.38 8.12
N PRO C 242 13.84 -4.98 9.41
CA PRO C 242 14.22 -5.93 10.47
C PRO C 242 13.14 -6.99 10.76
N ALA C 243 11.87 -6.59 10.64
CA ALA C 243 10.73 -7.48 10.64
C ALA C 243 9.66 -6.95 9.68
N VAL C 244 8.70 -7.83 9.36
CA VAL C 244 7.39 -7.43 8.82
C VAL C 244 6.49 -7.28 10.05
N PRO C 245 5.98 -6.06 10.40
CA PRO C 245 5.09 -5.93 11.56
C PRO C 245 3.70 -6.51 11.27
N ARG C 246 3.07 -7.05 12.34
CA ARG C 246 1.73 -7.61 12.27
CA ARG C 246 1.73 -7.61 12.29
C ARG C 246 0.72 -6.46 12.35
N PRO C 247 -0.28 -6.36 11.43
CA PRO C 247 -1.30 -5.31 11.54
C PRO C 247 -2.33 -5.67 12.61
N PRO C 248 -3.19 -4.71 13.07
CA PRO C 248 -4.31 -5.04 13.96
C PRO C 248 -5.32 -6.04 13.39
N PHE C 249 -5.57 -5.95 12.07
CA PHE C 249 -6.49 -6.81 11.32
C PHE C 249 -6.05 -6.85 9.85
N PHE C 250 -6.67 -7.74 9.06
CA PHE C 250 -6.62 -7.72 7.61
C PHE C 250 -8.01 -7.40 7.06
N GLY C 251 -8.06 -6.50 6.06
CA GLY C 251 -9.31 -5.96 5.52
C GLY C 251 -9.35 -4.44 5.66
N VAL C 252 -10.57 -3.87 5.70
CA VAL C 252 -10.83 -2.44 5.75
C VAL C 252 -11.86 -2.16 6.85
N ARG C 253 -11.68 -1.02 7.57
CA ARG C 253 -12.62 -0.52 8.56
C ARG C 253 -12.90 0.99 8.37
N VAL C 254 -13.97 1.45 9.06
CA VAL C 254 -14.44 2.84 9.06
C VAL C 254 -14.27 3.39 10.48
N GLU C 255 -13.79 4.65 10.59
CA GLU C 255 -13.81 5.45 11.81
C GLU C 255 -14.55 6.77 11.53
N GLU C 256 -15.55 7.08 12.37
CA GLU C 256 -16.38 8.28 12.28
C GLU C 256 -16.40 9.01 13.64
N GLY C 257 -16.81 10.29 13.62
CA GLY C 257 -16.99 11.09 14.82
C GLY C 257 -15.68 11.42 15.53
N LEU C 258 -14.65 11.82 14.75
CA LEU C 258 -13.31 12.08 15.28
C LEU C 258 -13.29 13.48 15.90
N ASP C 259 -12.33 13.70 16.84
CA ASP C 259 -12.25 14.93 17.63
C ASP C 259 -11.51 15.99 16.80
N LEU C 260 -12.18 17.12 16.51
CA LEU C 260 -11.66 18.16 15.64
C LEU C 260 -10.58 18.97 16.36
N ALA C 261 -10.74 19.19 17.68
CA ALA C 261 -9.73 19.79 18.55
C ALA C 261 -8.41 19.00 18.55
N THR C 262 -8.48 17.65 18.54
CA THR C 262 -7.31 16.80 18.40
C THR C 262 -6.68 16.96 17.00
N ILE C 263 -7.51 16.95 15.94
CA ILE C 263 -7.08 17.09 14.55
C ILE C 263 -6.42 18.46 14.33
N ALA C 264 -6.99 19.54 14.90
CA ALA C 264 -6.47 20.91 14.86
C ALA C 264 -5.00 21.03 15.29
N HIS C 265 -4.55 20.22 16.26
CA HIS C 265 -3.16 20.20 16.71
C HIS C 265 -2.16 19.81 15.61
N TYR C 266 -2.57 18.99 14.60
CA TYR C 266 -1.72 18.51 13.51
C TYR C 266 -1.71 19.38 12.25
N VAL C 267 -2.27 20.61 12.28
CA VAL C 267 -2.32 21.51 11.13
C VAL C 267 -0.93 22.11 10.92
N ASN C 268 -0.49 22.15 9.64
CA ASN C 268 0.63 22.98 9.21
C ASN C 268 0.10 24.41 9.09
N LYS C 269 0.35 25.24 10.13
CA LYS C 269 -0.15 26.61 10.21
C LYS C 269 0.50 27.52 9.17
N LEU C 270 1.78 27.32 8.87
CA LEU C 270 2.48 28.08 7.84
C LEU C 270 1.98 27.74 6.43
N ALA C 271 1.59 26.48 6.18
CA ALA C 271 0.90 26.09 4.96
C ALA C 271 -0.48 26.73 4.84
N LEU C 272 -1.22 26.86 5.96
CA LEU C 272 -2.51 27.56 5.99
C LEU C 272 -2.32 29.06 5.75
N TYR C 273 -1.49 29.72 6.58
CA TYR C 273 -1.36 31.17 6.61
C TYR C 273 -0.74 31.70 5.31
N ARG C 274 0.38 31.10 4.85
CA ARG C 274 1.06 31.49 3.61
C ARG C 274 0.40 30.84 2.40
N GLY C 275 0.33 29.50 2.39
CA GLY C 275 0.02 28.72 1.19
C GLY C 275 -1.43 28.88 0.71
N GLN C 276 -2.41 28.87 1.64
CA GLN C 276 -3.83 28.91 1.34
C GLN C 276 -4.41 30.32 1.44
N TRP C 277 -4.08 31.07 2.49
CA TRP C 277 -4.66 32.39 2.79
C TRP C 277 -3.88 33.54 2.16
N GLY C 278 -2.56 33.40 1.94
CA GLY C 278 -1.76 34.38 1.21
C GLY C 278 -1.30 35.59 2.03
N TYR C 279 -1.11 35.44 3.36
CA TYR C 279 -0.27 36.32 4.16
C TYR C 279 1.20 36.07 3.80
N SER C 280 2.05 37.11 3.90
CA SER C 280 3.43 37.06 3.39
C SER C 280 4.38 37.85 4.30
N ARG C 281 5.66 37.43 4.29
CA ARG C 281 6.80 38.07 4.94
C ARG C 281 7.59 38.94 3.93
N LYS C 282 7.46 38.68 2.61
CA LYS C 282 7.96 39.57 1.56
C LYS C 282 7.15 40.89 1.58
N GLY C 283 7.88 42.01 1.50
CA GLY C 283 7.32 43.35 1.70
C GLY C 283 7.19 43.81 3.15
N LEU C 284 7.45 42.95 4.18
CA LEU C 284 7.32 43.30 5.59
C LEU C 284 8.55 42.84 6.38
N SER C 285 8.68 43.37 7.62
CA SER C 285 9.70 42.97 8.58
C SER C 285 9.22 41.74 9.38
N ARG C 286 10.17 41.11 10.09
CA ARG C 286 9.89 39.97 10.96
C ARG C 286 9.07 40.37 12.20
N GLU C 287 9.18 41.62 12.68
CA GLU C 287 8.31 42.17 13.72
C GLU C 287 6.84 42.21 13.26
N ALA C 288 6.60 42.74 12.05
CA ALA C 288 5.26 42.84 11.47
C ALA C 288 4.68 41.48 11.06
N TRP C 289 5.54 40.48 10.74
CA TRP C 289 5.10 39.10 10.49
C TRP C 289 4.54 38.45 11.77
N GLN C 290 5.32 38.50 12.87
CA GLN C 290 4.93 37.99 14.18
C GLN C 290 3.65 38.66 14.69
N ALA C 291 3.50 39.97 14.43
CA ALA C 291 2.27 40.73 14.67
C ALA C 291 1.11 40.20 13.83
N LEU C 292 1.30 40.08 12.51
CA LEU C 292 0.26 39.69 11.55
C LEU C 292 -0.32 38.30 11.83
N VAL C 293 0.52 37.32 12.24
CA VAL C 293 0.10 35.98 12.62
C VAL C 293 -0.78 36.05 13.88
N GLU C 294 -0.26 36.68 14.95
CA GLU C 294 -0.93 36.77 16.24
C GLU C 294 -2.20 37.63 16.19
N ARG C 295 -2.20 38.73 15.42
CA ARG C 295 -3.31 39.68 15.35
C ARG C 295 -4.44 39.19 14.45
N GLU C 296 -4.11 38.73 13.21
CA GLU C 296 -5.07 38.44 12.17
C GLU C 296 -5.28 36.93 11.98
N ALA C 297 -4.19 36.19 11.72
CA ALA C 297 -4.26 34.81 11.21
C ALA C 297 -4.73 33.82 12.29
N GLU C 298 -4.09 33.86 13.48
CA GLU C 298 -4.33 32.90 14.56
C GLU C 298 -5.74 33.04 15.13
N PRO C 299 -6.31 34.24 15.38
CA PRO C 299 -7.75 34.40 15.67
C PRO C 299 -8.77 33.86 14.67
N VAL C 300 -8.47 33.91 13.36
CA VAL C 300 -9.31 33.31 12.33
C VAL C 300 -9.33 31.78 12.49
N PHE C 301 -8.15 31.15 12.73
CA PHE C 301 -8.03 29.72 12.99
C PHE C 301 -8.92 29.27 14.16
N GLN C 302 -8.84 29.98 15.30
CA GLN C 302 -9.62 29.69 16.50
C GLN C 302 -11.12 29.90 16.24
N ARG C 303 -11.50 30.97 15.53
CA ARG C 303 -12.89 31.26 15.16
C ARG C 303 -13.48 30.16 14.27
N LEU C 304 -12.75 29.76 13.20
CA LEU C 304 -13.23 28.74 12.27
C LEU C 304 -13.34 27.36 12.93
N LEU C 305 -12.37 26.99 13.78
CA LEU C 305 -12.37 25.73 14.52
C LEU C 305 -13.57 25.63 15.45
N LYS C 306 -13.80 26.67 16.28
CA LYS C 306 -14.93 26.75 17.20
C LYS C 306 -16.26 26.70 16.44
N GLU C 307 -16.41 27.49 15.36
CA GLU C 307 -17.60 27.54 14.54
C GLU C 307 -17.86 26.21 13.82
N ALA C 308 -16.80 25.56 13.28
CA ALA C 308 -16.89 24.25 12.63
C ALA C 308 -17.36 23.15 13.60
N MET C 309 -16.93 23.19 14.87
CA MET C 309 -17.38 22.25 15.90
C MET C 309 -18.86 22.45 16.22
N ALA C 310 -19.29 23.71 16.44
CA ALA C 310 -20.66 24.05 16.84
C ALA C 310 -21.67 23.78 15.71
N GLU C 311 -21.41 24.35 14.52
CA GLU C 311 -22.31 24.26 13.37
C GLU C 311 -22.22 22.90 12.68
N GLY C 312 -20.99 22.35 12.54
CA GLY C 312 -20.78 21.00 12.03
C GLY C 312 -20.52 20.95 10.52
N TRP C 313 -19.71 21.89 10.00
CA TRP C 313 -19.37 21.99 8.59
C TRP C 313 -18.01 21.33 8.26
N LEU C 314 -17.31 20.73 9.25
CA LEU C 314 -16.32 19.67 9.01
C LEU C 314 -16.83 18.37 9.61
N GLU C 315 -16.86 17.28 8.82
CA GLU C 315 -17.40 15.97 9.17
C GLU C 315 -16.27 14.94 9.02
N PRO C 316 -15.29 14.87 9.98
CA PRO C 316 -14.11 14.01 9.82
C PRO C 316 -14.44 12.52 9.80
N LYS C 317 -14.04 11.80 8.73
CA LYS C 317 -14.26 10.38 8.52
C LYS C 317 -12.99 9.74 7.94
N VAL C 318 -12.77 8.45 8.27
CA VAL C 318 -11.62 7.69 7.79
C VAL C 318 -12.10 6.32 7.32
N LEU C 319 -11.66 5.91 6.12
CA LEU C 319 -11.67 4.52 5.65
C LEU C 319 -10.23 4.04 5.62
N TYR C 320 -9.91 2.98 6.38
CA TYR C 320 -8.53 2.52 6.59
C TYR C 320 -8.45 1.00 6.64
N GLY C 321 -7.26 0.46 6.34
CA GLY C 321 -7.11 -0.97 6.18
C GLY C 321 -5.66 -1.43 5.95
N PHE C 322 -5.48 -2.77 5.94
CA PHE C 322 -4.22 -3.46 5.73
C PHE C 322 -4.46 -4.67 4.83
N PHE C 323 -3.54 -4.88 3.87
CA PHE C 323 -3.63 -5.94 2.87
C PHE C 323 -2.32 -6.74 2.83
N PRO C 324 -2.34 -8.07 2.61
CA PRO C 324 -1.11 -8.83 2.32
C PRO C 324 -0.62 -8.48 0.91
N VAL C 325 0.68 -8.16 0.78
CA VAL C 325 1.28 -7.74 -0.49
C VAL C 325 2.60 -8.48 -0.75
N ALA C 326 3.10 -8.35 -1.98
CA ALA C 326 4.43 -8.80 -2.36
C ALA C 326 4.87 -8.12 -3.65
N ARG C 327 6.19 -7.90 -3.80
CA ARG C 327 6.80 -7.42 -5.03
C ARG C 327 7.00 -8.61 -5.98
N GLU C 328 6.60 -8.45 -7.24
CA GLU C 328 7.03 -9.28 -8.36
C GLU C 328 7.55 -8.35 -9.45
N GLY C 329 8.87 -8.34 -9.69
CA GLY C 329 9.51 -7.43 -10.64
C GLY C 329 9.40 -5.97 -10.21
N GLU C 330 8.86 -5.11 -11.10
CA GLU C 330 8.55 -3.71 -10.82
C GLU C 330 7.10 -3.48 -10.36
N GLU C 331 6.29 -4.56 -10.19
CA GLU C 331 4.90 -4.50 -9.76
C GLU C 331 4.80 -4.82 -8.27
N LEU C 332 3.92 -4.10 -7.55
CA LEU C 332 3.45 -4.50 -6.23
C LEU C 332 2.09 -5.19 -6.40
N LEU C 333 1.99 -6.46 -5.96
CA LEU C 333 0.76 -7.25 -6.04
C LEU C 333 0.04 -7.14 -4.71
N VAL C 334 -1.28 -6.86 -4.72
CA VAL C 334 -2.15 -6.87 -3.55
C VAL C 334 -2.97 -8.14 -3.60
N PHE C 335 -2.93 -8.95 -2.50
CA PHE C 335 -3.60 -10.23 -2.41
C PHE C 335 -4.85 -10.11 -1.54
N SER C 336 -5.86 -10.95 -1.83
CA SER C 336 -7.07 -11.03 -1.02
C SER C 336 -6.75 -11.69 0.33
N PRO C 337 -7.09 -11.10 1.49
CA PRO C 337 -6.93 -11.79 2.78
C PRO C 337 -7.88 -12.97 3.04
N GLU C 338 -8.94 -13.14 2.21
CA GLU C 338 -9.87 -14.26 2.26
C GLU C 338 -9.41 -15.40 1.33
N THR C 339 -9.25 -15.10 0.03
CA THR C 339 -9.01 -16.11 -1.01
C THR C 339 -7.53 -16.27 -1.37
N GLY C 340 -6.69 -15.24 -1.12
CA GLY C 340 -5.31 -15.21 -1.61
C GLY C 340 -5.14 -14.92 -3.09
N GLU C 341 -6.20 -14.51 -3.82
CA GLU C 341 -6.11 -14.16 -5.23
C GLU C 341 -5.53 -12.73 -5.35
N VAL C 342 -4.73 -12.50 -6.40
CA VAL C 342 -4.17 -11.18 -6.72
C VAL C 342 -5.32 -10.29 -7.18
N LEU C 343 -5.69 -9.28 -6.37
CA LEU C 343 -6.78 -8.36 -6.64
C LEU C 343 -6.32 -7.23 -7.57
N GLU C 344 -5.19 -6.59 -7.21
CA GLU C 344 -4.64 -5.44 -7.94
C GLU C 344 -3.12 -5.56 -8.05
N ARG C 345 -2.59 -4.94 -9.12
CA ARG C 345 -1.17 -4.80 -9.39
C ARG C 345 -0.89 -3.31 -9.58
N PHE C 346 -0.02 -2.74 -8.71
CA PHE C 346 0.46 -1.37 -8.84
C PHE C 346 1.85 -1.41 -9.46
N ARG C 347 2.05 -0.66 -10.57
CA ARG C 347 3.37 -0.41 -11.15
C ARG C 347 3.70 1.05 -10.86
N PHE C 348 4.75 1.28 -10.05
CA PHE C 348 5.20 2.61 -9.64
C PHE C 348 6.38 3.04 -10.52
N PRO C 349 6.62 4.37 -10.72
CA PRO C 349 7.75 4.83 -11.53
C PRO C 349 9.07 4.76 -10.77
N ARG C 350 10.16 4.66 -11.54
CA ARG C 350 11.54 4.57 -11.06
C ARG C 350 12.21 5.91 -11.35
N GLN C 351 13.19 6.29 -10.51
CA GLN C 351 14.02 7.48 -10.75
C GLN C 351 14.94 7.25 -11.95
N LYS C 352 15.44 8.36 -12.52
CA LYS C 352 16.27 8.33 -13.73
C LYS C 352 17.65 7.73 -13.42
N GLY C 353 18.11 6.85 -14.33
CA GLY C 353 19.25 5.97 -14.09
C GLY C 353 18.98 4.85 -13.07
N GLY C 354 17.75 4.30 -13.06
CA GLY C 354 17.33 3.18 -12.21
C GLY C 354 17.58 3.37 -10.72
N GLY C 355 17.15 4.52 -10.18
CA GLY C 355 17.26 4.83 -8.76
C GLY C 355 16.12 4.20 -7.95
N LEU C 356 15.50 4.99 -7.06
CA LEU C 356 14.54 4.50 -6.08
C LEU C 356 13.15 4.34 -6.73
N SER C 357 12.39 3.35 -6.25
CA SER C 357 10.95 3.20 -6.48
C SER C 357 10.24 2.78 -5.20
N LEU C 358 8.91 2.99 -5.13
CA LEU C 358 8.06 2.53 -4.03
C LEU C 358 8.09 1.01 -3.83
N VAL C 359 8.22 0.23 -4.92
CA VAL C 359 8.29 -1.23 -4.84
C VAL C 359 9.54 -1.74 -4.09
N ASP C 360 10.62 -0.95 -4.00
CA ASP C 360 11.83 -1.31 -3.26
C ASP C 360 11.60 -1.47 -1.74
N TYR C 361 10.50 -0.90 -1.18
CA TYR C 361 10.13 -1.08 0.22
C TYR C 361 9.38 -2.38 0.53
N PHE C 362 9.05 -3.23 -0.48
CA PHE C 362 8.22 -4.41 -0.29
C PHE C 362 9.05 -5.67 -0.55
N ARG C 363 8.81 -6.72 0.29
CA ARG C 363 9.53 -7.98 0.21
C ARG C 363 9.14 -8.73 -1.08
N PRO C 364 10.06 -9.47 -1.76
CA PRO C 364 9.71 -10.23 -2.97
C PRO C 364 8.69 -11.35 -2.72
N ARG C 365 7.91 -11.69 -3.76
CA ARG C 365 6.94 -12.78 -3.74
C ARG C 365 7.67 -14.12 -3.51
N PHE C 366 7.11 -14.98 -2.66
CA PHE C 366 7.68 -16.26 -2.24
C PHE C 366 9.05 -16.17 -1.53
N ALA C 367 9.51 -14.99 -1.08
CA ALA C 367 10.81 -14.83 -0.45
C ALA C 367 10.80 -15.46 0.93
N ALA C 368 12.01 -15.88 1.39
CA ALA C 368 12.19 -16.56 2.66
C ALA C 368 11.73 -15.64 3.79
N PRO C 369 10.76 -16.06 4.66
CA PRO C 369 10.32 -15.24 5.81
C PRO C 369 11.45 -14.72 6.71
N LEU C 370 11.30 -13.48 7.21
CA LEU C 370 12.25 -12.86 8.11
C LEU C 370 12.17 -13.48 9.51
N GLY C 371 10.95 -13.65 10.04
CA GLY C 371 10.69 -14.33 11.31
C GLY C 371 9.50 -15.27 11.21
N ASP C 372 8.35 -14.90 11.82
CA ASP C 372 7.24 -15.80 12.11
C ASP C 372 5.99 -15.48 11.27
N GLU C 373 6.16 -14.97 10.04
CA GLU C 373 5.03 -14.38 9.29
C GLU C 373 4.10 -15.45 8.72
N ALA C 374 4.63 -16.66 8.42
CA ALA C 374 3.86 -17.87 8.11
C ALA C 374 2.79 -18.25 9.14
N ASP C 375 3.04 -17.95 10.42
CA ASP C 375 2.11 -18.23 11.51
C ASP C 375 0.86 -17.35 11.49
N TRP C 376 0.97 -16.07 11.06
CA TRP C 376 -0.09 -15.06 11.17
C TRP C 376 -0.55 -14.45 9.84
N MET C 377 0.27 -14.46 8.77
CA MET C 377 -0.14 -13.97 7.45
C MET C 377 -1.34 -14.81 6.99
N PRO C 378 -2.41 -14.23 6.34
CA PRO C 378 -3.55 -15.01 5.86
C PRO C 378 -3.13 -16.17 4.94
N LYS C 379 -3.78 -17.33 5.15
CA LYS C 379 -3.26 -18.64 4.77
C LYS C 379 -3.06 -18.75 3.26
N GLU C 380 -4.12 -18.39 2.50
CA GLU C 380 -4.12 -18.55 1.05
C GLU C 380 -3.23 -17.49 0.39
N ALA C 381 -3.22 -16.24 0.91
CA ALA C 381 -2.35 -15.18 0.41
C ALA C 381 -0.88 -15.51 0.61
N PHE C 382 -0.52 -16.07 1.77
CA PHE C 382 0.84 -16.56 2.04
C PHE C 382 1.22 -17.73 1.12
N ARG C 383 0.29 -18.68 0.87
CA ARG C 383 0.52 -19.78 -0.06
C ARG C 383 0.64 -19.31 -1.52
N ALA C 384 -0.11 -18.26 -1.91
CA ALA C 384 0.03 -17.58 -3.20
C ALA C 384 1.26 -16.67 -3.29
N GLY C 385 1.98 -16.41 -2.18
CA GLY C 385 3.31 -15.80 -2.15
C GLY C 385 3.40 -14.44 -1.45
N ALA C 386 2.37 -14.00 -0.69
CA ALA C 386 2.40 -12.75 0.05
C ALA C 386 3.43 -12.84 1.19
N ARG C 387 4.31 -11.84 1.29
CA ARG C 387 5.39 -11.77 2.27
C ARG C 387 5.49 -10.42 2.97
N ASP C 388 4.49 -9.53 2.84
CA ASP C 388 4.56 -8.17 3.35
C ASP C 388 3.15 -7.65 3.58
N VAL C 389 3.04 -6.49 4.25
CA VAL C 389 1.77 -5.85 4.57
C VAL C 389 1.86 -4.37 4.18
N LEU C 390 0.78 -3.85 3.57
CA LEU C 390 0.62 -2.47 3.13
C LEU C 390 -0.60 -1.90 3.85
N GLY C 391 -0.40 -0.80 4.59
CA GLY C 391 -1.48 0.03 5.10
C GLY C 391 -2.07 0.91 4.00
N VAL C 392 -3.39 1.16 4.07
CA VAL C 392 -4.11 2.08 3.19
C VAL C 392 -5.01 2.95 4.06
N GLN C 393 -5.10 4.27 3.74
CA GLN C 393 -6.05 5.18 4.37
C GLN C 393 -6.66 6.10 3.32
N LEU C 394 -7.97 6.38 3.45
CA LEU C 394 -8.66 7.50 2.81
C LEU C 394 -9.31 8.31 3.93
N VAL C 395 -9.05 9.62 3.95
CA VAL C 395 -9.62 10.56 4.91
C VAL C 395 -10.43 11.61 4.14
N THR C 396 -11.45 12.15 4.81
CA THR C 396 -12.30 13.21 4.27
C THR C 396 -12.88 14.03 5.42
N MET C 397 -13.27 15.29 5.12
CA MET C 397 -14.10 16.12 5.98
C MET C 397 -15.54 16.22 5.46
N GLY C 398 -15.96 15.34 4.52
CA GLY C 398 -17.31 15.30 3.98
C GLY C 398 -17.56 16.37 2.91
N GLU C 399 -18.80 16.41 2.40
CA GLU C 399 -19.28 17.42 1.46
C GLU C 399 -19.61 18.75 2.17
N ALA C 400 -19.87 18.72 3.50
CA ALA C 400 -20.24 19.88 4.31
C ALA C 400 -19.33 21.12 4.16
N PRO C 401 -17.97 21.04 4.14
CA PRO C 401 -17.12 22.22 3.93
C PRO C 401 -17.25 22.88 2.55
N SER C 402 -17.37 22.05 1.49
CA SER C 402 -17.70 22.50 0.14
C SER C 402 -19.03 23.25 0.11
N ARG C 403 -20.07 22.71 0.78
CA ARG C 403 -21.38 23.36 0.91
C ARG C 403 -21.30 24.69 1.65
N LYS C 404 -20.47 24.77 2.72
CA LYS C 404 -20.31 25.98 3.52
C LYS C 404 -19.58 27.07 2.73
N ALA C 405 -18.48 26.72 2.05
CA ALA C 405 -17.70 27.64 1.22
C ALA C 405 -18.53 28.23 0.08
N GLN C 406 -19.36 27.40 -0.58
CA GLN C 406 -20.22 27.81 -1.69
C GLN C 406 -21.32 28.79 -1.24
N ALA C 407 -21.83 28.64 0.01
CA ALA C 407 -22.77 29.59 0.61
C ALA C 407 -22.11 30.95 0.89
N LEU C 408 -20.87 30.96 1.40
CA LEU C 408 -20.09 32.18 1.61
C LEU C 408 -19.77 32.91 0.30
N PHE C 409 -19.42 32.15 -0.76
CA PHE C 409 -19.16 32.68 -2.09
C PHE C 409 -20.41 33.31 -2.72
N ALA C 410 -21.54 32.59 -2.69
CA ALA C 410 -22.82 33.02 -3.27
C ALA C 410 -23.36 34.31 -2.64
N SER C 411 -23.31 34.41 -1.30
CA SER C 411 -23.76 35.59 -0.58
C SER C 411 -22.82 36.80 -0.71
N GLY C 412 -21.56 36.61 -1.16
CA GLY C 412 -20.62 37.69 -1.44
C GLY C 412 -19.55 37.92 -0.36
N ALA C 413 -19.49 37.08 0.69
CA ALA C 413 -18.46 37.14 1.72
C ALA C 413 -17.19 36.46 1.19
N TYR C 414 -16.39 37.21 0.42
CA TYR C 414 -15.28 36.68 -0.35
C TYR C 414 -14.08 36.34 0.53
N GLN C 415 -13.77 37.16 1.54
CA GLN C 415 -12.70 36.93 2.50
C GLN C 415 -12.95 35.64 3.29
N ASP C 416 -14.18 35.44 3.79
CA ASP C 416 -14.58 34.24 4.52
C ASP C 416 -14.60 32.98 3.65
N TYR C 417 -14.87 33.11 2.32
CA TYR C 417 -14.73 32.02 1.36
C TYR C 417 -13.29 31.50 1.30
N LEU C 418 -12.31 32.41 1.14
CA LEU C 418 -10.88 32.06 1.13
C LEU C 418 -10.46 31.40 2.44
N PHE C 419 -10.89 31.98 3.58
CA PHE C 419 -10.53 31.48 4.90
C PHE C 419 -11.05 30.06 5.13
N VAL C 420 -12.34 29.81 4.85
CA VAL C 420 -13.00 28.53 5.07
C VAL C 420 -12.46 27.46 4.12
N HIS C 421 -12.17 27.80 2.86
CA HIS C 421 -11.58 26.88 1.89
C HIS C 421 -10.21 26.37 2.37
N GLY C 422 -9.31 27.32 2.69
CA GLY C 422 -7.95 27.03 3.15
C GLY C 422 -7.90 26.22 4.44
N PHE C 423 -8.73 26.61 5.41
CA PHE C 423 -8.95 25.88 6.66
C PHE C 423 -9.40 24.43 6.41
N SER C 424 -10.39 24.24 5.52
CA SER C 424 -10.89 22.92 5.13
C SER C 424 -9.82 22.05 4.45
N VAL C 425 -8.95 22.64 3.61
CA VAL C 425 -7.85 21.96 2.95
C VAL C 425 -6.84 21.46 4.01
N GLU C 426 -6.38 22.36 4.90
CA GLU C 426 -5.33 22.04 5.86
C GLU C 426 -5.82 21.20 7.05
N MET C 427 -7.11 21.24 7.40
CA MET C 427 -7.69 20.33 8.37
C MET C 427 -7.83 18.90 7.82
N THR C 428 -8.08 18.71 6.51
CA THR C 428 -8.08 17.41 5.84
C THR C 428 -6.67 16.79 5.82
N GLU C 429 -5.65 17.61 5.49
CA GLU C 429 -4.25 17.21 5.57
C GLU C 429 -3.83 16.91 7.01
N ALA C 430 -4.32 17.69 7.99
CA ALA C 430 -4.10 17.44 9.42
C ALA C 430 -4.66 16.08 9.83
N LEU C 431 -5.91 15.77 9.41
CA LEU C 431 -6.56 14.47 9.60
C LEU C 431 -5.77 13.32 8.99
N ALA C 432 -5.15 13.52 7.80
CA ALA C 432 -4.25 12.55 7.20
C ALA C 432 -2.99 12.33 8.04
N GLU C 433 -2.42 13.43 8.59
CA GLU C 433 -1.24 13.38 9.45
C GLU C 433 -1.55 12.65 10.77
N TYR C 434 -2.67 13.03 11.43
CA TYR C 434 -3.14 12.40 12.65
C TYR C 434 -3.40 10.91 12.46
N TRP C 435 -4.12 10.52 11.39
CA TRP C 435 -4.46 9.13 11.17
C TRP C 435 -3.22 8.28 10.81
N HIS C 436 -2.24 8.85 10.09
CA HIS C 436 -0.96 8.19 9.87
C HIS C 436 -0.30 7.78 11.19
N LYS C 437 -0.29 8.69 12.18
CA LYS C 437 0.16 8.41 13.54
C LYS C 437 -0.63 7.26 14.16
N ARG C 438 -1.97 7.27 14.01
CA ARG C 438 -2.84 6.20 14.51
C ARG C 438 -2.57 4.86 13.83
N MET C 439 -2.31 4.86 12.51
CA MET C 439 -1.93 3.66 11.77
C MET C 439 -0.62 3.08 12.32
N ARG C 440 0.38 3.95 12.62
CA ARG C 440 1.65 3.53 13.20
C ARG C 440 1.47 2.89 14.58
N GLN C 441 0.58 3.45 15.42
CA GLN C 441 0.29 2.94 16.77
C GLN C 441 -0.38 1.56 16.70
N MET C 442 -1.42 1.43 15.86
CA MET C 442 -2.06 0.17 15.56
C MET C 442 -1.08 -0.89 15.04
N TRP C 443 -0.18 -0.49 14.11
CA TRP C 443 0.72 -1.42 13.42
C TRP C 443 1.86 -1.87 14.34
N GLY C 444 2.18 -1.13 15.42
CA GLY C 444 3.26 -1.44 16.34
C GLY C 444 4.59 -0.78 15.99
N ILE C 445 4.57 0.29 15.17
CA ILE C 445 5.77 0.98 14.68
C ILE C 445 5.82 2.44 15.17
N ALA C 446 5.02 2.81 16.19
CA ALA C 446 4.91 4.20 16.67
C ALA C 446 5.95 4.55 17.72
N HIS C 447 6.71 3.58 18.28
CA HIS C 447 7.50 3.81 19.49
C HIS C 447 8.77 4.65 19.25
N GLN C 448 9.11 4.96 17.98
CA GLN C 448 10.13 5.95 17.60
C GLN C 448 9.53 7.32 17.23
N ASP C 449 8.23 7.60 17.48
CA ASP C 449 7.59 8.87 17.13
C ASP C 449 8.03 9.98 18.09
N ALA C 450 7.85 11.23 17.65
CA ALA C 450 8.15 12.43 18.42
C ALA C 450 7.00 12.74 19.37
N THR C 451 7.34 13.25 20.57
CA THR C 451 6.38 13.76 21.55
C THR C 451 5.68 15.04 21.05
N GLU C 452 6.37 15.88 20.24
CA GLU C 452 5.83 17.13 19.69
C GLU C 452 5.47 16.96 18.20
N ILE C 453 4.58 17.86 17.71
CA ILE C 453 3.89 17.74 16.44
C ILE C 453 4.67 18.43 15.30
N GLN C 454 5.50 19.45 15.60
CA GLN C 454 6.37 20.09 14.61
C GLN C 454 7.39 19.12 14.01
N LYS C 455 7.90 18.15 14.80
CA LYS C 455 8.77 17.08 14.32
C LYS C 455 8.07 16.08 13.38
N LEU C 456 6.74 15.85 13.52
CA LEU C 456 6.00 14.92 12.68
C LEU C 456 5.91 15.35 11.20
N PHE C 457 6.09 16.64 10.87
CA PHE C 457 6.13 17.11 9.48
C PHE C 457 7.48 16.76 8.84
N GLN C 458 7.46 16.04 7.68
CA GLN C 458 8.58 15.31 7.05
C GLN C 458 8.69 13.92 7.70
N GLN C 459 9.90 13.40 8.06
CA GLN C 459 10.07 12.17 8.84
C GLN C 459 9.88 12.50 10.33
N GLY C 460 10.63 11.88 11.26
CA GLY C 460 10.34 11.82 12.68
C GLY C 460 9.52 10.60 13.13
N TYR C 461 9.38 9.58 12.25
CA TYR C 461 8.65 8.37 12.53
C TYR C 461 9.14 7.24 11.63
N GLN C 462 8.73 6.00 11.95
CA GLN C 462 9.03 4.83 11.11
C GLN C 462 8.12 4.85 9.89
N GLY C 463 8.72 4.73 8.68
CA GLY C 463 7.98 4.61 7.45
C GLY C 463 7.55 5.94 6.86
N ALA C 464 6.61 5.86 5.90
CA ALA C 464 6.13 7.02 5.17
C ALA C 464 4.74 6.79 4.59
N ARG C 465 4.09 7.91 4.23
CA ARG C 465 2.76 7.99 3.65
C ARG C 465 2.92 8.59 2.24
N TYR C 466 2.43 7.88 1.22
CA TYR C 466 2.50 8.31 -0.17
C TYR C 466 1.10 8.43 -0.73
N SER C 467 0.67 9.68 -0.99
CA SER C 467 -0.59 10.03 -1.59
C SER C 467 -0.43 10.02 -3.10
N PHE C 468 -1.51 9.64 -3.82
CA PHE C 468 -1.49 9.54 -5.27
C PHE C 468 -1.54 10.95 -5.83
N GLY C 469 -0.68 11.25 -6.84
CA GLY C 469 -0.40 12.60 -7.30
C GLY C 469 0.89 13.23 -6.77
N TYR C 470 1.49 12.68 -5.68
CA TYR C 470 2.85 13.03 -5.26
C TYR C 470 3.88 12.53 -6.29
N PRO C 471 5.12 13.11 -6.34
CA PRO C 471 6.18 12.64 -7.26
C PRO C 471 6.52 11.14 -7.29
N ALA C 472 6.48 10.49 -6.12
CA ALA C 472 6.83 9.08 -5.99
C ALA C 472 5.75 8.12 -6.53
N CYS C 473 4.47 8.55 -6.58
CA CYS C 473 3.38 7.80 -7.21
C CYS C 473 2.42 8.81 -7.85
N PRO C 474 2.77 9.41 -9.01
CA PRO C 474 2.00 10.52 -9.59
C PRO C 474 0.73 10.19 -10.39
N ASP C 475 0.57 8.92 -10.81
CA ASP C 475 -0.55 8.47 -11.62
C ASP C 475 -1.81 8.40 -10.76
N LEU C 476 -2.77 9.30 -11.04
CA LEU C 476 -4.01 9.40 -10.27
C LEU C 476 -4.96 8.24 -10.62
N ALA C 477 -4.78 7.57 -11.77
CA ALA C 477 -5.45 6.33 -12.16
C ALA C 477 -5.35 5.22 -11.10
N ASP C 478 -4.22 5.13 -10.40
CA ASP C 478 -3.98 4.11 -9.38
C ASP C 478 -4.92 4.21 -8.17
N GLN C 479 -5.56 5.38 -7.94
CA GLN C 479 -6.65 5.51 -6.98
C GLN C 479 -7.85 4.60 -7.25
N ALA C 480 -8.14 4.29 -8.53
CA ALA C 480 -9.20 3.36 -8.92
C ALA C 480 -9.02 1.97 -8.31
N LYS C 481 -7.77 1.48 -8.25
CA LYS C 481 -7.43 0.19 -7.67
C LYS C 481 -7.69 0.20 -6.16
N LEU C 482 -7.29 1.30 -5.49
CA LEU C 482 -7.54 1.53 -4.07
C LEU C 482 -9.06 1.58 -3.77
N ASP C 483 -9.87 2.18 -4.68
CA ASP C 483 -11.32 2.22 -4.56
C ASP C 483 -11.95 0.82 -4.65
N ARG C 484 -11.52 0.00 -5.62
CA ARG C 484 -11.95 -1.39 -5.74
C ARG C 484 -11.59 -2.23 -4.50
N LEU C 485 -10.41 -2.01 -3.90
CA LEU C 485 -10.00 -2.67 -2.66
C LEU C 485 -10.86 -2.22 -1.47
N MET C 486 -11.03 -0.91 -1.27
CA MET C 486 -11.54 -0.31 -0.05
C MET C 486 -13.05 -0.03 -0.11
N GLY C 487 -13.52 0.56 -1.22
CA GLY C 487 -14.89 1.05 -1.36
C GLY C 487 -15.03 2.47 -0.80
N PHE C 488 -14.61 3.47 -1.60
CA PHE C 488 -14.60 4.89 -1.23
C PHE C 488 -15.99 5.44 -0.89
N HIS C 489 -17.04 4.91 -1.54
CA HIS C 489 -18.45 5.18 -1.24
C HIS C 489 -18.85 5.07 0.24
N ARG C 490 -18.17 4.18 1.00
CA ARG C 490 -18.39 3.94 2.44
C ARG C 490 -18.21 5.19 3.31
N VAL C 491 -17.38 6.19 2.88
CA VAL C 491 -17.21 7.47 3.55
C VAL C 491 -17.63 8.64 2.63
N GLY C 492 -18.60 8.41 1.72
CA GLY C 492 -19.14 9.43 0.84
C GLY C 492 -18.21 9.97 -0.25
N VAL C 493 -17.11 9.26 -0.60
CA VAL C 493 -16.11 9.70 -1.58
C VAL C 493 -16.30 8.92 -2.89
N ARG C 494 -16.16 9.59 -4.04
CA ARG C 494 -16.21 8.99 -5.37
C ARG C 494 -15.02 9.47 -6.21
N LEU C 495 -14.70 8.73 -7.29
CA LEU C 495 -13.73 9.12 -8.31
C LEU C 495 -14.46 9.68 -9.53
N THR C 496 -13.93 10.78 -10.10
CA THR C 496 -14.40 11.38 -11.34
C THR C 496 -13.80 10.64 -12.54
N GLU C 497 -14.16 11.08 -13.76
CA GLU C 497 -13.57 10.65 -15.03
C GLU C 497 -12.06 10.91 -15.13
N ASN C 498 -11.53 11.95 -14.43
CA ASN C 498 -10.09 12.23 -14.29
C ASN C 498 -9.47 11.65 -13.01
N PHE C 499 -10.17 10.76 -12.27
CA PHE C 499 -9.71 10.06 -11.07
C PHE C 499 -9.37 11.00 -9.91
N GLN C 500 -10.01 12.18 -9.82
CA GLN C 500 -9.92 13.06 -8.66
C GLN C 500 -10.99 12.67 -7.66
N LEU C 501 -10.73 12.90 -6.36
CA LEU C 501 -11.67 12.57 -5.30
C LEU C 501 -12.71 13.68 -5.20
N GLU C 502 -13.99 13.27 -5.22
CA GLU C 502 -15.17 14.12 -5.02
C GLU C 502 -15.84 13.67 -3.72
N PRO C 503 -16.07 14.51 -2.66
CA PRO C 503 -15.71 15.94 -2.63
C PRO C 503 -14.20 16.16 -2.49
N GLU C 504 -13.77 17.41 -2.78
CA GLU C 504 -12.36 17.75 -2.91
C GLU C 504 -11.61 17.66 -1.57
N HIS C 505 -12.30 17.90 -0.42
CA HIS C 505 -11.72 17.83 0.90
C HIS C 505 -11.62 16.34 1.28
N ALA C 506 -10.65 15.66 0.64
CA ALA C 506 -10.49 14.22 0.72
C ALA C 506 -9.15 13.83 0.09
N THR C 507 -8.39 12.94 0.74
CA THR C 507 -7.10 12.47 0.23
C THR C 507 -6.86 11.03 0.69
N SER C 508 -6.31 10.19 -0.22
CA SER C 508 -5.92 8.83 0.05
C SER C 508 -4.40 8.70 0.05
N ALA C 509 -3.91 7.69 0.77
CA ALA C 509 -2.49 7.37 0.78
C ALA C 509 -2.25 5.87 0.98
N LEU C 510 -1.11 5.41 0.46
CA LEU C 510 -0.46 4.18 0.88
C LEU C 510 0.41 4.48 2.09
N VAL C 511 0.37 3.58 3.10
CA VAL C 511 1.14 3.71 4.34
C VAL C 511 2.14 2.55 4.36
N VAL C 512 3.43 2.90 4.43
CA VAL C 512 4.57 2.01 4.23
C VAL C 512 5.26 1.90 5.60
N HIS C 513 5.45 0.68 6.12
CA HIS C 513 6.11 0.43 7.40
C HIS C 513 7.64 0.54 7.33
N HIS C 514 8.27 0.44 6.14
CA HIS C 514 9.72 0.24 6.01
C HIS C 514 10.48 1.40 6.65
N PRO C 515 11.43 1.19 7.62
CA PRO C 515 12.15 2.30 8.27
C PRO C 515 12.99 3.24 7.40
N GLU C 516 13.44 2.75 6.23
CA GLU C 516 14.20 3.52 5.24
C GLU C 516 13.30 4.30 4.27
N ALA C 517 11.96 4.28 4.43
CA ALA C 517 11.04 4.97 3.52
C ALA C 517 11.10 6.50 3.72
N ARG C 518 11.00 7.24 2.60
CA ARG C 518 11.23 8.69 2.56
C ARG C 518 10.60 9.32 1.32
N TYR C 519 10.50 10.65 1.34
CA TYR C 519 9.95 11.43 0.23
C TYR C 519 11.05 11.64 -0.81
N PHE C 520 10.74 11.41 -2.10
CA PHE C 520 11.67 11.58 -3.21
C PHE C 520 10.89 11.98 -4.48
N SER C 521 11.57 12.67 -5.42
CA SER C 521 11.06 12.94 -6.77
C SER C 521 11.67 11.98 -7.79
N VAL C 522 11.03 11.90 -8.98
CA VAL C 522 11.52 11.14 -10.13
C VAL C 522 12.59 11.93 -10.91
N ASP C 523 12.34 13.23 -11.13
CA ASP C 523 13.23 14.13 -11.87
C ASP C 523 14.49 14.45 -11.05
#